data_3OL8
#
_entry.id   3OL8
#
_cell.length_a   60.779
_cell.length_b   60.863
_cell.length_c   193.078
_cell.angle_alpha   83.06
_cell.angle_beta   83.04
_cell.angle_gamma   76.81
#
_symmetry.space_group_name_H-M   'P 1'
#
loop_
_entity.id
_entity.type
_entity.pdbx_description
1 polymer Polymerase
2 polymer "RNA (5'-R(*AP*AP*GP*UP*CP*UP*CP*CP*AP*GP*GP*UP*CP*UP*CP*UP*CP*GP*UP*CP*CP*GP*GP*AP*AP*A)-3')"
3 polymer "RNA (5'-R(*GP*CP*CP*CP*GP*GP*AP*CP*GP*AP*GP*AP*GP*AP*C)-3')"
4 polymer "RNA (5'-R(*GP*GP*GP*AP*GP*AP*UP*GP*A)-3')"
5 non-polymer 'ZINC ION'
6 non-polymer 'MANGANESE (II) ION'
7 non-polymer 'PYROPHOSPHATE 2-'
8 non-polymer 'ISOPROPYL ALCOHOL'
9 non-polymer GLYCEROL
10 water water
#
loop_
_entity_poly.entity_id
_entity_poly.type
_entity_poly.pdbx_seq_one_letter_code
_entity_poly.pdbx_strand_id
1 'polypeptide(L)'
;GEIQWMRPSKEVGYPIINAPSKTKLEPSAFHYVFEGVKEPAVLTKNDPRLKTDFEEAIFSKYVGNKITEVDEYMKEAVDH
YAGQLMSLDINTEQMCLEDAMYGTDGLEALDLSTSAGYPYVAMGKKKRDILNKQTRDTKEMQKLLDTYGINLPLVTYVKD
ELRSKTKVEQGKSRLIEASSLNDSVAMRMAFGNLYAAFHKNPGVITGSAVGCDPDLFWSKIPVLMEEKLFAFDYTGYDAS
LSPAWFEALKMVLEKIGFGDRVDYIDYLNHSHHLYKNKTYCVKGGMPSGCSGTSIFNSMINNLIIRTLLLKTYKGIDLDH
LKMIAYGDDVIASYPHEVDASLLAQSGKDYGLTMTPADKSATFETVTWENVTFLKRFFRADEKYPFLIHPVMPMKEIHES
IRWTKDPRNTQDHVRSLCLLAWHNGEEEYNKFLAKIRSVPIGRALDLPEYSTLYRRWLDSFGSSSHHHHHH
;
A,E,I,M
2 'polyribonucleotide' AAGUCUCCAGGUCUCUCGUCCGGAAA B,F,J,N
3 'polyribonucleotide' GCCCGGACGAGAGAC C,G,K,O
4 'polyribonucleotide' GGGAGAUGA D,H,L,P
#
loop_
_chem_comp.id
_chem_comp.type
_chem_comp.name
_chem_comp.formula
A RNA linking ADENOSINE-5'-MONOPHOSPHATE 'C10 H14 N5 O7 P'
C RNA linking CYTIDINE-5'-MONOPHOSPHATE 'C9 H14 N3 O8 P'
G RNA linking GUANOSINE-5'-MONOPHOSPHATE 'C10 H14 N5 O8 P'
GOL non-polymer GLYCEROL 'C3 H8 O3'
IPA non-polymer 'ISOPROPYL ALCOHOL' 'C3 H8 O'
MN non-polymer 'MANGANESE (II) ION' 'Mn 2'
POP non-polymer 'PYROPHOSPHATE 2-' 'H2 O7 P2 -2'
U RNA linking URIDINE-5'-MONOPHOSPHATE 'C9 H13 N2 O9 P'
ZN non-polymer 'ZINC ION' 'Zn 2'
#
# COMPACT_ATOMS: atom_id res chain seq x y z
N GLY A 1 -60.79 52.09 62.95
CA GLY A 1 -59.86 52.36 64.04
C GLY A 1 -59.95 53.78 64.57
N GLU A 2 -59.66 53.95 65.86
CA GLU A 2 -59.83 55.24 66.49
C GLU A 2 -58.94 55.49 67.69
N ILE A 3 -58.34 56.68 67.75
CA ILE A 3 -57.43 57.06 68.83
C ILE A 3 -58.20 57.41 70.10
N GLN A 4 -57.77 56.81 71.21
CA GLN A 4 -58.46 56.94 72.48
C GLN A 4 -57.85 58.02 73.37
N TRP A 5 -56.55 58.25 73.25
CA TRP A 5 -55.94 59.31 74.04
C TRP A 5 -54.46 59.54 73.76
N MET A 6 -54.10 60.79 73.55
CA MET A 6 -52.70 61.16 73.45
C MET A 6 -52.29 61.97 74.65
N ARG A 7 -51.23 61.56 75.32
CA ARG A 7 -50.75 62.32 76.47
C ARG A 7 -49.24 62.25 76.49
N PRO A 8 -48.59 63.30 77.00
CA PRO A 8 -47.13 63.21 77.10
C PRO A 8 -46.76 61.87 77.70
N SER A 9 -45.73 61.24 77.15
CA SER A 9 -45.41 59.89 77.55
C SER A 9 -44.65 59.98 78.85
N LYS A 10 -44.36 61.22 79.25
CA LYS A 10 -43.76 61.50 80.56
C LYS A 10 -44.69 61.09 81.70
N GLU A 11 -45.97 61.37 81.50
CA GLU A 11 -47.01 61.14 82.51
C GLU A 11 -47.33 59.68 82.76
N VAL A 12 -46.85 58.80 81.88
CA VAL A 12 -47.28 57.40 81.88
C VAL A 12 -46.10 56.44 82.19
N GLY A 13 -44.93 57.02 82.44
CA GLY A 13 -43.74 56.24 82.69
C GLY A 13 -43.05 55.64 81.47
N TYR A 14 -43.29 56.25 80.29
CA TYR A 14 -42.66 55.79 79.04
C TYR A 14 -41.58 56.78 78.52
N PRO A 15 -40.52 56.25 77.90
CA PRO A 15 -39.44 57.17 77.49
C PRO A 15 -39.81 57.94 76.24
N ILE A 16 -39.13 59.06 76.03
CA ILE A 16 -39.22 59.78 74.78
C ILE A 16 -38.37 59.02 73.78
N ILE A 17 -38.99 58.63 72.68
CA ILE A 17 -38.29 57.97 71.58
C ILE A 17 -38.21 58.92 70.40
N ASN A 18 -36.99 59.23 69.96
CA ASN A 18 -36.86 60.14 68.84
C ASN A 18 -36.24 59.49 67.59
N ALA A 19 -37.06 59.38 66.56
CA ALA A 19 -36.67 58.74 65.31
C ALA A 19 -35.84 59.71 64.47
N PRO A 20 -35.27 59.22 63.37
CA PRO A 20 -34.50 60.08 62.47
C PRO A 20 -35.40 61.04 61.71
N SER A 21 -34.85 62.20 61.37
CA SER A 21 -35.64 63.24 60.71
C SER A 21 -35.18 63.46 59.29
N LYS A 22 -34.34 62.55 58.79
CA LYS A 22 -33.81 62.72 57.44
C LYS A 22 -34.04 61.52 56.53
N THR A 23 -34.40 61.82 55.30
CA THR A 23 -34.54 60.80 54.28
C THR A 23 -33.19 60.15 54.03
N LYS A 24 -33.21 58.87 53.68
CA LYS A 24 -31.99 58.19 53.30
C LYS A 24 -31.89 58.13 51.78
N LEU A 25 -32.91 58.69 51.11
CA LEU A 25 -33.02 58.67 49.67
C LEU A 25 -32.38 59.90 48.99
N GLU A 26 -31.16 59.73 48.48
CA GLU A 26 -30.52 60.73 47.61
C GLU A 26 -30.82 60.40 46.12
N PRO A 27 -30.78 61.39 45.23
CA PRO A 27 -31.15 61.12 43.85
C PRO A 27 -30.09 60.32 43.10
N SER A 28 -30.56 59.56 42.11
CA SER A 28 -29.77 58.53 41.45
C SER A 28 -29.00 59.12 40.29
N ALA A 29 -27.96 58.43 39.85
CA ALA A 29 -27.28 58.81 38.60
C ALA A 29 -28.32 58.98 37.48
N PHE A 30 -29.40 58.20 37.53
CA PHE A 30 -30.38 58.20 36.46
C PHE A 30 -31.51 59.16 36.75
N HIS A 31 -31.21 60.20 37.51
CA HIS A 31 -32.24 61.11 37.97
C HIS A 31 -32.81 61.95 36.82
N TYR A 32 -31.94 62.33 35.88
CA TYR A 32 -32.37 63.22 34.79
C TYR A 32 -32.61 62.51 33.45
N VAL A 33 -31.99 61.34 33.30
CA VAL A 33 -32.25 60.44 32.19
C VAL A 33 -33.73 60.12 32.09
N PHE A 34 -34.28 59.60 33.20
CA PHE A 34 -35.69 59.20 33.28
C PHE A 34 -36.47 60.26 34.04
N GLU A 35 -37.79 60.30 33.83
CA GLU A 35 -38.63 61.26 34.55
C GLU A 35 -39.41 60.62 35.69
N GLY A 36 -40.08 61.43 36.51
CA GLY A 36 -40.91 60.90 37.58
C GLY A 36 -41.46 61.95 38.54
N VAL A 37 -42.63 61.67 39.12
CA VAL A 37 -43.29 62.61 40.02
C VAL A 37 -43.06 62.32 41.52
N LYS A 38 -42.25 61.33 41.85
CA LYS A 38 -42.12 60.93 43.26
C LYS A 38 -40.92 61.48 44.01
N GLU A 39 -41.17 61.98 45.20
CA GLU A 39 -40.11 62.49 46.08
C GLU A 39 -40.19 61.71 47.38
N PRO A 40 -39.13 61.76 48.21
CA PRO A 40 -39.24 61.15 49.54
C PRO A 40 -40.38 61.74 50.34
N ALA A 41 -40.99 60.97 51.24
CA ALA A 41 -42.15 61.44 51.97
C ALA A 41 -41.75 62.37 53.10
N VAL A 42 -42.69 63.19 53.57
CA VAL A 42 -42.47 64.04 54.73
C VAL A 42 -42.17 63.21 55.99
N LEU A 43 -41.05 63.49 56.64
CA LEU A 43 -40.70 62.76 57.84
C LEU A 43 -41.04 63.55 59.11
N THR A 44 -40.88 64.87 59.05
CA THR A 44 -41.07 65.75 60.22
C THR A 44 -42.05 66.88 59.90
N LYS A 45 -42.49 67.58 60.95
CA LYS A 45 -43.39 68.75 60.81
C LYS A 45 -42.70 69.91 60.08
N ASN A 46 -41.41 70.08 60.33
CA ASN A 46 -40.68 71.18 59.73
C ASN A 46 -40.23 70.91 58.29
N ASP A 47 -41.15 70.40 57.48
CA ASP A 47 -40.83 70.08 56.09
C ASP A 47 -41.42 71.16 55.20
N PRO A 48 -40.55 71.88 54.48
CA PRO A 48 -40.96 73.00 53.62
C PRO A 48 -42.07 72.65 52.62
N ARG A 49 -42.02 71.46 52.06
CA ARG A 49 -42.97 71.06 51.02
C ARG A 49 -44.35 70.77 51.57
N LEU A 50 -44.52 70.91 52.88
CA LEU A 50 -45.82 70.66 53.49
C LEU A 50 -46.79 71.80 53.24
N LYS A 51 -47.99 71.45 52.80
CA LYS A 51 -49.09 72.40 52.69
C LYS A 51 -50.21 72.10 53.68
N THR A 52 -49.87 71.50 54.82
CA THR A 52 -50.83 71.15 55.88
C THR A 52 -50.11 70.79 57.19
N ASP A 53 -50.85 70.77 58.31
CA ASP A 53 -50.30 70.28 59.57
C ASP A 53 -50.00 68.80 59.48
N PHE A 54 -48.73 68.45 59.66
CA PHE A 54 -48.24 67.07 59.54
C PHE A 54 -48.97 66.12 60.47
N GLU A 55 -48.73 66.27 61.77
CA GLU A 55 -49.19 65.30 62.74
C GLU A 55 -50.69 65.02 62.64
N GLU A 56 -51.44 65.97 62.08
CA GLU A 56 -52.87 65.81 61.87
C GLU A 56 -53.12 65.01 60.60
N ALA A 57 -52.16 65.06 59.70
CA ALA A 57 -52.29 64.35 58.45
C ALA A 57 -51.94 62.87 58.63
N ILE A 58 -50.84 62.57 59.31
CA ILE A 58 -50.47 61.18 59.51
C ILE A 58 -51.52 60.40 60.28
N PHE A 59 -52.05 60.99 61.36
CA PHE A 59 -53.05 60.29 62.17
C PHE A 59 -54.45 60.45 61.59
N SER A 60 -54.53 61.18 60.48
CA SER A 60 -55.79 61.42 59.80
C SER A 60 -56.52 60.13 59.51
N LYS A 61 -55.77 59.05 59.29
CA LYS A 61 -56.37 57.80 58.84
C LYS A 61 -57.28 57.13 59.86
N TYR A 62 -57.18 57.52 61.13
CA TYR A 62 -58.05 56.91 62.13
C TYR A 62 -59.44 57.51 62.06
N VAL A 63 -60.26 56.94 61.18
CA VAL A 63 -61.56 57.49 60.83
C VAL A 63 -62.72 57.07 61.78
N GLY A 64 -62.40 56.24 62.78
CA GLY A 64 -63.38 55.77 63.75
C GLY A 64 -63.80 54.31 63.60
N ASN A 65 -64.68 53.84 64.48
CA ASN A 65 -65.19 52.49 64.38
C ASN A 65 -66.66 52.46 64.05
N LYS A 66 -67.00 52.13 62.81
CA LYS A 66 -68.39 52.05 62.40
C LYS A 66 -69.12 50.98 63.20
N ILE A 67 -68.62 49.74 63.16
CA ILE A 67 -69.33 48.65 63.80
C ILE A 67 -68.50 47.97 64.86
N THR A 68 -69.14 47.13 65.67
CA THR A 68 -68.44 46.49 66.78
C THR A 68 -69.08 45.15 67.02
N GLU A 69 -70.11 44.89 66.25
CA GLU A 69 -70.88 43.65 66.36
C GLU A 69 -70.87 42.87 65.05
N VAL A 70 -70.30 41.68 65.12
CA VAL A 70 -70.39 40.73 64.02
C VAL A 70 -71.84 40.45 63.65
N ASP A 71 -72.33 41.02 62.54
CA ASP A 71 -73.71 40.76 62.11
C ASP A 71 -73.90 39.38 61.47
N GLU A 72 -75.16 39.03 61.18
CA GLU A 72 -75.48 37.73 60.61
C GLU A 72 -74.60 37.36 59.37
N TYR A 73 -74.42 38.31 58.45
CA TYR A 73 -73.65 38.07 57.22
C TYR A 73 -72.18 37.85 57.51
N MET A 74 -71.62 38.65 58.43
CA MET A 74 -70.25 38.44 58.87
C MET A 74 -70.10 37.00 59.37
N LYS A 75 -71.18 36.46 59.96
CA LYS A 75 -71.20 35.11 60.53
C LYS A 75 -71.23 33.99 59.51
N GLU A 76 -72.03 34.15 58.46
CA GLU A 76 -72.02 33.21 57.34
C GLU A 76 -70.64 33.26 56.64
N ALA A 77 -70.11 34.49 56.52
CA ALA A 77 -68.77 34.70 55.98
C ALA A 77 -67.73 33.91 56.77
N VAL A 78 -67.65 34.22 58.06
CA VAL A 78 -66.81 33.47 58.98
C VAL A 78 -66.99 31.97 58.77
N ASP A 79 -68.22 31.55 58.54
CA ASP A 79 -68.49 30.13 58.46
C ASP A 79 -67.84 29.57 57.22
N HIS A 80 -68.11 30.22 56.10
CA HIS A 80 -67.62 29.74 54.81
C HIS A 80 -66.08 29.84 54.65
N TYR A 81 -65.49 30.94 55.11
CA TYR A 81 -64.05 31.11 54.98
C TYR A 81 -63.31 30.03 55.77
N ALA A 82 -63.78 29.81 56.99
CA ALA A 82 -63.10 28.95 57.97
C ALA A 82 -63.26 27.51 57.56
N GLY A 83 -64.38 27.25 56.88
CA GLY A 83 -64.62 25.95 56.30
C GLY A 83 -63.62 25.66 55.20
N GLN A 84 -63.29 26.70 54.43
CA GLN A 84 -62.25 26.63 53.39
C GLN A 84 -60.91 26.20 53.97
N LEU A 85 -60.47 26.89 55.02
CA LEU A 85 -59.17 26.63 55.64
C LEU A 85 -59.09 25.25 56.33
N MET A 86 -60.23 24.62 56.57
CA MET A 86 -60.21 23.31 57.22
C MET A 86 -59.43 22.31 56.41
N SER A 87 -59.66 22.36 55.09
CA SER A 87 -59.04 21.45 54.13
C SER A 87 -57.52 21.48 54.16
N LEU A 88 -56.97 22.63 54.50
CA LEU A 88 -55.54 22.76 54.61
C LEU A 88 -54.92 21.86 55.69
N ASP A 89 -55.74 21.43 56.64
CA ASP A 89 -55.27 20.59 57.76
C ASP A 89 -54.17 21.28 58.57
N ILE A 90 -54.38 22.55 58.88
CA ILE A 90 -53.38 23.39 59.53
C ILE A 90 -53.00 22.94 60.94
N ASN A 91 -51.77 22.48 61.14
CA ASN A 91 -51.27 22.18 62.48
C ASN A 91 -51.63 23.31 63.45
N THR A 92 -52.24 22.97 64.58
CA THR A 92 -52.73 23.99 65.51
C THR A 92 -51.92 24.11 66.81
N GLU A 93 -50.75 23.48 66.86
CA GLU A 93 -49.94 23.52 68.08
C GLU A 93 -49.21 24.84 68.22
N GLN A 94 -48.87 25.19 69.46
CA GLN A 94 -47.89 26.23 69.67
C GLN A 94 -46.65 25.81 68.91
N MET A 95 -45.85 26.77 68.52
CA MET A 95 -44.57 26.51 67.91
C MET A 95 -43.50 26.75 68.97
N CYS A 96 -42.54 25.83 69.07
CA CYS A 96 -41.53 25.92 70.11
C CYS A 96 -40.82 27.26 70.00
N LEU A 97 -40.25 27.73 71.11
CA LEU A 97 -39.56 29.03 71.15
C LEU A 97 -38.38 29.10 70.18
N GLU A 98 -37.70 27.98 69.95
CA GLU A 98 -36.55 27.99 69.05
C GLU A 98 -36.95 28.30 67.61
N ASP A 99 -38.05 27.70 67.15
CA ASP A 99 -38.56 27.97 65.83
C ASP A 99 -39.18 29.35 65.74
N ALA A 100 -39.89 29.77 66.79
CA ALA A 100 -40.51 31.09 66.76
C ALA A 100 -39.38 32.07 66.57
N MET A 101 -38.25 31.79 67.20
CA MET A 101 -37.10 32.66 67.03
C MET A 101 -36.32 32.50 65.71
N TYR A 102 -35.91 31.28 65.39
CA TYR A 102 -34.91 31.09 64.35
C TYR A 102 -35.47 30.52 63.06
N GLY A 103 -36.78 30.36 63.02
CA GLY A 103 -37.44 29.91 61.80
C GLY A 103 -37.49 28.40 61.67
N THR A 104 -38.31 27.94 60.74
CA THR A 104 -38.59 26.53 60.48
C THR A 104 -39.21 26.45 59.10
N ASP A 105 -39.63 25.27 58.65
CA ASP A 105 -40.23 25.20 57.32
C ASP A 105 -41.51 26.04 57.24
N GLY A 106 -41.48 27.03 56.34
CA GLY A 106 -42.60 27.92 56.12
C GLY A 106 -42.55 29.25 56.85
N LEU A 107 -41.63 29.35 57.82
CA LEU A 107 -41.47 30.55 58.63
C LEU A 107 -40.01 30.91 58.66
N GLU A 108 -39.68 32.12 58.20
CA GLU A 108 -38.32 32.63 58.26
C GLU A 108 -37.89 32.91 59.69
N ALA A 109 -36.63 33.25 59.92
CA ALA A 109 -36.20 33.63 61.24
C ALA A 109 -36.50 35.10 61.40
N LEU A 110 -36.50 35.57 62.64
CA LEU A 110 -36.71 36.98 62.90
C LEU A 110 -35.63 37.77 62.18
N ASP A 111 -35.98 38.95 61.67
CA ASP A 111 -35.05 39.79 60.97
C ASP A 111 -34.06 40.45 61.91
N LEU A 112 -32.85 39.91 61.96
CA LEU A 112 -31.82 40.41 62.87
C LEU A 112 -31.28 41.79 62.52
N SER A 113 -31.90 42.46 61.56
CA SER A 113 -31.34 43.74 61.10
C SER A 113 -32.34 44.87 61.25
N THR A 114 -33.43 44.57 61.95
CA THR A 114 -34.45 45.54 62.27
C THR A 114 -34.55 45.54 63.78
N SER A 115 -35.11 46.60 64.38
CA SER A 115 -34.93 46.81 65.82
C SER A 115 -35.77 45.90 66.70
N ALA A 116 -35.41 45.82 67.97
CA ALA A 116 -36.18 45.01 68.92
C ALA A 116 -37.37 45.72 69.59
N GLY A 117 -37.66 46.94 69.16
CA GLY A 117 -38.82 47.66 69.67
C GLY A 117 -38.72 48.03 71.13
N TYR A 118 -39.86 48.33 71.75
CA TYR A 118 -39.88 48.63 73.18
C TYR A 118 -39.65 47.34 73.97
N PRO A 119 -38.86 47.38 75.06
CA PRO A 119 -38.14 48.53 75.62
C PRO A 119 -36.69 48.57 75.13
N TYR A 120 -36.23 47.47 74.53
CA TYR A 120 -34.84 47.34 74.08
C TYR A 120 -34.34 48.56 73.29
N VAL A 121 -35.28 49.20 72.61
CA VAL A 121 -34.98 50.32 71.74
C VAL A 121 -34.43 51.50 72.51
N ALA A 122 -34.90 51.66 73.74
CA ALA A 122 -34.48 52.78 74.56
C ALA A 122 -33.38 52.36 75.56
N MET A 123 -32.97 51.10 75.49
CA MET A 123 -31.88 50.59 76.32
C MET A 123 -30.61 50.47 75.49
N GLY A 124 -30.73 50.75 74.19
CA GLY A 124 -29.63 50.53 73.25
C GLY A 124 -29.29 49.05 73.14
N LYS A 125 -30.34 48.22 73.16
CA LYS A 125 -30.21 46.78 73.00
C LYS A 125 -30.79 46.39 71.61
N LYS A 126 -30.18 45.41 70.94
CA LYS A 126 -30.62 45.05 69.59
C LYS A 126 -30.82 43.56 69.45
N LYS A 127 -31.45 43.13 68.36
CA LYS A 127 -31.74 41.70 68.20
C LYS A 127 -30.48 40.84 68.18
N ARG A 128 -29.43 41.40 67.58
CA ARG A 128 -28.15 40.72 67.47
C ARG A 128 -27.57 40.35 68.84
N ASP A 129 -27.87 41.18 69.84
CA ASP A 129 -27.39 40.94 71.19
C ASP A 129 -28.10 39.75 71.82
N ILE A 130 -29.35 39.56 71.41
CA ILE A 130 -30.23 38.63 72.07
C ILE A 130 -30.26 37.31 71.32
N LEU A 131 -30.30 37.40 69.99
CA LEU A 131 -30.37 36.22 69.13
C LEU A 131 -29.02 35.81 68.53
N ASN A 132 -28.87 34.51 68.28
CA ASN A 132 -27.66 33.92 67.71
C ASN A 132 -28.05 32.81 66.73
N LYS A 133 -28.04 33.10 65.43
CA LYS A 133 -28.48 32.13 64.40
C LYS A 133 -27.67 30.84 64.32
N GLN A 134 -26.36 30.94 64.53
CA GLN A 134 -25.48 29.78 64.50
C GLN A 134 -25.89 28.79 65.58
N THR A 135 -26.04 29.31 66.79
CA THR A 135 -26.34 28.53 67.97
C THR A 135 -27.83 28.25 68.10
N ARG A 136 -28.67 29.07 67.49
CA ARG A 136 -30.10 29.01 67.76
C ARG A 136 -30.36 29.01 69.27
N ASP A 137 -29.76 29.96 69.97
CA ASP A 137 -29.84 30.00 71.43
C ASP A 137 -31.09 30.72 71.91
N THR A 138 -31.99 29.95 72.53
CA THR A 138 -33.24 30.50 73.01
C THR A 138 -33.19 30.94 74.48
N LYS A 139 -32.02 30.89 75.10
CA LYS A 139 -31.90 31.06 76.55
C LYS A 139 -32.07 32.51 77.01
N GLU A 140 -31.32 33.41 76.39
CA GLU A 140 -31.41 34.84 76.71
C GLU A 140 -32.74 35.51 76.28
N MET A 141 -33.43 34.90 75.31
CA MET A 141 -34.74 35.39 74.91
C MET A 141 -35.77 35.02 75.98
N GLN A 142 -35.66 33.81 76.51
CA GLN A 142 -36.56 33.33 77.56
C GLN A 142 -36.45 34.23 78.80
N LYS A 143 -35.24 34.40 79.30
CA LYS A 143 -34.94 35.36 80.36
C LYS A 143 -35.59 36.75 80.13
N LEU A 144 -35.54 37.24 78.89
CA LEU A 144 -36.17 38.51 78.53
C LEU A 144 -37.69 38.41 78.50
N LEU A 145 -38.19 37.24 78.16
CA LEU A 145 -39.61 36.97 78.14
C LEU A 145 -40.18 36.96 79.58
N ASP A 146 -39.49 36.27 80.47
CA ASP A 146 -39.82 36.27 81.88
C ASP A 146 -39.78 37.69 82.46
N THR A 147 -38.76 38.45 82.07
CA THR A 147 -38.54 39.77 82.66
C THR A 147 -39.52 40.85 82.23
N TYR A 148 -39.84 40.90 80.93
CA TYR A 148 -40.59 42.05 80.40
C TYR A 148 -41.98 41.68 79.93
N GLY A 149 -42.22 40.37 79.83
CA GLY A 149 -43.52 39.84 79.43
C GLY A 149 -43.94 40.25 78.02
N ILE A 150 -45.23 40.17 77.77
CA ILE A 150 -45.75 40.55 76.47
C ILE A 150 -46.76 41.70 76.60
N ASN A 151 -47.55 41.89 75.56
CA ASN A 151 -48.37 43.08 75.42
C ASN A 151 -47.66 44.44 75.64
N LEU A 152 -46.38 44.51 75.28
CA LEU A 152 -45.63 45.78 75.29
C LEU A 152 -46.15 46.76 74.22
N PRO A 153 -45.93 48.09 74.42
CA PRO A 153 -46.44 49.03 73.45
C PRO A 153 -45.59 49.02 72.17
N LEU A 154 -46.21 49.39 71.05
CA LEU A 154 -45.53 49.47 69.75
C LEU A 154 -44.98 50.88 69.54
N VAL A 155 -43.82 50.97 68.92
CA VAL A 155 -43.20 52.26 68.64
C VAL A 155 -43.49 52.73 67.23
N THR A 156 -44.29 53.79 67.14
CA THR A 156 -44.71 54.35 65.86
C THR A 156 -43.55 55.05 65.16
N TYR A 157 -43.48 54.87 63.83
CA TYR A 157 -42.41 55.42 63.00
C TYR A 157 -43.00 55.83 61.66
N VAL A 158 -42.50 56.92 61.08
CA VAL A 158 -42.89 57.25 59.70
C VAL A 158 -41.99 56.54 58.71
N LYS A 159 -42.61 55.87 57.74
CA LYS A 159 -41.85 55.09 56.78
C LYS A 159 -41.15 56.02 55.83
N ASP A 160 -39.84 55.82 55.70
CA ASP A 160 -39.03 56.56 54.75
C ASP A 160 -39.14 55.89 53.36
N GLU A 161 -39.97 56.45 52.49
CA GLU A 161 -40.26 55.84 51.18
C GLU A 161 -40.72 56.87 50.15
N LEU A 162 -40.72 56.51 48.87
CA LEU A 162 -41.08 57.45 47.82
C LEU A 162 -42.58 57.73 47.85
N ARG A 163 -42.93 58.98 47.62
CA ARG A 163 -44.32 59.42 47.70
C ARG A 163 -44.68 60.30 46.51
N SER A 164 -45.95 60.34 46.12
CA SER A 164 -46.42 61.27 45.09
C SER A 164 -46.29 62.72 45.55
N LYS A 165 -46.64 63.65 44.68
CA LYS A 165 -46.55 65.06 45.05
C LYS A 165 -47.65 65.44 46.05
N THR A 166 -48.89 65.06 45.77
CA THR A 166 -50.00 65.42 46.65
C THR A 166 -49.80 64.83 48.04
N LYS A 167 -49.11 63.70 48.07
CA LYS A 167 -48.84 62.98 49.31
C LYS A 167 -47.73 63.62 50.12
N VAL A 168 -46.87 64.38 49.46
CA VAL A 168 -45.83 65.11 50.16
C VAL A 168 -46.37 66.44 50.67
N GLU A 169 -47.16 67.11 49.83
CA GLU A 169 -47.73 68.40 50.16
C GLU A 169 -48.85 68.29 51.19
N GLN A 170 -49.54 67.15 51.21
CA GLN A 170 -50.61 66.93 52.19
C GLN A 170 -50.12 66.15 53.43
N GLY A 171 -48.80 66.05 53.55
CA GLY A 171 -48.21 65.30 54.64
C GLY A 171 -48.88 63.96 54.87
N LYS A 172 -49.26 63.27 53.80
CA LYS A 172 -49.84 61.93 53.93
C LYS A 172 -48.78 60.82 53.85
N SER A 173 -47.92 60.81 54.85
CA SER A 173 -46.86 59.82 54.97
C SER A 173 -47.40 58.59 55.64
N ARG A 174 -46.78 57.44 55.38
CA ARG A 174 -47.21 56.15 55.97
C ARG A 174 -46.47 55.85 57.28
N LEU A 175 -47.22 55.33 58.26
CA LEU A 175 -46.70 55.12 59.61
C LEU A 175 -46.65 53.64 59.93
N ILE A 176 -45.48 53.12 60.29
CA ILE A 176 -45.46 51.74 60.79
C ILE A 176 -45.39 51.62 62.32
N GLU A 177 -45.73 50.44 62.82
CA GLU A 177 -45.75 50.15 64.25
C GLU A 177 -44.65 49.14 64.55
N ALA A 178 -43.61 49.58 65.24
CA ALA A 178 -42.48 48.70 65.52
C ALA A 178 -42.78 47.72 66.68
N SER A 179 -43.29 46.55 66.33
CA SER A 179 -43.55 45.48 67.29
C SER A 179 -42.31 45.16 68.09
N SER A 180 -42.52 44.94 69.39
CA SER A 180 -41.48 44.57 70.32
C SER A 180 -41.00 43.16 69.99
N LEU A 181 -39.73 42.89 70.28
CA LEU A 181 -39.17 41.57 70.03
C LEU A 181 -39.87 40.50 70.87
N ASN A 182 -40.38 40.89 72.03
CA ASN A 182 -41.14 39.99 72.89
C ASN A 182 -42.46 39.52 72.29
N ASP A 183 -43.24 40.46 71.77
CA ASP A 183 -44.52 40.10 71.16
C ASP A 183 -44.35 39.34 69.83
N SER A 184 -43.37 39.75 69.00
CA SER A 184 -43.02 38.97 67.79
C SER A 184 -42.73 37.52 68.17
N VAL A 185 -41.92 37.32 69.20
CA VAL A 185 -41.70 35.97 69.69
C VAL A 185 -42.96 35.34 70.26
N ALA A 186 -43.74 36.12 71.03
CA ALA A 186 -44.95 35.54 71.61
C ALA A 186 -45.91 35.14 70.49
N MET A 187 -46.18 36.08 69.59
CA MET A 187 -47.12 35.88 68.48
C MET A 187 -46.74 34.73 67.56
N ARG A 188 -45.45 34.54 67.32
CA ARG A 188 -45.02 33.48 66.41
C ARG A 188 -45.08 32.10 67.04
N MET A 189 -44.91 32.02 68.36
CA MET A 189 -45.11 30.76 69.07
C MET A 189 -46.56 30.33 69.02
N ALA A 190 -47.46 31.30 69.08
CA ALA A 190 -48.89 31.03 69.03
C ALA A 190 -49.35 30.66 67.62
N PHE A 191 -48.85 31.40 66.64
CA PHE A 191 -49.48 31.46 65.34
C PHE A 191 -48.59 31.00 64.20
N GLY A 192 -47.32 30.69 64.51
CA GLY A 192 -46.32 30.27 63.54
C GLY A 192 -46.72 29.15 62.60
N ASN A 193 -47.43 28.16 63.13
CA ASN A 193 -47.95 27.08 62.29
C ASN A 193 -49.05 27.54 61.34
N LEU A 194 -49.74 28.61 61.68
CA LEU A 194 -50.72 29.20 60.77
C LEU A 194 -50.02 30.04 59.68
N TYR A 195 -49.10 30.93 60.08
CA TYR A 195 -48.29 31.67 59.13
C TYR A 195 -47.63 30.71 58.12
N ALA A 196 -47.09 29.59 58.57
CA ALA A 196 -46.42 28.69 57.64
C ALA A 196 -47.38 28.08 56.62
N ALA A 197 -48.55 27.61 57.07
CA ALA A 197 -49.56 27.04 56.19
C ALA A 197 -49.90 28.06 55.12
N PHE A 198 -50.02 29.33 55.53
CA PHE A 198 -50.35 30.36 54.56
C PHE A 198 -49.24 30.55 53.53
N HIS A 199 -48.02 30.73 54.03
CA HIS A 199 -46.86 30.81 53.17
C HIS A 199 -46.77 29.66 52.18
N LYS A 200 -47.06 28.44 52.62
CA LYS A 200 -46.96 27.29 51.73
C LYS A 200 -48.12 27.14 50.74
N ASN A 201 -49.15 27.97 50.85
CA ASN A 201 -50.35 27.75 50.05
C ASN A 201 -50.98 29.00 49.52
N PRO A 202 -50.24 29.76 48.72
CA PRO A 202 -50.88 30.86 47.98
C PRO A 202 -51.91 30.28 46.99
N GLY A 203 -53.01 30.97 46.81
CA GLY A 203 -54.08 30.46 45.99
C GLY A 203 -55.44 30.80 46.55
N VAL A 204 -56.47 30.10 46.05
CA VAL A 204 -57.87 30.40 46.35
C VAL A 204 -58.46 29.65 47.57
N ILE A 205 -57.69 28.74 48.16
CA ILE A 205 -58.12 28.02 49.36
C ILE A 205 -57.88 28.90 50.58
N THR A 206 -56.71 29.53 50.61
CA THR A 206 -56.35 30.47 51.66
C THR A 206 -56.84 31.90 51.37
N GLY A 207 -57.09 32.20 50.09
CA GLY A 207 -57.43 33.55 49.71
C GLY A 207 -56.26 34.51 49.82
N SER A 208 -55.03 33.98 49.77
CA SER A 208 -53.85 34.80 50.00
C SER A 208 -52.74 34.60 48.98
N ALA A 209 -52.05 35.69 48.66
CA ALA A 209 -50.91 35.63 47.76
C ALA A 209 -49.57 35.63 48.48
N VAL A 210 -49.58 35.85 49.80
CA VAL A 210 -48.34 35.82 50.56
C VAL A 210 -47.71 34.46 50.30
N GLY A 211 -46.45 34.45 49.90
CA GLY A 211 -45.81 33.21 49.55
C GLY A 211 -45.70 32.97 48.05
N CYS A 212 -46.33 33.82 47.22
CA CYS A 212 -46.27 33.65 45.75
C CYS A 212 -45.08 34.35 45.09
N ASP A 213 -44.82 33.94 43.85
CA ASP A 213 -43.77 34.51 43.04
C ASP A 213 -44.38 34.80 41.70
N PRO A 214 -44.74 36.08 41.48
CA PRO A 214 -45.51 36.57 40.31
C PRO A 214 -45.03 36.06 38.97
N ASP A 215 -43.72 35.92 38.77
CA ASP A 215 -43.20 35.28 37.57
C ASP A 215 -43.87 33.94 37.30
N LEU A 216 -44.25 33.22 38.36
CA LEU A 216 -44.82 31.89 38.22
C LEU A 216 -46.31 31.78 38.55
N PHE A 217 -46.80 32.75 39.31
CA PHE A 217 -48.11 32.61 39.91
C PHE A 217 -49.14 33.25 39.01
N TRP A 218 -48.68 34.17 38.16
CA TRP A 218 -49.55 34.81 37.17
C TRP A 218 -50.11 33.79 36.20
N SER A 219 -49.36 32.71 35.92
CA SER A 219 -49.82 31.66 35.01
C SER A 219 -50.89 30.79 35.65
N LYS A 220 -50.96 30.83 36.98
CA LYS A 220 -51.90 30.03 37.76
C LYS A 220 -53.20 30.77 37.96
N ILE A 221 -53.11 32.08 38.19
CA ILE A 221 -54.24 32.87 38.65
C ILE A 221 -55.45 32.83 37.73
N PRO A 222 -55.25 32.94 36.42
CA PRO A 222 -56.41 32.91 35.52
C PRO A 222 -57.12 31.54 35.52
N VAL A 223 -56.36 30.46 35.70
CA VAL A 223 -56.94 29.13 35.75
C VAL A 223 -57.69 28.89 37.07
N LEU A 224 -57.54 29.80 38.01
CA LEU A 224 -58.08 29.62 39.35
C LEU A 224 -59.30 30.49 39.51
N MET A 225 -59.34 31.57 38.73
CA MET A 225 -60.46 32.49 38.78
C MET A 225 -61.66 31.88 38.05
N GLU A 226 -62.86 32.29 38.46
CA GLU A 226 -64.08 31.95 37.76
C GLU A 226 -64.19 32.89 36.57
N GLU A 227 -65.34 32.95 35.93
CA GLU A 227 -65.43 33.57 34.61
C GLU A 227 -65.37 35.10 34.58
N LYS A 228 -65.94 35.76 35.58
CA LYS A 228 -66.00 37.22 35.58
C LYS A 228 -65.26 37.81 36.78
N LEU A 229 -64.48 38.86 36.54
CA LEU A 229 -63.62 39.42 37.58
C LEU A 229 -64.16 40.69 38.20
N PHE A 230 -63.84 40.91 39.47
CA PHE A 230 -63.93 42.24 40.06
C PHE A 230 -62.69 42.43 40.93
N ALA A 231 -62.41 43.66 41.32
CA ALA A 231 -61.18 43.90 42.05
C ALA A 231 -61.19 45.23 42.81
N PHE A 232 -60.41 45.29 43.88
CA PHE A 232 -60.40 46.45 44.76
C PHE A 232 -59.01 46.69 45.30
N ASP A 233 -58.81 47.91 45.79
CA ASP A 233 -57.85 48.21 46.84
C ASP A 233 -58.73 48.86 47.92
N TYR A 234 -58.16 49.25 49.06
CA TYR A 234 -58.93 50.05 50.01
C TYR A 234 -58.18 51.32 50.35
N THR A 235 -58.92 52.31 50.81
CA THR A 235 -58.32 53.50 51.41
C THR A 235 -58.06 53.26 52.90
N GLY A 236 -56.83 53.56 53.33
CA GLY A 236 -56.41 53.39 54.71
C GLY A 236 -56.97 52.13 55.35
N TYR A 237 -56.49 50.98 54.92
CA TYR A 237 -57.01 49.69 55.37
C TYR A 237 -56.85 49.43 56.86
N ASP A 238 -55.62 49.31 57.31
CA ASP A 238 -55.37 48.93 58.69
C ASP A 238 -56.23 49.74 59.66
N ALA A 239 -56.29 51.05 59.47
CA ALA A 239 -56.95 51.95 60.39
C ALA A 239 -58.44 52.14 60.13
N SER A 240 -58.98 51.43 59.14
CA SER A 240 -60.40 51.53 58.80
C SER A 240 -61.14 50.29 59.28
N LEU A 241 -60.40 49.41 59.96
CA LEU A 241 -60.97 48.21 60.54
C LEU A 241 -61.56 48.56 61.89
N SER A 242 -62.82 48.18 62.08
CA SER A 242 -63.46 48.36 63.37
C SER A 242 -63.54 47.01 64.09
N PRO A 243 -63.68 47.05 65.42
CA PRO A 243 -63.60 45.89 66.31
C PRO A 243 -64.41 44.69 65.85
N ALA A 244 -65.46 44.93 65.06
CA ALA A 244 -66.30 43.83 64.59
C ALA A 244 -65.50 42.82 63.77
N TRP A 245 -64.56 43.33 62.97
CA TRP A 245 -63.78 42.50 62.07
C TRP A 245 -62.76 41.67 62.83
N PHE A 246 -62.28 42.19 63.95
CA PHE A 246 -61.36 41.43 64.80
C PHE A 246 -62.07 40.31 65.54
N GLU A 247 -63.29 40.56 66.00
CA GLU A 247 -64.10 39.48 66.56
C GLU A 247 -64.41 38.42 65.49
N ALA A 248 -64.59 38.87 64.25
CA ALA A 248 -64.86 37.95 63.17
C ALA A 248 -63.64 37.07 62.92
N LEU A 249 -62.46 37.67 63.09
CA LEU A 249 -61.19 36.96 62.89
C LEU A 249 -60.93 35.99 64.05
N LYS A 250 -61.13 36.50 65.27
CA LYS A 250 -61.13 35.65 66.46
C LYS A 250 -62.02 34.44 66.22
N MET A 251 -63.16 34.68 65.60
CA MET A 251 -64.09 33.59 65.29
C MET A 251 -63.54 32.60 64.29
N VAL A 252 -62.82 33.09 63.26
CA VAL A 252 -62.22 32.16 62.32
C VAL A 252 -61.19 31.33 63.05
N LEU A 253 -60.32 32.00 63.80
CA LEU A 253 -59.27 31.29 64.53
C LEU A 253 -59.79 30.15 65.44
N GLU A 254 -60.74 30.47 66.31
CA GLU A 254 -61.42 29.44 67.13
C GLU A 254 -61.91 28.21 66.33
N LYS A 255 -62.62 28.45 65.22
CA LYS A 255 -63.14 27.36 64.37
C LYS A 255 -62.07 26.48 63.72
N ILE A 256 -60.86 27.00 63.50
CA ILE A 256 -59.81 26.20 62.89
C ILE A 256 -58.86 25.61 63.93
N GLY A 257 -59.07 25.94 65.20
CA GLY A 257 -58.35 25.30 66.27
C GLY A 257 -57.41 26.19 67.05
N PHE A 258 -57.55 27.50 66.89
CA PHE A 258 -56.66 28.44 67.59
C PHE A 258 -57.35 29.16 68.76
N GLY A 259 -58.50 28.61 69.17
CA GLY A 259 -59.31 29.14 70.25
C GLY A 259 -58.52 29.64 71.44
N ASP A 260 -57.62 28.81 71.97
CA ASP A 260 -56.83 29.18 73.14
C ASP A 260 -56.06 30.49 73.03
N ARG A 261 -55.45 30.75 71.87
CA ARG A 261 -54.70 32.00 71.73
C ARG A 261 -55.43 33.20 71.07
N VAL A 262 -56.73 33.05 70.78
CA VAL A 262 -57.50 34.18 70.23
C VAL A 262 -57.41 35.45 71.06
N ASP A 263 -56.81 35.37 72.23
CA ASP A 263 -56.68 36.56 73.05
C ASP A 263 -55.70 37.53 72.47
N TYR A 264 -54.60 37.01 71.90
CA TYR A 264 -53.60 37.86 71.27
C TYR A 264 -54.25 38.86 70.34
N ILE A 265 -55.28 38.42 69.62
CA ILE A 265 -55.98 39.26 68.66
C ILE A 265 -56.62 40.46 69.33
N ASP A 266 -56.95 40.34 70.62
CA ASP A 266 -57.43 41.51 71.37
C ASP A 266 -56.30 42.53 71.56
N TYR A 267 -55.06 42.06 71.69
CA TYR A 267 -53.94 42.97 71.88
C TYR A 267 -53.60 43.73 70.58
N LEU A 268 -54.09 43.19 69.47
CA LEU A 268 -53.97 43.86 68.19
C LEU A 268 -55.10 44.89 68.08
N ASN A 269 -56.30 44.45 68.48
CA ASN A 269 -57.51 45.25 68.45
C ASN A 269 -57.51 46.46 69.40
N HIS A 270 -56.80 46.33 70.52
CA HIS A 270 -56.63 47.43 71.44
C HIS A 270 -55.16 47.56 71.84
N SER A 271 -54.49 48.51 71.22
CA SER A 271 -53.04 48.62 71.30
C SER A 271 -52.54 49.97 71.82
N HIS A 272 -51.33 49.99 72.37
CA HIS A 272 -50.72 51.24 72.80
C HIS A 272 -49.45 51.49 72.00
N HIS A 273 -49.23 52.75 71.66
CA HIS A 273 -48.09 53.11 70.85
C HIS A 273 -47.28 54.24 71.45
N LEU A 274 -45.99 54.25 71.16
CA LEU A 274 -45.14 55.38 71.52
C LEU A 274 -44.80 56.15 70.26
N TYR A 275 -45.13 57.44 70.23
CA TYR A 275 -44.77 58.27 69.09
C TYR A 275 -44.05 59.57 69.47
N LYS A 276 -42.75 59.63 69.21
CA LYS A 276 -41.94 60.76 69.69
C LYS A 276 -42.19 60.94 71.17
N ASN A 277 -42.73 62.09 71.58
CA ASN A 277 -42.95 62.34 73.01
C ASN A 277 -44.24 61.71 73.52
N LYS A 278 -45.27 61.75 72.69
CA LYS A 278 -46.59 61.26 73.06
C LYS A 278 -46.65 59.77 73.44
N THR A 279 -47.82 59.35 73.92
CA THR A 279 -48.18 57.96 74.15
C THR A 279 -49.67 57.89 73.88
N TYR A 280 -50.09 57.00 72.98
CA TYR A 280 -51.52 56.96 72.63
C TYR A 280 -52.08 55.56 72.51
N CYS A 281 -53.40 55.47 72.54
CA CYS A 281 -54.08 54.19 72.59
C CYS A 281 -55.10 54.08 71.47
N VAL A 282 -55.17 52.92 70.84
CA VAL A 282 -56.03 52.75 69.67
C VAL A 282 -56.97 51.57 69.88
N LYS A 283 -58.19 51.69 69.38
CA LYS A 283 -59.15 50.58 69.43
C LYS A 283 -59.73 50.35 68.03
N GLY A 284 -59.75 49.09 67.61
CA GLY A 284 -59.93 48.77 66.21
C GLY A 284 -58.56 48.98 65.57
N GLY A 285 -58.50 49.09 64.25
CA GLY A 285 -57.22 49.31 63.56
C GLY A 285 -56.15 48.21 63.69
N MET A 286 -55.66 47.70 62.56
CA MET A 286 -54.57 46.74 62.58
C MET A 286 -53.27 47.49 62.87
N PRO A 287 -52.50 47.05 63.89
CA PRO A 287 -51.21 47.68 64.21
C PRO A 287 -50.09 47.28 63.22
N SER A 288 -50.10 47.84 62.00
CA SER A 288 -49.16 47.47 60.94
C SER A 288 -47.72 47.49 61.40
N GLY A 289 -47.11 46.32 61.49
CA GLY A 289 -45.80 46.20 62.10
C GLY A 289 -45.81 45.10 63.12
N CYS A 290 -47.01 44.69 63.52
CA CYS A 290 -47.16 43.59 64.47
C CYS A 290 -46.94 42.28 63.71
N SER A 291 -46.65 41.19 64.41
CA SER A 291 -46.58 39.88 63.74
C SER A 291 -47.93 39.51 63.12
N GLY A 292 -47.88 39.07 61.87
CA GLY A 292 -49.07 38.59 61.19
C GLY A 292 -49.81 39.66 60.42
N THR A 293 -49.32 40.90 60.45
CA THR A 293 -49.90 41.99 59.64
C THR A 293 -50.46 41.55 58.25
N SER A 294 -49.58 41.05 57.40
CA SER A 294 -49.99 40.48 56.12
C SER A 294 -51.09 39.40 56.20
N ILE A 295 -50.89 38.39 57.02
CA ILE A 295 -51.83 37.30 57.06
C ILE A 295 -53.17 37.72 57.61
N PHE A 296 -53.18 38.57 58.63
CA PHE A 296 -54.45 38.93 59.22
C PHE A 296 -55.21 39.89 58.31
N ASN A 297 -54.48 40.85 57.71
CA ASN A 297 -55.11 41.68 56.66
C ASN A 297 -55.81 40.89 55.54
N SER A 298 -55.07 39.96 54.93
CA SER A 298 -55.59 39.13 53.86
C SER A 298 -56.78 38.26 54.31
N MET A 299 -56.67 37.70 55.53
CA MET A 299 -57.77 36.95 56.11
C MET A 299 -59.00 37.86 56.31
N ILE A 300 -58.82 39.00 56.98
CA ILE A 300 -59.95 39.91 57.13
C ILE A 300 -60.54 40.30 55.76
N ASN A 301 -59.69 40.55 54.77
CA ASN A 301 -60.20 40.78 53.42
C ASN A 301 -61.18 39.68 52.98
N ASN A 302 -60.76 38.41 53.01
CA ASN A 302 -61.67 37.31 52.67
C ASN A 302 -63.02 37.36 53.35
N LEU A 303 -63.06 37.94 54.54
CA LEU A 303 -64.31 38.03 55.29
C LEU A 303 -65.10 39.18 54.75
N ILE A 304 -64.46 40.34 54.74
CA ILE A 304 -65.04 41.54 54.16
C ILE A 304 -65.69 41.30 52.78
N ILE A 305 -65.10 40.40 52.00
CA ILE A 305 -65.54 40.26 50.63
C ILE A 305 -66.70 39.29 50.53
N ARG A 306 -66.68 38.27 51.37
CA ARG A 306 -67.81 37.37 51.43
C ARG A 306 -69.03 38.11 52.01
N THR A 307 -68.84 38.75 53.17
CA THR A 307 -69.86 39.59 53.80
C THR A 307 -70.59 40.51 52.81
N LEU A 308 -69.84 41.19 51.94
CA LEU A 308 -70.46 42.20 51.08
C LEU A 308 -71.23 41.57 49.91
N LEU A 309 -70.80 40.40 49.47
CA LEU A 309 -71.55 39.66 48.48
C LEU A 309 -72.86 39.14 49.06
N LEU A 310 -72.79 38.52 50.24
CA LEU A 310 -73.99 37.99 50.88
C LEU A 310 -75.05 39.09 51.05
N LYS A 311 -74.61 40.28 51.46
CA LYS A 311 -75.51 41.42 51.62
C LYS A 311 -76.07 41.98 50.30
N THR A 312 -75.24 42.06 49.26
CA THR A 312 -75.64 42.71 48.02
C THR A 312 -76.31 41.77 47.04
N TYR A 313 -76.02 40.48 47.13
CA TYR A 313 -76.53 39.53 46.14
C TYR A 313 -77.18 38.32 46.77
N LYS A 314 -78.48 38.45 47.00
CA LYS A 314 -79.23 37.42 47.72
C LYS A 314 -79.11 36.09 46.99
N GLY A 315 -78.75 35.05 47.73
CA GLY A 315 -78.57 33.73 47.16
C GLY A 315 -77.23 33.48 46.47
N ILE A 316 -76.31 34.44 46.57
CA ILE A 316 -74.96 34.24 46.05
C ILE A 316 -74.31 33.00 46.66
N ASP A 317 -73.66 32.19 45.82
CA ASP A 317 -73.01 30.98 46.29
C ASP A 317 -71.51 31.19 46.53
N LEU A 318 -71.11 31.30 47.80
CA LEU A 318 -69.73 31.60 48.09
C LEU A 318 -68.81 30.49 47.63
N ASP A 319 -69.36 29.31 47.39
CA ASP A 319 -68.53 28.20 46.89
C ASP A 319 -67.98 28.45 45.47
N HIS A 320 -68.60 29.39 44.74
CA HIS A 320 -68.13 29.74 43.41
C HIS A 320 -67.43 31.10 43.39
N LEU A 321 -67.13 31.60 44.57
CA LEU A 321 -66.25 32.76 44.70
C LEU A 321 -64.81 32.29 44.68
N LYS A 322 -63.98 32.95 43.88
CA LYS A 322 -62.56 32.70 43.91
C LYS A 322 -61.88 34.04 44.10
N MET A 323 -61.05 34.16 45.12
CA MET A 323 -60.38 35.45 45.40
C MET A 323 -58.99 35.30 46.02
N ILE A 324 -58.12 36.22 45.66
CA ILE A 324 -56.77 36.18 46.15
C ILE A 324 -56.51 37.55 46.72
N ALA A 325 -55.96 37.58 47.94
CA ALA A 325 -55.66 38.85 48.59
C ALA A 325 -54.20 38.90 49.01
N TYR A 326 -53.68 40.12 49.06
CA TYR A 326 -52.40 40.40 49.67
C TYR A 326 -52.58 41.63 50.50
N GLY A 327 -53.06 41.43 51.72
CA GLY A 327 -53.48 42.55 52.53
C GLY A 327 -54.77 43.07 51.94
N ASP A 328 -54.85 44.37 51.67
CA ASP A 328 -56.10 44.88 51.18
C ASP A 328 -56.25 44.60 49.68
N ASP A 329 -55.14 44.60 48.98
CA ASP A 329 -55.08 44.23 47.58
C ASP A 329 -55.84 42.91 47.31
N VAL A 330 -56.83 42.94 46.43
CA VAL A 330 -57.56 41.74 46.08
C VAL A 330 -57.94 41.65 44.59
N ILE A 331 -57.78 40.46 44.04
CA ILE A 331 -58.37 40.08 42.76
C ILE A 331 -59.34 38.92 43.00
N ALA A 332 -60.52 39.01 42.39
CA ALA A 332 -61.58 38.06 42.69
C ALA A 332 -62.42 37.81 41.46
N SER A 333 -63.08 36.65 41.45
CA SER A 333 -63.95 36.26 40.36
C SER A 333 -65.21 35.54 40.84
N TYR A 334 -66.20 35.47 39.96
CA TYR A 334 -67.45 34.77 40.22
C TYR A 334 -68.01 34.35 38.87
N PRO A 335 -68.73 33.20 38.82
CA PRO A 335 -69.24 32.66 37.57
C PRO A 335 -70.14 33.63 36.80
N HIS A 336 -70.75 34.58 37.50
CA HIS A 336 -71.57 35.61 36.86
C HIS A 336 -71.07 36.96 37.31
N GLU A 337 -71.26 38.00 36.49
CA GLU A 337 -70.63 39.29 36.78
C GLU A 337 -71.29 40.07 37.91
N VAL A 338 -70.45 40.58 38.81
CA VAL A 338 -70.90 41.35 39.97
C VAL A 338 -70.43 42.82 39.86
N ASP A 339 -71.04 43.70 40.65
CA ASP A 339 -70.83 45.13 40.47
C ASP A 339 -69.98 45.70 41.60
N ALA A 340 -68.79 46.17 41.26
CA ALA A 340 -67.87 46.70 42.26
C ALA A 340 -68.34 48.00 42.87
N SER A 341 -69.06 48.81 42.11
CA SER A 341 -69.56 50.07 42.62
C SER A 341 -70.59 49.81 43.72
N LEU A 342 -71.43 48.80 43.52
CA LEU A 342 -72.45 48.42 44.50
C LEU A 342 -71.81 47.79 45.72
N LEU A 343 -71.03 46.74 45.49
CA LEU A 343 -70.26 46.12 46.56
C LEU A 343 -69.57 47.17 47.42
N ALA A 344 -68.89 48.13 46.77
CA ALA A 344 -68.15 49.18 47.47
C ALA A 344 -69.08 50.10 48.25
N GLN A 345 -70.35 50.16 47.85
CA GLN A 345 -71.30 51.02 48.53
C GLN A 345 -71.79 50.44 49.86
N SER A 346 -71.95 49.10 49.90
CA SER A 346 -72.25 48.38 51.15
C SER A 346 -71.05 48.40 52.08
N GLY A 347 -69.85 48.39 51.51
CA GLY A 347 -68.64 48.35 52.29
C GLY A 347 -68.52 49.56 53.19
N LYS A 348 -69.17 50.65 52.79
CA LYS A 348 -69.10 51.89 53.54
C LYS A 348 -69.90 51.78 54.85
N ASP A 349 -70.87 50.88 54.88
CA ASP A 349 -71.65 50.66 56.09
C ASP A 349 -70.76 50.04 57.15
N TYR A 350 -69.76 49.28 56.71
CA TYR A 350 -68.86 48.61 57.63
C TYR A 350 -67.61 49.42 57.90
N GLY A 351 -67.57 50.65 57.39
CA GLY A 351 -66.44 51.54 57.63
C GLY A 351 -65.37 51.50 56.55
N LEU A 352 -65.64 50.79 55.46
CA LEU A 352 -64.66 50.58 54.40
C LEU A 352 -64.84 51.55 53.24
N THR A 353 -63.73 52.19 52.87
CA THR A 353 -63.65 53.01 51.68
C THR A 353 -62.97 52.17 50.60
N MET A 354 -63.73 51.68 49.62
CA MET A 354 -63.17 50.78 48.60
C MET A 354 -62.92 51.40 47.21
N THR A 355 -61.92 50.89 46.50
CA THR A 355 -61.54 51.50 45.23
C THR A 355 -61.22 50.50 44.12
N PRO A 356 -61.04 51.00 42.87
CA PRO A 356 -60.45 50.23 41.77
C PRO A 356 -59.04 49.87 42.17
N ALA A 357 -58.53 48.73 41.68
CA ALA A 357 -57.25 48.21 42.15
C ALA A 357 -56.05 49.08 41.78
N ASP A 358 -56.29 50.11 40.98
CA ASP A 358 -55.22 50.96 40.48
C ASP A 358 -55.32 52.32 41.16
N LYS A 359 -56.18 52.39 42.17
CA LYS A 359 -56.54 53.64 42.84
C LYS A 359 -57.08 54.68 41.84
N SER A 360 -57.58 54.18 40.71
CA SER A 360 -58.32 55.00 39.76
C SER A 360 -59.60 55.56 40.42
N ALA A 361 -60.17 56.60 39.82
CA ALA A 361 -61.31 57.29 40.42
C ALA A 361 -62.63 56.53 40.32
N THR A 362 -62.85 55.78 39.25
CA THR A 362 -64.11 55.07 39.07
C THR A 362 -63.94 53.63 38.61
N PHE A 363 -64.85 52.77 39.06
CA PHE A 363 -64.82 51.36 38.69
C PHE A 363 -65.14 51.16 37.22
N GLU A 364 -64.31 50.40 36.52
CA GLU A 364 -64.64 49.94 35.17
C GLU A 364 -65.08 48.50 35.26
N THR A 365 -65.58 47.96 34.15
CA THR A 365 -65.72 46.52 34.05
C THR A 365 -64.30 45.95 34.05
N VAL A 366 -64.11 44.78 34.65
CA VAL A 366 -62.75 44.29 34.80
C VAL A 366 -62.55 43.11 33.87
N THR A 367 -61.50 43.21 33.07
CA THR A 367 -61.22 42.28 31.99
C THR A 367 -59.80 41.76 32.19
N TRP A 368 -59.44 40.67 31.52
CA TRP A 368 -58.04 40.22 31.62
C TRP A 368 -57.07 41.25 31.02
N GLU A 369 -57.63 42.36 30.54
CA GLU A 369 -56.83 43.44 29.95
C GLU A 369 -56.51 44.56 30.94
N ASN A 370 -57.50 44.97 31.73
CA ASN A 370 -57.29 46.09 32.62
C ASN A 370 -56.98 45.68 34.06
N VAL A 371 -57.31 44.45 34.42
CA VAL A 371 -57.10 44.00 35.78
C VAL A 371 -55.64 44.13 36.22
N THR A 372 -55.45 44.60 37.45
CA THR A 372 -54.13 44.55 38.07
C THR A 372 -54.15 43.92 39.46
N PHE A 373 -53.09 43.18 39.78
CA PHE A 373 -52.88 42.62 41.12
C PHE A 373 -51.46 42.96 41.53
N LEU A 374 -51.31 43.59 42.68
CA LEU A 374 -49.98 44.01 43.12
C LEU A 374 -49.27 44.91 42.09
N LYS A 375 -50.03 45.83 41.48
CA LYS A 375 -49.46 46.81 40.57
C LYS A 375 -49.19 46.25 39.20
N ARG A 376 -49.29 44.92 39.06
CA ARG A 376 -48.94 44.30 37.79
C ARG A 376 -50.14 43.96 36.92
N PHE A 377 -49.92 44.00 35.61
CA PHE A 377 -50.90 43.58 34.62
C PHE A 377 -50.67 42.10 34.26
N PHE A 378 -51.66 41.49 33.59
CA PHE A 378 -51.56 40.12 33.08
C PHE A 378 -51.53 40.11 31.55
N ARG A 379 -50.49 39.53 30.95
CA ARG A 379 -50.39 39.46 29.48
C ARG A 379 -49.89 38.10 29.01
N ALA A 380 -50.71 37.37 28.27
CA ALA A 380 -50.27 36.10 27.72
C ALA A 380 -49.02 36.31 26.88
N ASP A 381 -48.11 35.35 26.95
CA ASP A 381 -47.00 35.26 26.02
C ASP A 381 -47.50 35.02 24.59
N GLU A 382 -46.76 35.53 23.59
CA GLU A 382 -47.17 35.38 22.19
C GLU A 382 -46.83 34.01 21.60
N LYS A 383 -45.67 33.47 21.95
CA LYS A 383 -45.39 32.08 21.60
C LYS A 383 -46.21 31.10 22.48
N TYR A 384 -46.11 31.25 23.80
CA TYR A 384 -46.81 30.36 24.74
C TYR A 384 -47.89 31.08 25.53
N PRO A 385 -49.15 30.99 25.08
CA PRO A 385 -50.28 31.79 25.55
C PRO A 385 -50.84 31.36 26.90
N PHE A 386 -50.53 30.14 27.33
CA PHE A 386 -50.86 29.69 28.67
C PHE A 386 -49.90 30.23 29.74
N LEU A 387 -48.74 30.74 29.31
CA LEU A 387 -47.77 31.34 30.21
C LEU A 387 -48.01 32.83 30.21
N ILE A 388 -48.18 33.39 31.40
CA ILE A 388 -48.64 34.76 31.54
C ILE A 388 -47.58 35.65 32.20
N HIS A 389 -47.28 36.77 31.56
CA HIS A 389 -46.36 37.75 32.11
C HIS A 389 -47.03 38.60 33.20
N PRO A 390 -46.34 38.78 34.34
CA PRO A 390 -46.65 39.81 35.32
C PRO A 390 -46.11 41.12 34.80
N VAL A 391 -46.98 41.97 34.28
CA VAL A 391 -46.50 43.16 33.58
C VAL A 391 -46.68 44.42 34.39
N MET A 392 -45.59 44.82 35.02
CA MET A 392 -45.53 46.04 35.79
C MET A 392 -45.21 47.19 34.87
N PRO A 393 -45.92 48.31 35.03
CA PRO A 393 -45.69 49.46 34.16
C PRO A 393 -44.29 50.10 34.26
N MET A 394 -43.71 50.42 33.12
CA MET A 394 -42.42 51.08 33.08
C MET A 394 -42.43 52.39 33.88
N LYS A 395 -43.61 52.99 34.01
CA LYS A 395 -43.72 54.22 34.78
C LYS A 395 -43.19 53.99 36.18
N GLU A 396 -43.50 52.81 36.73
CA GLU A 396 -43.16 52.50 38.10
C GLU A 396 -41.67 52.31 38.19
N ILE A 397 -41.13 51.51 37.28
CA ILE A 397 -39.69 51.24 37.26
C ILE A 397 -38.90 52.53 37.08
N HIS A 398 -39.39 53.39 36.19
CA HIS A 398 -38.86 54.74 36.05
C HIS A 398 -38.78 55.49 37.39
N GLU A 399 -39.89 55.61 38.09
CA GLU A 399 -39.88 56.26 39.42
C GLU A 399 -38.80 55.71 40.36
N SER A 400 -38.69 54.39 40.45
CA SER A 400 -37.71 53.80 41.35
C SER A 400 -36.27 54.16 40.99
N ILE A 401 -35.90 53.95 39.74
CA ILE A 401 -34.50 54.06 39.33
C ILE A 401 -33.89 55.44 39.53
N ARG A 402 -34.75 56.45 39.63
CA ARG A 402 -34.33 57.84 39.78
C ARG A 402 -33.81 58.16 41.17
N TRP A 403 -33.89 57.22 42.09
CA TRP A 403 -33.43 57.45 43.46
C TRP A 403 -32.57 56.31 43.96
N THR A 404 -31.81 56.58 45.03
CA THR A 404 -30.96 55.58 45.68
C THR A 404 -30.88 55.87 47.19
N LYS A 405 -30.73 54.83 48.01
CA LYS A 405 -30.45 54.98 49.45
C LYS A 405 -28.95 54.95 49.69
N ASP A 406 -28.22 54.43 48.71
CA ASP A 406 -26.77 54.39 48.74
C ASP A 406 -26.30 54.11 47.33
N PRO A 407 -25.38 54.94 46.82
CA PRO A 407 -24.83 54.77 45.47
C PRO A 407 -24.13 53.43 45.26
N ARG A 408 -23.64 52.81 46.32
CA ARG A 408 -22.89 51.59 46.11
C ARG A 408 -23.79 50.40 45.75
N ASN A 409 -25.12 50.64 45.77
CA ASN A 409 -26.14 49.63 45.41
C ASN A 409 -26.60 49.66 43.93
N THR A 410 -25.99 50.50 43.11
CA THR A 410 -26.58 50.71 41.79
C THR A 410 -26.67 49.45 40.94
N GLN A 411 -25.67 48.59 41.01
CA GLN A 411 -25.70 47.42 40.17
C GLN A 411 -26.93 46.58 40.53
N ASP A 412 -27.03 46.18 41.79
CA ASP A 412 -28.15 45.37 42.27
C ASP A 412 -29.48 46.07 42.00
N HIS A 413 -29.55 47.35 42.34
CA HIS A 413 -30.81 48.04 42.20
C HIS A 413 -31.27 47.89 40.75
N VAL A 414 -30.53 48.48 39.82
CA VAL A 414 -30.92 48.51 38.40
C VAL A 414 -31.13 47.11 37.82
N ARG A 415 -30.18 46.22 38.11
CA ARG A 415 -30.31 44.82 37.76
C ARG A 415 -31.67 44.29 38.22
N SER A 416 -32.04 44.57 39.48
CA SER A 416 -33.35 44.14 39.99
C SER A 416 -34.52 44.72 39.18
N LEU A 417 -34.40 45.96 38.72
CA LEU A 417 -35.44 46.58 37.92
C LEU A 417 -35.57 45.91 36.56
N CYS A 418 -34.47 45.38 36.04
CA CYS A 418 -34.48 44.69 34.76
C CYS A 418 -35.35 43.44 34.79
N LEU A 419 -35.40 42.79 35.95
CA LEU A 419 -36.16 41.55 36.06
C LEU A 419 -37.64 41.86 36.17
N LEU A 420 -37.95 43.14 36.30
CA LEU A 420 -39.34 43.57 36.29
C LEU A 420 -39.71 44.09 34.91
N ALA A 421 -38.77 44.79 34.26
CA ALA A 421 -39.12 45.56 33.07
C ALA A 421 -39.21 44.78 31.77
N TRP A 422 -38.51 43.66 31.68
CA TRP A 422 -38.52 42.91 30.45
C TRP A 422 -39.87 42.22 30.18
N HIS A 423 -40.78 42.27 31.14
CA HIS A 423 -42.10 41.67 30.91
C HIS A 423 -42.91 42.59 30.00
N ASN A 424 -42.52 43.86 29.94
CA ASN A 424 -43.08 44.80 28.98
C ASN A 424 -42.66 44.48 27.54
N GLY A 425 -41.75 43.52 27.36
CA GLY A 425 -41.37 43.07 26.02
C GLY A 425 -40.06 43.61 25.48
N GLU A 426 -39.51 42.94 24.47
CA GLU A 426 -38.17 43.25 23.93
C GLU A 426 -37.99 44.69 23.45
N GLU A 427 -39.00 45.23 22.78
CA GLU A 427 -38.90 46.58 22.25
C GLU A 427 -38.80 47.63 23.37
N GLU A 428 -39.60 47.46 24.41
CA GLU A 428 -39.61 48.36 25.55
C GLU A 428 -38.42 48.11 26.50
N TYR A 429 -38.00 46.85 26.60
CA TYR A 429 -36.82 46.50 27.39
C TYR A 429 -35.53 47.06 26.80
N ASN A 430 -35.42 47.08 25.48
CA ASN A 430 -34.17 47.54 24.87
C ASN A 430 -33.99 49.05 24.91
N LYS A 431 -35.11 49.77 24.98
CA LYS A 431 -35.10 51.21 25.11
C LYS A 431 -34.64 51.55 26.51
N PHE A 432 -35.06 50.71 27.45
CA PHE A 432 -34.66 50.82 28.83
C PHE A 432 -33.13 50.74 28.88
N LEU A 433 -32.59 49.59 28.49
CA LEU A 433 -31.15 49.43 28.43
C LEU A 433 -30.42 50.60 27.75
N ALA A 434 -31.03 51.19 26.73
CA ALA A 434 -30.40 52.30 26.00
C ALA A 434 -30.26 53.50 26.93
N LYS A 435 -31.40 53.99 27.43
CA LYS A 435 -31.43 55.05 28.43
C LYS A 435 -30.49 54.82 29.63
N ILE A 436 -30.52 53.64 30.23
CA ILE A 436 -29.55 53.33 31.29
C ILE A 436 -28.10 53.53 30.83
N ARG A 437 -27.81 53.08 29.62
CA ARG A 437 -26.45 53.16 29.10
C ARG A 437 -26.13 54.52 28.47
N SER A 438 -27.12 55.41 28.48
CA SER A 438 -26.90 56.78 28.04
C SER A 438 -26.00 57.57 28.99
N VAL A 439 -25.69 57.03 30.17
CA VAL A 439 -24.76 57.70 31.10
C VAL A 439 -23.56 56.82 31.43
N PRO A 440 -22.48 57.43 31.98
CA PRO A 440 -21.24 56.65 32.00
C PRO A 440 -21.32 55.51 33.00
N ILE A 441 -22.01 55.74 34.11
CA ILE A 441 -22.20 54.71 35.14
C ILE A 441 -23.08 53.56 34.64
N GLY A 442 -24.04 53.89 33.77
CA GLY A 442 -24.81 52.88 33.07
C GLY A 442 -23.93 51.89 32.32
N ARG A 443 -22.92 52.40 31.65
CA ARG A 443 -22.07 51.53 30.87
C ARG A 443 -21.15 50.72 31.76
N ALA A 444 -21.32 50.83 33.08
CA ALA A 444 -20.53 50.04 34.03
C ALA A 444 -21.24 48.79 34.53
N LEU A 445 -22.58 48.78 34.38
CA LEU A 445 -23.43 47.76 35.00
C LEU A 445 -23.51 46.52 34.11
N ASP A 446 -23.58 45.34 34.71
CA ASP A 446 -23.84 44.14 33.92
C ASP A 446 -25.34 43.92 33.87
N LEU A 447 -25.94 44.21 32.71
CA LEU A 447 -27.38 44.06 32.55
C LEU A 447 -27.72 42.83 31.71
N PRO A 448 -28.84 42.17 32.00
CA PRO A 448 -29.15 40.91 31.31
C PRO A 448 -29.84 41.19 29.99
N GLU A 449 -29.58 40.34 29.00
CA GLU A 449 -30.25 40.48 27.73
C GLU A 449 -31.71 39.96 27.72
N TYR A 450 -32.59 40.65 26.98
CA TYR A 450 -33.96 40.19 26.83
C TYR A 450 -33.97 38.67 26.69
N SER A 451 -33.36 38.17 25.64
CA SER A 451 -33.28 36.73 25.37
C SER A 451 -32.87 35.88 26.57
N THR A 452 -31.95 36.35 27.39
CA THR A 452 -31.55 35.55 28.55
C THR A 452 -32.71 35.45 29.55
N LEU A 453 -33.37 36.57 29.81
CA LEU A 453 -34.48 36.61 30.74
C LEU A 453 -35.66 35.77 30.23
N TYR A 454 -35.90 35.83 28.93
CA TYR A 454 -36.96 35.03 28.34
C TYR A 454 -36.68 33.54 28.48
N ARG A 455 -35.49 33.08 28.17
CA ARG A 455 -35.23 31.66 28.36
C ARG A 455 -35.26 31.28 29.84
N ARG A 456 -34.84 32.19 30.73
CA ARG A 456 -34.93 31.90 32.18
C ARG A 456 -36.38 31.67 32.57
N TRP A 457 -37.24 32.55 32.08
CA TRP A 457 -38.65 32.46 32.42
C TRP A 457 -39.21 31.14 31.97
N LEU A 458 -39.09 30.85 30.67
CA LEU A 458 -39.59 29.58 30.13
C LEU A 458 -39.00 28.37 30.86
N ASP A 459 -37.68 28.34 31.06
CA ASP A 459 -37.07 27.24 31.77
C ASP A 459 -37.66 27.04 33.16
N SER A 460 -38.07 28.12 33.82
CA SER A 460 -38.52 27.98 35.20
C SER A 460 -39.89 27.29 35.36
N PHE A 461 -40.54 26.99 34.25
CA PHE A 461 -41.75 26.21 34.26
C PHE A 461 -41.47 24.70 34.19
N GLY E 1 3.38 -21.85 15.57
CA GLY E 1 4.17 -20.87 14.84
C GLY E 1 5.61 -21.31 14.61
N GLU E 2 6.22 -20.82 13.53
CA GLU E 2 7.54 -21.29 13.16
C GLU E 2 8.38 -20.30 12.35
N ILE E 3 9.64 -20.14 12.72
CA ILE E 3 10.56 -19.22 12.05
C ILE E 3 11.05 -19.76 10.71
N GLN E 4 10.89 -18.94 9.67
CA GLN E 4 11.20 -19.35 8.31
C GLN E 4 12.62 -18.97 7.88
N TRP E 5 13.15 -17.87 8.40
CA TRP E 5 14.52 -17.51 8.05
C TRP E 5 15.06 -16.29 8.79
N MET E 6 16.24 -16.43 9.36
CA MET E 6 16.92 -15.29 9.95
C MET E 6 18.14 -14.95 9.12
N ARG E 7 18.24 -13.70 8.69
CA ARG E 7 19.40 -13.26 7.92
C ARG E 7 19.73 -11.86 8.33
N PRO E 8 21.01 -11.50 8.29
CA PRO E 8 21.36 -10.11 8.61
C PRO E 8 20.42 -9.21 7.83
N SER E 9 19.97 -8.15 8.48
CA SER E 9 18.92 -7.34 7.92
C SER E 9 19.59 -6.39 6.94
N LYS E 10 20.92 -6.46 6.90
CA LYS E 10 21.72 -5.71 5.93
C LYS E 10 21.42 -6.19 4.53
N GLU E 11 21.26 -7.51 4.40
CA GLU E 11 21.06 -8.17 3.11
C GLU E 11 19.69 -7.92 2.49
N VAL E 12 18.77 -7.35 3.26
CA VAL E 12 17.38 -7.29 2.84
C VAL E 12 16.90 -5.84 2.69
N GLY E 13 17.80 -4.90 2.94
CA GLY E 13 17.48 -3.49 2.87
C GLY E 13 16.77 -2.91 4.09
N TYR E 14 16.93 -3.57 5.25
CA TYR E 14 16.33 -3.11 6.51
C TYR E 14 17.37 -2.57 7.51
N PRO E 15 17.01 -1.54 8.29
CA PRO E 15 18.02 -0.94 9.16
C PRO E 15 18.29 -1.80 10.38
N ILE E 16 19.44 -1.57 11.00
CA ILE E 16 19.72 -2.17 12.30
C ILE E 16 18.96 -1.34 13.32
N ILE E 17 18.09 -2.01 14.08
CA ILE E 17 17.38 -1.37 15.17
C ILE E 17 17.93 -1.87 16.50
N ASN E 18 18.42 -0.95 17.33
CA ASN E 18 18.97 -1.36 18.62
C ASN E 18 18.19 -0.83 19.82
N ALA E 19 17.56 -1.76 20.52
CA ALA E 19 16.72 -1.45 21.67
C ALA E 19 17.59 -1.20 22.89
N PRO E 20 16.99 -0.73 23.98
CA PRO E 20 17.73 -0.50 25.23
C PRO E 20 18.15 -1.81 25.88
N SER E 21 19.25 -1.77 26.61
CA SER E 21 19.81 -2.98 27.21
C SER E 21 19.71 -2.93 28.73
N LYS E 22 18.98 -1.96 29.24
CA LYS E 22 18.89 -1.80 30.68
C LYS E 22 17.46 -1.79 31.21
N THR E 23 17.27 -2.47 32.34
CA THR E 23 16.01 -2.49 33.04
C THR E 23 15.70 -1.09 33.52
N LYS E 24 14.42 -0.75 33.58
CA LYS E 24 14.02 0.53 34.14
C LYS E 24 13.56 0.31 35.58
N LEU E 25 13.61 -0.94 36.02
CA LEU E 25 13.14 -1.35 37.34
C LEU E 25 14.25 -1.29 38.40
N GLU E 26 14.27 -0.23 39.20
CA GLU E 26 15.10 -0.17 40.40
C GLU E 26 14.29 -0.64 41.63
N PRO E 27 14.96 -1.16 42.67
CA PRO E 27 14.22 -1.68 43.82
C PRO E 27 13.57 -0.58 44.66
N SER E 28 12.44 -0.94 45.26
CA SER E 28 11.52 0.00 45.91
C SER E 28 11.95 0.26 47.34
N ALA E 29 11.48 1.37 47.92
CA ALA E 29 11.66 1.57 49.36
C ALA E 29 11.21 0.33 50.14
N PHE E 30 10.19 -0.36 49.62
CA PHE E 30 9.63 -1.50 50.34
C PHE E 30 10.27 -2.79 49.95
N HIS E 31 11.53 -2.72 49.55
CA HIS E 31 12.21 -3.88 49.01
C HIS E 31 12.48 -4.93 50.09
N TYR E 32 12.81 -4.46 51.28
CA TYR E 32 13.21 -5.37 52.37
C TYR E 32 12.09 -5.62 53.39
N VAL E 33 11.16 -4.67 53.48
CA VAL E 33 9.93 -4.84 54.25
C VAL E 33 9.20 -6.12 53.84
N PHE E 34 8.88 -6.22 52.56
CA PHE E 34 8.16 -7.38 52.00
C PHE E 34 9.13 -8.30 51.27
N GLU E 35 8.76 -9.56 51.12
CA GLU E 35 9.60 -10.51 50.37
C GLU E 35 9.12 -10.78 48.96
N GLY E 36 9.92 -11.50 48.17
CA GLY E 36 9.51 -11.86 46.81
C GLY E 36 10.61 -12.52 46.00
N VAL E 37 10.21 -13.38 45.07
CA VAL E 37 11.15 -14.12 44.21
C VAL E 37 11.39 -13.49 42.80
N LYS E 38 10.81 -12.32 42.53
CA LYS E 38 10.88 -11.79 41.17
C LYS E 38 11.94 -10.70 40.94
N GLU E 39 12.67 -10.85 39.85
CA GLU E 39 13.68 -9.87 39.42
C GLU E 39 13.30 -9.41 38.02
N PRO E 40 13.87 -8.29 37.57
CA PRO E 40 13.66 -7.89 36.17
C PRO E 40 14.15 -8.99 35.22
N ALA E 41 13.55 -9.09 34.05
CA ALA E 41 13.88 -10.19 33.13
C ALA E 41 15.18 -9.88 32.40
N VAL E 42 15.79 -10.92 31.85
CA VAL E 42 16.96 -10.77 30.99
C VAL E 42 16.64 -9.96 29.72
N LEU E 43 17.39 -8.89 29.49
CA LEU E 43 17.16 -8.06 28.31
C LEU E 43 18.16 -8.38 27.19
N THR E 44 19.40 -8.71 27.57
CA THR E 44 20.49 -8.93 26.63
C THR E 44 21.18 -10.27 26.87
N LYS E 45 22.01 -10.69 25.92
CA LYS E 45 22.79 -11.93 26.03
C LYS E 45 23.85 -11.86 27.15
N ASN E 46 24.42 -10.68 27.32
CA ASN E 46 25.45 -10.49 28.33
C ASN E 46 24.90 -10.29 29.73
N ASP E 47 23.94 -11.11 30.13
CA ASP E 47 23.34 -11.01 31.44
C ASP E 47 23.93 -12.11 32.33
N PRO E 48 24.62 -11.72 33.41
CA PRO E 48 25.28 -12.64 34.34
C PRO E 48 24.38 -13.75 34.86
N ARG E 49 23.13 -13.43 35.18
CA ARG E 49 22.21 -14.38 35.78
C ARG E 49 21.71 -15.43 34.80
N LEU E 50 22.19 -15.36 33.56
CA LEU E 50 21.77 -16.33 32.56
C LEU E 50 22.49 -17.66 32.75
N LYS E 51 21.71 -18.75 32.75
CA LYS E 51 22.25 -20.10 32.74
C LYS E 51 21.94 -20.82 31.43
N THR E 52 21.80 -20.06 30.33
CA THR E 52 21.52 -20.60 28.98
C THR E 52 21.78 -19.54 27.89
N ASP E 53 21.90 -19.98 26.63
CA ASP E 53 21.97 -19.05 25.51
C ASP E 53 20.65 -18.28 25.37
N PHE E 54 20.73 -16.96 25.50
CA PHE E 54 19.57 -16.08 25.46
C PHE E 54 18.75 -16.24 24.20
N GLU E 55 19.33 -15.81 23.08
CA GLU E 55 18.59 -15.70 21.83
C GLU E 55 17.90 -17.00 21.45
N GLU E 56 18.42 -18.11 21.93
CA GLU E 56 17.81 -19.42 21.68
C GLU E 56 16.63 -19.64 22.63
N ALA E 57 16.69 -18.98 23.77
CA ALA E 57 15.64 -19.11 24.75
C ALA E 57 14.43 -18.25 24.36
N ILE E 58 14.65 -17.00 24.02
CA ILE E 58 13.53 -16.14 23.63
C ILE E 58 12.75 -16.71 22.45
N PHE E 59 13.45 -17.16 21.40
CA PHE E 59 12.79 -17.68 20.21
C PHE E 59 12.38 -19.14 20.39
N SER E 60 12.73 -19.69 21.54
CA SER E 60 12.40 -21.07 21.87
C SER E 60 10.93 -21.34 21.63
N LYS E 61 10.09 -20.33 21.86
CA LYS E 61 8.65 -20.55 21.85
C LYS E 61 8.06 -20.94 20.50
N TYR E 62 8.81 -20.71 19.42
CA TYR E 62 8.31 -21.11 18.10
C TYR E 62 8.45 -22.61 17.88
N VAL E 63 7.43 -23.34 18.30
CA VAL E 63 7.49 -24.80 18.40
C VAL E 63 7.09 -25.52 17.12
N GLY E 64 6.69 -24.77 16.09
CA GLY E 64 6.27 -25.33 14.82
C GLY E 64 4.78 -25.26 14.54
N ASN E 65 4.37 -25.70 13.36
CA ASN E 65 2.95 -25.72 13.02
C ASN E 65 2.43 -27.14 12.92
N LYS E 66 1.69 -27.58 13.92
CA LYS E 66 1.11 -28.91 13.87
C LYS E 66 0.16 -29.05 12.67
N ILE E 67 -0.86 -28.19 12.60
CA ILE E 67 -1.87 -28.34 11.56
C ILE E 67 -1.95 -27.13 10.66
N THR E 68 -2.67 -27.25 9.55
CA THR E 68 -2.75 -26.16 8.59
C THR E 68 -4.09 -26.26 7.91
N GLU E 69 -4.83 -27.29 8.29
CA GLU E 69 -6.13 -27.55 7.70
C GLU E 69 -7.22 -27.54 8.77
N VAL E 70 -8.14 -26.61 8.61
CA VAL E 70 -9.37 -26.60 9.41
C VAL E 70 -10.12 -27.92 9.26
N ASP E 71 -10.03 -28.79 10.27
CA ASP E 71 -10.79 -30.05 10.25
C ASP E 71 -12.28 -29.89 10.53
N GLU E 72 -13.03 -30.98 10.36
CA GLU E 72 -14.48 -30.96 10.51
C GLU E 72 -14.94 -30.29 11.83
N TYR E 73 -14.28 -30.63 12.95
CA TYR E 73 -14.65 -30.10 14.27
C TYR E 73 -14.38 -28.61 14.37
N MET E 74 -13.23 -28.19 13.85
CA MET E 74 -12.94 -26.75 13.78
C MET E 74 -14.07 -26.04 13.04
N LYS E 75 -14.66 -26.71 12.05
CA LYS E 75 -15.74 -26.14 11.26
C LYS E 75 -17.07 -26.00 12.00
N GLU E 76 -17.45 -27.03 12.76
CA GLU E 76 -18.63 -26.93 13.62
C GLU E 76 -18.41 -25.85 14.69
N ALA E 77 -17.19 -25.77 15.20
CA ALA E 77 -16.78 -24.73 16.15
C ALA E 77 -17.00 -23.35 15.54
N VAL E 78 -16.30 -23.09 14.44
CA VAL E 78 -16.51 -21.89 13.64
C VAL E 78 -17.99 -21.61 13.49
N ASP E 79 -18.77 -22.64 13.19
CA ASP E 79 -20.17 -22.42 12.94
C ASP E 79 -20.86 -21.89 14.16
N HIS E 80 -20.70 -22.60 15.28
CA HIS E 80 -21.36 -22.24 16.52
C HIS E 80 -20.90 -20.89 17.13
N TYR E 81 -19.59 -20.63 17.12
CA TYR E 81 -19.08 -19.39 17.68
C TYR E 81 -19.65 -18.20 16.94
N ALA E 82 -19.63 -18.30 15.61
CA ALA E 82 -19.93 -17.18 14.72
C ALA E 82 -21.42 -16.92 14.76
N GLY E 83 -22.16 -17.98 15.03
CA GLY E 83 -23.60 -17.89 15.21
C GLY E 83 -23.89 -17.12 16.48
N GLN E 84 -23.06 -17.34 17.50
CA GLN E 84 -23.14 -16.57 18.74
C GLN E 84 -23.00 -15.07 18.51
N LEU E 85 -21.97 -14.69 17.76
CA LEU E 85 -21.67 -13.28 17.53
C LEU E 85 -22.71 -12.59 16.64
N MET E 86 -23.52 -13.37 15.94
CA MET E 86 -24.53 -12.79 15.06
C MET E 86 -25.48 -11.89 15.83
N SER E 87 -25.86 -12.37 17.02
CA SER E 87 -26.82 -11.70 17.89
C SER E 87 -26.38 -10.31 18.31
N LEU E 88 -25.07 -10.12 18.38
CA LEU E 88 -24.55 -8.83 18.75
C LEU E 88 -24.89 -7.74 17.73
N ASP E 89 -25.24 -8.15 16.51
CA ASP E 89 -25.54 -7.21 15.43
C ASP E 89 -24.38 -6.27 15.17
N ILE E 90 -23.18 -6.82 15.08
CA ILE E 90 -21.94 -6.05 14.89
C ILE E 90 -21.86 -5.25 13.59
N ASN E 91 -21.89 -3.92 13.67
CA ASN E 91 -21.64 -3.08 12.50
C ASN E 91 -20.43 -3.58 11.72
N THR E 92 -20.58 -3.81 10.41
CA THR E 92 -19.51 -4.40 9.61
C THR E 92 -18.78 -3.43 8.67
N GLU E 93 -19.04 -2.13 8.81
CA GLU E 93 -18.41 -1.16 7.92
C GLU E 93 -16.99 -0.91 8.27
N GLN E 94 -16.20 -0.48 7.29
CA GLN E 94 -14.92 0.13 7.59
C GLN E 94 -15.19 1.26 8.57
N MET E 95 -14.19 1.59 9.37
CA MET E 95 -14.26 2.72 10.25
C MET E 95 -13.47 3.84 9.62
N CYS E 96 -14.01 5.06 9.61
CA CYS E 96 -13.34 6.18 8.96
C CYS E 96 -11.94 6.37 9.54
N LEU E 97 -11.03 6.95 8.76
CA LEU E 97 -9.66 7.14 9.20
C LEU E 97 -9.55 8.00 10.47
N GLU E 98 -10.48 8.94 10.65
CA GLU E 98 -10.40 9.82 11.82
C GLU E 98 -10.65 9.05 13.12
N ASP E 99 -11.62 8.14 13.09
CA ASP E 99 -11.89 7.32 14.26
C ASP E 99 -10.81 6.25 14.45
N ALA E 100 -10.33 5.66 13.35
CA ALA E 100 -9.30 4.66 13.48
C ALA E 100 -8.14 5.32 14.19
N MET E 101 -7.92 6.59 13.88
CA MET E 101 -6.85 7.33 14.53
C MET E 101 -7.17 7.80 15.95
N TYR E 102 -8.28 8.52 16.13
CA TYR E 102 -8.46 9.29 17.34
C TYR E 102 -9.51 8.73 18.26
N GLY E 103 -10.00 7.55 17.91
CA GLY E 103 -10.96 6.85 18.74
C GLY E 103 -12.40 7.30 18.54
N THR E 104 -13.32 6.52 19.09
CA THR E 104 -14.76 6.68 18.92
C THR E 104 -15.40 5.85 20.04
N ASP E 105 -16.73 5.76 20.10
CA ASP E 105 -17.34 4.94 21.13
C ASP E 105 -16.93 3.48 21.00
N GLY E 106 -16.27 2.98 22.05
CA GLY E 106 -15.85 1.60 22.12
C GLY E 106 -14.41 1.35 21.72
N LEU E 107 -13.78 2.36 21.11
CA LEU E 107 -12.40 2.26 20.66
C LEU E 107 -11.66 3.49 21.13
N GLU E 108 -10.59 3.30 21.89
CA GLU E 108 -9.75 4.40 22.34
C GLU E 108 -8.94 5.00 21.19
N ALA E 109 -8.22 6.08 21.42
CA ALA E 109 -7.36 6.62 20.39
C ALA E 109 -6.07 5.86 20.45
N LEU E 110 -5.27 5.97 19.39
CA LEU E 110 -3.97 5.36 19.39
C LEU E 110 -3.17 5.93 20.54
N ASP E 111 -2.33 5.11 21.16
CA ASP E 111 -1.47 5.54 22.24
C ASP E 111 -0.33 6.41 21.75
N LEU E 112 -0.47 7.71 21.96
CA LEU E 112 0.54 8.69 21.53
C LEU E 112 1.86 8.64 22.31
N SER E 113 2.04 7.67 23.18
CA SER E 113 3.22 7.64 24.02
C SER E 113 4.02 6.38 23.82
N THR E 114 3.64 5.61 22.80
CA THR E 114 4.33 4.41 22.40
C THR E 114 4.75 4.65 20.97
N SER E 115 5.74 3.89 20.47
CA SER E 115 6.40 4.28 19.21
C SER E 115 5.58 3.99 17.97
N ALA E 116 5.97 4.59 16.85
CA ALA E 116 5.27 4.36 15.58
C ALA E 116 5.80 3.17 14.78
N GLY E 117 6.73 2.42 15.34
CA GLY E 117 7.22 1.23 14.68
C GLY E 117 8.00 1.49 13.41
N TYR E 118 8.16 0.47 12.58
CA TYR E 118 8.83 0.65 11.29
C TYR E 118 7.93 1.47 10.33
N PRO E 119 8.51 2.41 9.57
CA PRO E 119 9.92 2.80 9.50
C PRO E 119 10.20 3.99 10.41
N TYR E 120 9.15 4.67 10.87
CA TYR E 120 9.27 5.90 11.63
C TYR E 120 10.29 5.80 12.75
N VAL E 121 10.45 4.59 13.28
CA VAL E 121 11.31 4.30 14.41
C VAL E 121 12.76 4.57 14.08
N ALA E 122 13.14 4.31 12.84
CA ALA E 122 14.52 4.49 12.41
C ALA E 122 14.72 5.85 11.69
N MET E 123 13.65 6.64 11.63
CA MET E 123 13.73 7.98 11.06
C MET E 123 13.73 9.02 12.18
N GLY E 124 13.60 8.55 13.42
CA GLY E 124 13.40 9.41 14.58
C GLY E 124 12.10 10.21 14.48
N LYS E 125 11.06 9.55 13.96
CA LYS E 125 9.72 10.13 13.85
C LYS E 125 8.82 9.45 14.91
N LYS E 126 7.90 10.20 15.51
CA LYS E 126 7.04 9.64 16.57
C LYS E 126 5.57 9.91 16.30
N LYS E 127 4.68 9.26 17.04
CA LYS E 127 3.24 9.43 16.83
C LYS E 127 2.80 10.88 17.05
N ARG E 128 3.42 11.52 18.04
CA ARG E 128 3.11 12.91 18.37
C ARG E 128 3.32 13.84 17.18
N ASP E 129 4.29 13.50 16.32
CA ASP E 129 4.60 14.31 15.15
C ASP E 129 3.48 14.20 14.12
N ILE E 130 2.87 13.02 14.09
CA ILE E 130 1.97 12.66 13.01
C ILE E 130 0.53 12.93 13.43
N LEU E 131 0.20 12.57 14.67
CA LEU E 131 -1.14 12.74 15.22
C LEU E 131 -1.31 13.99 16.10
N ASN E 132 -2.55 14.50 16.12
CA ASN E 132 -2.92 15.69 16.87
C ASN E 132 -4.34 15.52 17.42
N LYS E 133 -4.45 15.15 18.69
CA LYS E 133 -5.74 14.85 19.33
C LYS E 133 -6.73 16.03 19.37
N GLN E 134 -6.22 17.24 19.59
CA GLN E 134 -7.06 18.42 19.63
C GLN E 134 -7.76 18.60 18.30
N THR E 135 -6.96 18.57 17.25
CA THR E 135 -7.42 18.79 15.89
C THR E 135 -8.05 17.54 15.28
N ARG E 136 -7.70 16.36 15.78
CA ARG E 136 -8.08 15.12 15.09
C ARG E 136 -7.70 15.20 13.60
N ASP E 137 -6.47 15.59 13.31
CA ASP E 137 -6.04 15.80 11.94
C ASP E 137 -5.58 14.52 11.28
N THR E 138 -6.32 14.10 10.27
CA THR E 138 -6.03 12.85 9.58
C THR E 138 -5.19 13.05 8.32
N LYS E 139 -4.75 14.28 8.07
CA LYS E 139 -4.14 14.62 6.78
C LYS E 139 -2.73 14.07 6.61
N GLU E 140 -1.87 14.33 7.59
CA GLU E 140 -0.49 13.82 7.56
C GLU E 140 -0.38 12.29 7.71
N MET E 141 -1.39 11.66 8.31
CA MET E 141 -1.43 10.21 8.40
C MET E 141 -1.73 9.61 7.02
N GLN E 142 -2.66 10.23 6.29
CA GLN E 142 -3.03 9.78 4.96
C GLN E 142 -1.84 9.82 4.02
N LYS E 143 -1.18 10.99 3.96
CA LYS E 143 0.07 11.16 3.25
C LYS E 143 1.11 10.05 3.56
N LEU E 144 1.22 9.69 4.83
CA LEU E 144 2.11 8.60 5.26
C LEU E 144 1.59 7.23 4.81
N LEU E 145 0.27 7.11 4.73
CA LEU E 145 -0.35 5.89 4.29
C LEU E 145 -0.10 5.66 2.79
N ASP E 146 -0.26 6.71 2.01
CA ASP E 146 0.03 6.71 0.59
C ASP E 146 1.51 6.38 0.37
N THR E 147 2.37 7.01 1.15
CA THR E 147 3.82 6.88 0.95
C THR E 147 4.40 5.52 1.29
N TYR E 148 4.02 4.95 2.42
CA TYR E 148 4.68 3.74 2.96
C TYR E 148 3.82 2.49 2.93
N GLY E 149 2.53 2.68 2.68
CA GLY E 149 1.60 1.58 2.57
C GLY E 149 1.46 0.76 3.84
N ILE E 150 0.95 -0.46 3.70
CA ILE E 150 0.78 -1.34 4.84
C ILE E 150 1.58 -2.63 4.68
N ASN E 151 1.27 -3.62 5.49
CA ASN E 151 2.08 -4.82 5.62
C ASN E 151 3.59 -4.57 5.89
N LEU E 152 3.90 -3.48 6.59
CA LEU E 152 5.27 -3.22 7.06
C LEU E 152 5.72 -4.24 8.10
N PRO E 153 7.05 -4.44 8.25
CA PRO E 153 7.48 -5.45 9.22
C PRO E 153 7.32 -4.94 10.67
N LEU E 154 7.19 -5.87 11.60
CA LEU E 154 7.08 -5.53 13.02
C LEU E 154 8.46 -5.52 13.67
N VAL E 155 8.67 -4.64 14.63
CA VAL E 155 9.95 -4.56 15.33
C VAL E 155 9.89 -5.30 16.66
N THR E 156 10.60 -6.42 16.72
CA THR E 156 10.66 -7.24 17.93
C THR E 156 11.42 -6.54 19.07
N TYR E 157 10.92 -6.71 20.29
CA TYR E 157 11.46 -6.09 21.50
C TYR E 157 11.28 -7.04 22.68
N VAL E 158 12.26 -7.09 23.57
CA VAL E 158 12.07 -7.84 24.80
C VAL E 158 11.35 -6.96 25.83
N LYS E 159 10.29 -7.50 26.42
CA LYS E 159 9.51 -6.75 27.38
C LYS E 159 10.28 -6.62 28.69
N ASP E 160 10.41 -5.38 29.14
CA ASP E 160 11.03 -5.07 30.41
C ASP E 160 9.97 -5.25 31.53
N GLU E 161 10.01 -6.39 32.21
CA GLU E 161 8.99 -6.72 33.23
C GLU E 161 9.52 -7.70 34.29
N LEU E 162 8.81 -7.83 35.41
CA LEU E 162 9.28 -8.71 36.48
C LEU E 162 9.15 -10.17 36.08
N ARG E 163 10.13 -10.97 36.45
CA ARG E 163 10.16 -12.38 36.05
C ARG E 163 10.55 -13.25 37.23
N SER E 164 10.15 -14.52 37.21
CA SER E 164 10.55 -15.47 38.26
C SER E 164 12.05 -15.73 38.20
N LYS E 165 12.56 -16.55 39.11
CA LYS E 165 13.97 -16.87 39.08
C LYS E 165 14.33 -17.80 37.91
N THR E 166 13.56 -18.87 37.74
CA THR E 166 13.84 -19.83 36.67
C THR E 166 13.76 -19.15 35.31
N LYS E 167 12.90 -18.13 35.23
CA LYS E 167 12.68 -17.39 33.99
C LYS E 167 13.82 -16.41 33.69
N VAL E 168 14.55 -16.02 34.72
CA VAL E 168 15.71 -15.17 34.51
C VAL E 168 16.92 -16.02 34.14
N GLU E 169 17.08 -17.13 34.83
CA GLU E 169 18.21 -18.02 34.64
C GLU E 169 18.09 -18.80 33.34
N GLN E 170 16.88 -19.02 32.87
CA GLN E 170 16.66 -19.74 31.61
C GLN E 170 16.44 -18.78 30.44
N GLY E 171 16.72 -17.50 30.69
CA GLY E 171 16.51 -16.48 29.69
C GLY E 171 15.17 -16.60 29.00
N LYS E 172 14.13 -16.95 29.76
CA LYS E 172 12.78 -17.00 29.21
C LYS E 172 12.04 -15.66 29.33
N SER E 173 12.54 -14.66 28.62
CA SER E 173 11.95 -13.32 28.61
C SER E 173 10.87 -13.27 27.55
N ARG E 174 9.90 -12.37 27.74
CA ARG E 174 8.78 -12.20 26.81
C ARG E 174 9.06 -11.16 25.75
N LEU E 175 8.65 -11.45 24.51
CA LEU E 175 8.99 -10.66 23.34
C LEU E 175 7.75 -10.03 22.76
N ILE E 176 7.72 -8.70 22.64
CA ILE E 176 6.61 -8.10 21.90
C ILE E 176 6.95 -7.67 20.45
N GLU E 177 5.90 -7.50 19.65
CA GLU E 177 6.05 -7.10 18.26
C GLU E 177 5.50 -5.71 18.10
N ALA E 178 6.38 -4.75 17.86
CA ALA E 178 5.97 -3.37 17.73
C ALA E 178 5.32 -3.06 16.35
N SER E 179 4.00 -3.22 16.28
CA SER E 179 3.24 -2.89 15.08
C SER E 179 3.53 -1.47 14.62
N SER E 180 3.67 -1.31 13.30
CA SER E 180 3.88 -0.03 12.66
C SER E 180 2.62 0.81 12.77
N LEU E 181 2.79 2.13 12.83
CA LEU E 181 1.65 3.03 12.96
C LEU E 181 0.73 2.92 11.76
N ASN E 182 1.28 2.56 10.60
CA ASN E 182 0.48 2.35 9.38
C ASN E 182 -0.48 1.16 9.46
N ASP E 183 0.01 0.02 9.93
CA ASP E 183 -0.84 -1.16 10.10
C ASP E 183 -1.88 -1.03 11.23
N SER E 184 -1.49 -0.42 12.35
CA SER E 184 -2.47 -0.10 13.41
C SER E 184 -3.59 0.74 12.83
N VAL E 185 -3.25 1.76 12.06
CA VAL E 185 -4.29 2.52 11.39
C VAL E 185 -5.04 1.71 10.35
N ALA E 186 -4.32 0.92 9.55
CA ALA E 186 -5.01 0.09 8.56
C ALA E 186 -5.97 -0.91 9.23
N MET E 187 -5.45 -1.64 10.21
CA MET E 187 -6.20 -2.65 10.93
C MET E 187 -7.42 -2.10 11.67
N ARG E 188 -7.29 -0.91 12.24
CA ARG E 188 -8.39 -0.33 13.00
C ARG E 188 -9.51 0.20 12.08
N MET E 189 -9.15 0.65 10.88
CA MET E 189 -10.18 1.03 9.91
C MET E 189 -10.98 -0.18 9.46
N ALA E 190 -10.32 -1.32 9.34
CA ALA E 190 -10.98 -2.54 8.90
C ALA E 190 -11.84 -3.13 10.00
N PHE E 191 -11.31 -3.12 11.22
CA PHE E 191 -11.80 -3.99 12.28
C PHE E 191 -12.30 -3.24 13.51
N GLY E 192 -12.16 -1.91 13.49
CA GLY E 192 -12.55 -1.05 14.61
C GLY E 192 -13.97 -1.23 15.14
N ASN E 193 -14.93 -1.43 14.24
CA ASN E 193 -16.28 -1.72 14.66
C ASN E 193 -16.43 -3.08 15.31
N LEU E 194 -15.53 -4.00 15.01
CA LEU E 194 -15.51 -5.29 15.70
C LEU E 194 -14.86 -5.16 17.10
N TYR E 195 -13.68 -4.56 17.18
CA TYR E 195 -13.07 -4.24 18.47
C TYR E 195 -14.08 -3.52 19.39
N ALA E 196 -14.81 -2.53 18.90
CA ALA E 196 -15.73 -1.84 19.78
C ALA E 196 -16.85 -2.75 20.33
N ALA E 197 -17.47 -3.55 19.47
CA ALA E 197 -18.51 -4.49 19.89
C ALA E 197 -17.99 -5.35 21.01
N PHE E 198 -16.77 -5.83 20.85
CA PHE E 198 -16.17 -6.68 21.87
C PHE E 198 -15.98 -5.93 23.18
N HIS E 199 -15.34 -4.77 23.09
CA HIS E 199 -15.19 -3.89 24.24
C HIS E 199 -16.51 -3.62 24.97
N LYS E 200 -17.60 -3.39 24.23
CA LYS E 200 -18.87 -3.10 24.85
C LYS E 200 -19.61 -4.32 25.41
N ASN E 201 -19.09 -5.51 25.20
CA ASN E 201 -19.86 -6.70 25.55
C ASN E 201 -19.04 -7.83 26.12
N PRO E 202 -18.37 -7.58 27.25
CA PRO E 202 -17.74 -8.69 27.98
C PRO E 202 -18.82 -9.64 28.51
N GLY E 203 -18.54 -10.93 28.47
CA GLY E 203 -19.53 -11.92 28.84
C GLY E 203 -19.44 -13.16 27.99
N VAL E 204 -20.52 -13.96 28.00
CA VAL E 204 -20.53 -15.28 27.39
C VAL E 204 -21.02 -15.31 25.93
N ILE E 205 -21.49 -14.17 25.42
CA ILE E 205 -21.90 -14.08 24.01
C ILE E 205 -20.69 -13.91 23.13
N THR E 206 -19.79 -13.03 23.56
CA THR E 206 -18.51 -12.80 22.87
C THR E 206 -17.42 -13.80 23.30
N GLY E 207 -17.58 -14.38 24.48
CA GLY E 207 -16.56 -15.24 25.03
C GLY E 207 -15.32 -14.48 25.46
N SER E 208 -15.49 -13.18 25.76
CA SER E 208 -14.34 -12.32 26.05
C SER E 208 -14.50 -11.46 27.29
N ALA E 209 -13.41 -11.26 28.02
CA ALA E 209 -13.46 -10.36 29.16
C ALA E 209 -12.89 -8.98 28.86
N VAL E 210 -12.28 -8.80 27.68
CA VAL E 210 -11.75 -7.48 27.33
C VAL E 210 -12.90 -6.50 27.46
N GLY E 211 -12.67 -5.41 28.20
CA GLY E 211 -13.73 -4.46 28.48
C GLY E 211 -14.36 -4.62 29.86
N CYS E 212 -13.97 -5.65 30.61
CA CYS E 212 -14.55 -5.86 31.94
C CYS E 212 -13.79 -5.13 33.05
N ASP E 213 -14.45 -5.02 34.20
CA ASP E 213 -13.89 -4.42 35.40
C ASP E 213 -14.15 -5.36 36.53
N PRO E 214 -13.15 -6.18 36.89
CA PRO E 214 -13.26 -7.29 37.85
C PRO E 214 -13.99 -6.95 39.16
N ASP E 215 -13.80 -5.76 39.70
CA ASP E 215 -14.59 -5.29 40.84
C ASP E 215 -16.07 -5.49 40.61
N LEU E 216 -16.53 -5.41 39.36
CA LEU E 216 -17.96 -5.52 39.08
C LEU E 216 -18.36 -6.76 38.32
N PHE E 217 -17.39 -7.38 37.66
CA PHE E 217 -17.70 -8.41 36.69
C PHE E 217 -17.65 -9.75 37.38
N TRP E 218 -16.92 -9.82 38.49
CA TRP E 218 -16.87 -11.03 39.31
C TRP E 218 -18.24 -11.43 39.86
N SER E 219 -19.10 -10.43 40.13
CA SER E 219 -20.47 -10.68 40.57
C SER E 219 -21.36 -11.23 39.48
N LYS E 220 -20.95 -11.04 38.22
CA LYS E 220 -21.72 -11.46 37.05
C LYS E 220 -21.34 -12.86 36.63
N ILE E 221 -20.06 -13.18 36.73
CA ILE E 221 -19.50 -14.39 36.14
C ILE E 221 -20.11 -15.68 36.63
N PRO E 222 -20.34 -15.80 37.95
CA PRO E 222 -20.96 -17.04 38.42
C PRO E 222 -22.40 -17.22 37.92
N VAL E 223 -23.15 -16.13 37.77
CA VAL E 223 -24.52 -16.21 37.27
C VAL E 223 -24.56 -16.53 35.76
N LEU E 224 -23.40 -16.51 35.13
CA LEU E 224 -23.32 -16.68 33.70
C LEU E 224 -22.80 -18.06 33.38
N MET E 225 -22.06 -18.63 34.33
CA MET E 225 -21.49 -19.94 34.14
C MET E 225 -22.59 -20.99 34.33
N GLU E 226 -22.44 -22.14 33.68
CA GLU E 226 -23.26 -23.29 33.94
C GLU E 226 -22.78 -23.94 35.25
N GLU E 227 -23.23 -25.17 35.52
CA GLU E 227 -23.06 -25.74 36.84
C GLU E 227 -21.64 -26.18 37.19
N LYS E 228 -20.93 -26.73 36.22
CA LYS E 228 -19.61 -27.30 36.49
C LYS E 228 -18.52 -26.56 35.72
N LEU E 229 -17.41 -26.24 36.39
CA LEU E 229 -16.35 -25.43 35.80
C LEU E 229 -15.14 -26.23 35.34
N PHE E 230 -14.48 -25.74 34.29
CA PHE E 230 -13.13 -26.15 33.97
C PHE E 230 -12.36 -24.91 33.55
N ALA E 231 -11.04 -24.99 33.53
CA ALA E 231 -10.28 -23.78 33.26
C ALA E 231 -8.86 -24.08 32.83
N PHE E 232 -8.28 -23.16 32.05
CA PHE E 232 -6.96 -23.34 31.47
C PHE E 232 -6.21 -22.03 31.41
N ASP E 233 -4.89 -22.18 31.28
CA ASP E 233 -4.02 -21.19 30.66
C ASP E 233 -3.38 -22.01 29.51
N TYR E 234 -2.54 -21.38 28.69
CA TYR E 234 -1.72 -22.15 27.73
C TYR E 234 -0.26 -21.81 27.88
N THR E 235 0.59 -22.73 27.46
CA THR E 235 2.01 -22.45 27.31
C THR E 235 2.30 -21.81 25.94
N GLY E 236 3.02 -20.69 25.98
CA GLY E 236 3.39 -19.95 24.77
C GLY E 236 2.26 -19.88 23.74
N TYR E 237 1.22 -19.13 24.06
CA TYR E 237 0.01 -19.10 23.24
C TYR E 237 0.25 -18.59 21.84
N ASP E 238 0.60 -17.31 21.74
CA ASP E 238 0.72 -16.68 20.43
C ASP E 238 1.51 -17.54 19.45
N ALA E 239 2.64 -18.06 19.88
CA ALA E 239 3.57 -18.78 19.04
C ALA E 239 3.26 -20.28 18.87
N SER E 240 2.18 -20.75 19.48
CA SER E 240 1.76 -22.15 19.42
C SER E 240 0.56 -22.32 18.48
N LEU E 241 0.13 -21.21 17.90
CA LEU E 241 -0.96 -21.22 16.96
C LEU E 241 -0.41 -21.60 15.60
N SER E 242 -1.03 -22.58 14.97
CA SER E 242 -0.67 -22.96 13.61
C SER E 242 -1.72 -22.42 12.63
N PRO E 243 -1.34 -22.29 11.34
CA PRO E 243 -2.12 -21.61 10.30
C PRO E 243 -3.59 -22.04 10.25
N ALA E 244 -3.87 -23.25 10.72
CA ALA E 244 -5.23 -23.76 10.70
C ALA E 244 -6.18 -22.85 11.48
N TRP E 245 -5.70 -22.34 12.63
CA TRP E 245 -6.52 -21.52 13.50
C TRP E 245 -6.77 -20.14 12.92
N PHE E 246 -5.84 -19.64 12.12
CA PHE E 246 -6.04 -18.37 11.43
C PHE E 246 -7.04 -18.49 10.29
N GLU E 247 -7.02 -19.61 9.57
CA GLU E 247 -8.07 -19.86 8.59
C GLU E 247 -9.42 -20.01 9.27
N ALA E 248 -9.43 -20.59 10.46
CA ALA E 248 -10.67 -20.74 11.19
C ALA E 248 -11.20 -19.37 11.58
N LEU E 249 -10.28 -18.46 11.89
CA LEU E 249 -10.63 -17.09 12.31
C LEU E 249 -11.12 -16.29 11.11
N LYS E 250 -10.36 -16.38 10.03
CA LYS E 250 -10.80 -15.86 8.75
C LYS E 250 -12.24 -16.32 8.48
N MET E 251 -12.53 -17.57 8.80
CA MET E 251 -13.85 -18.14 8.57
C MET E 251 -14.93 -17.52 9.46
N VAL E 252 -14.58 -17.23 10.71
CA VAL E 252 -15.54 -16.55 11.57
C VAL E 252 -15.80 -15.18 10.99
N LEU E 253 -14.72 -14.44 10.71
CA LEU E 253 -14.86 -13.08 10.18
C LEU E 253 -15.77 -12.97 8.92
N GLU E 254 -15.50 -13.79 7.90
CA GLU E 254 -16.38 -13.89 6.72
C GLU E 254 -17.87 -14.10 7.08
N LYS E 255 -18.16 -15.05 7.98
CA LYS E 255 -19.55 -15.34 8.39
C LYS E 255 -20.25 -14.21 9.16
N ILE E 256 -19.50 -13.33 9.81
CA ILE E 256 -20.13 -12.21 10.50
C ILE E 256 -20.12 -10.93 9.69
N GLY E 257 -19.49 -10.95 8.52
CA GLY E 257 -19.60 -9.85 7.57
C GLY E 257 -18.30 -9.13 7.30
N PHE E 258 -17.19 -9.72 7.70
CA PHE E 258 -15.87 -9.11 7.49
C PHE E 258 -15.08 -9.72 6.32
N GLY E 259 -15.79 -10.51 5.49
CA GLY E 259 -15.21 -11.21 4.36
C GLY E 259 -14.19 -10.41 3.57
N ASP E 260 -14.55 -9.20 3.14
CA ASP E 260 -13.65 -8.33 2.37
C ASP E 260 -12.27 -8.09 2.98
N ARG E 261 -12.19 -7.88 4.29
CA ARG E 261 -10.88 -7.63 4.90
C ARG E 261 -10.19 -8.84 5.55
N VAL E 262 -10.76 -10.04 5.43
CA VAL E 262 -10.09 -11.24 5.94
C VAL E 262 -8.64 -11.41 5.48
N ASP E 263 -8.22 -10.60 4.52
CA ASP E 263 -6.85 -10.70 4.05
C ASP E 263 -5.86 -10.26 5.10
N TYR E 264 -6.19 -9.19 5.83
CA TYR E 264 -5.32 -8.69 6.89
C TYR E 264 -4.86 -9.83 7.77
N ILE E 265 -5.77 -10.75 8.05
CA ILE E 265 -5.49 -11.90 8.91
C ILE E 265 -4.33 -12.72 8.34
N ASP E 266 -4.16 -12.72 7.01
CA ASP E 266 -3.02 -13.41 6.43
C ASP E 266 -1.71 -12.69 6.77
N TYR E 267 -1.76 -11.37 6.90
CA TYR E 267 -0.55 -10.61 7.26
C TYR E 267 -0.14 -10.82 8.74
N LEU E 268 -1.09 -11.30 9.53
CA LEU E 268 -0.82 -11.71 10.90
C LEU E 268 -0.22 -13.11 10.92
N ASN E 269 -0.85 -14.00 10.14
CA ASN E 269 -0.43 -15.38 9.96
C ASN E 269 0.95 -15.58 9.32
N HIS E 270 1.35 -14.66 8.45
CA HIS E 270 2.69 -14.68 7.84
C HIS E 270 3.30 -13.29 7.93
N SER E 271 4.20 -13.13 8.89
CA SER E 271 4.70 -11.81 9.25
C SER E 271 6.23 -11.71 9.20
N HIS E 272 6.74 -10.49 9.07
CA HIS E 272 8.17 -10.25 9.08
C HIS E 272 8.51 -9.34 10.23
N HIS E 273 9.64 -9.62 10.87
CA HIS E 273 10.03 -8.87 12.03
C HIS E 273 11.47 -8.39 11.93
N LEU E 274 11.75 -7.26 12.56
CA LEU E 274 13.11 -6.80 12.72
C LEU E 274 13.56 -7.01 14.16
N TYR E 275 14.65 -7.74 14.36
CA TYR E 275 15.18 -7.93 15.71
C TYR E 275 16.68 -7.64 15.83
N LYS E 276 17.02 -6.52 16.46
CA LYS E 276 18.39 -6.06 16.48
C LYS E 276 18.92 -6.07 15.04
N ASN E 277 19.95 -6.86 14.76
CA ASN E 277 20.53 -6.84 13.41
C ASN E 277 19.76 -7.70 12.43
N LYS E 278 19.27 -8.83 12.91
CA LYS E 278 18.57 -9.80 12.07
C LYS E 278 17.30 -9.28 11.42
N THR E 279 16.74 -10.11 10.54
CA THR E 279 15.42 -9.92 9.94
C THR E 279 14.87 -11.31 9.73
N TYR E 280 13.67 -11.60 10.26
CA TYR E 280 13.15 -12.95 10.18
C TYR E 280 11.67 -13.03 9.86
N CYS E 281 11.25 -14.21 9.43
CA CYS E 281 9.90 -14.37 8.91
C CYS E 281 9.19 -15.52 9.63
N VAL E 282 7.93 -15.31 9.94
CA VAL E 282 7.21 -16.28 10.75
C VAL E 282 5.93 -16.69 10.04
N LYS E 283 5.58 -17.97 10.17
CA LYS E 283 4.31 -18.49 9.65
C LYS E 283 3.54 -19.22 10.74
N GLY E 284 2.25 -18.90 10.86
CA GLY E 284 1.51 -19.25 12.06
C GLY E 284 1.90 -18.22 13.10
N GLY E 285 1.60 -18.45 14.38
CA GLY E 285 1.94 -17.50 15.43
C GLY E 285 1.25 -16.13 15.39
N MET E 286 0.63 -15.73 16.49
CA MET E 286 0.06 -14.40 16.58
C MET E 286 1.17 -13.38 16.85
N PRO E 287 1.27 -12.33 16.00
CA PRO E 287 2.29 -11.29 16.21
C PRO E 287 1.94 -10.34 17.37
N SER E 288 2.12 -10.78 18.63
CA SER E 288 1.71 -10.01 19.83
C SER E 288 2.26 -8.60 19.84
N GLY E 289 1.36 -7.62 19.69
CA GLY E 289 1.81 -6.26 19.45
C GLY E 289 1.10 -5.68 18.25
N CYS E 290 0.51 -6.55 17.43
CA CYS E 290 -0.28 -6.13 16.28
C CYS E 290 -1.63 -5.65 16.78
N SER E 291 -2.36 -4.87 15.99
CA SER E 291 -3.73 -4.51 16.36
C SER E 291 -4.63 -5.76 16.46
N GLY E 292 -5.40 -5.81 17.53
CA GLY E 292 -6.33 -6.90 17.73
C GLY E 292 -5.78 -8.09 18.48
N THR E 293 -4.49 -8.06 18.85
CA THR E 293 -3.90 -9.13 19.67
C THR E 293 -4.85 -9.77 20.71
N SER E 294 -5.31 -8.96 21.66
CA SER E 294 -6.31 -9.40 22.61
C SER E 294 -7.58 -10.03 22.01
N ILE E 295 -8.23 -9.32 21.07
CA ILE E 295 -9.48 -9.82 20.54
C ILE E 295 -9.28 -11.09 19.71
N PHE E 296 -8.22 -11.17 18.93
CA PHE E 296 -8.04 -12.34 18.10
C PHE E 296 -7.63 -13.53 18.93
N ASN E 297 -6.77 -13.32 19.94
CA ASN E 297 -6.46 -14.40 20.90
C ASN E 297 -7.70 -15.02 21.57
N SER E 298 -8.53 -14.16 22.16
CA SER E 298 -9.74 -14.58 22.84
C SER E 298 -10.74 -15.28 21.90
N MET E 299 -10.88 -14.74 20.69
CA MET E 299 -11.69 -15.38 19.65
C MET E 299 -11.13 -16.79 19.32
N ILE E 300 -9.85 -16.88 18.97
CA ILE E 300 -9.28 -18.19 18.69
C ILE E 300 -9.48 -19.14 19.87
N ASN E 301 -9.32 -18.64 21.10
CA ASN E 301 -9.62 -19.47 22.26
C ASN E 301 -11.02 -20.09 22.14
N ASN E 302 -12.06 -19.26 21.99
CA ASN E 302 -13.43 -19.79 21.81
C ASN E 302 -13.54 -20.90 20.80
N LEU E 303 -12.66 -20.89 19.80
CA LEU E 303 -12.70 -21.92 18.76
C LEU E 303 -12.02 -23.15 19.29
N ILE E 304 -10.76 -22.98 19.69
CA ILE E 304 -9.98 -24.02 20.34
C ILE E 304 -10.78 -24.80 21.39
N ILE E 305 -11.66 -24.11 22.12
CA ILE E 305 -12.32 -24.76 23.23
C ILE E 305 -13.56 -25.51 22.77
N ARG E 306 -14.28 -24.96 21.80
CA ARG E 306 -15.40 -25.70 21.23
C ARG E 306 -14.87 -26.94 20.49
N THR E 307 -13.86 -26.74 19.64
CA THR E 307 -13.20 -27.81 18.91
C THR E 307 -12.85 -29.02 19.77
N LEU E 308 -12.27 -28.76 20.95
CA LEU E 308 -11.77 -29.84 21.79
C LEU E 308 -12.90 -30.58 22.53
N LEU E 309 -14.00 -29.88 22.77
CA LEU E 309 -15.16 -30.52 23.36
C LEU E 309 -15.82 -31.42 22.34
N LEU E 310 -16.04 -30.91 21.12
CA LEU E 310 -16.65 -31.71 20.06
C LEU E 310 -15.88 -33.01 19.80
N LYS E 311 -14.56 -32.94 19.83
CA LYS E 311 -13.69 -34.11 19.67
C LYS E 311 -13.73 -35.08 20.86
N THR E 312 -13.73 -34.55 22.08
CA THR E 312 -13.59 -35.40 23.26
C THR E 312 -14.93 -35.91 23.80
N TYR E 313 -16.01 -35.19 23.51
CA TYR E 313 -17.30 -35.54 24.12
C TYR E 313 -18.42 -35.60 23.08
N LYS E 314 -18.58 -36.78 22.49
CA LYS E 314 -19.52 -36.98 21.41
C LYS E 314 -20.92 -36.58 21.85
N GLY E 315 -21.56 -35.73 21.06
CA GLY E 315 -22.90 -35.25 21.36
C GLY E 315 -22.96 -34.08 22.33
N ILE E 316 -21.80 -33.52 22.69
CA ILE E 316 -21.76 -32.34 23.54
C ILE E 316 -22.54 -31.20 22.90
N ASP E 317 -23.34 -30.49 23.70
CA ASP E 317 -24.16 -29.39 23.20
C ASP E 317 -23.47 -28.03 23.45
N LEU E 318 -22.91 -27.43 22.40
CA LEU E 318 -22.16 -26.22 22.60
C LEU E 318 -23.06 -25.08 23.05
N ASP E 319 -24.36 -25.23 22.86
CA ASP E 319 -25.30 -24.21 23.34
C ASP E 319 -25.33 -24.09 24.88
N HIS E 320 -24.84 -25.12 25.58
CA HIS E 320 -24.77 -25.10 27.04
C HIS E 320 -23.35 -24.90 27.54
N LEU E 321 -22.46 -24.57 26.62
CA LEU E 321 -21.14 -24.13 27.01
C LEU E 321 -21.19 -22.63 27.36
N LYS E 322 -20.58 -22.27 28.47
CA LYS E 322 -20.40 -20.87 28.80
C LYS E 322 -18.93 -20.65 29.11
N MET E 323 -18.28 -19.72 28.40
CA MET E 323 -16.85 -19.50 28.59
C MET E 323 -16.44 -18.04 28.36
N ILE E 324 -15.45 -17.61 29.13
CA ILE E 324 -14.98 -16.25 29.06
C ILE E 324 -13.48 -16.33 28.91
N ALA E 325 -12.96 -15.61 27.92
CA ALA E 325 -11.54 -15.64 27.67
C ALA E 325 -10.97 -14.23 27.72
N TYR E 326 -9.69 -14.16 28.11
CA TYR E 326 -8.89 -12.96 27.96
C TYR E 326 -7.56 -13.37 27.38
N GLY E 327 -7.52 -13.45 26.06
CA GLY E 327 -6.37 -14.05 25.39
C GLY E 327 -6.43 -15.54 25.66
N ASP E 328 -5.36 -16.13 26.17
CA ASP E 328 -5.37 -17.56 26.36
C ASP E 328 -6.10 -17.89 27.66
N ASP E 329 -5.99 -17.00 28.64
CA ASP E 329 -6.71 -17.13 29.90
C ASP E 329 -8.21 -17.43 29.66
N VAL E 330 -8.72 -18.51 30.25
CA VAL E 330 -10.13 -18.86 30.09
C VAL E 330 -10.72 -19.47 31.34
N ILE E 331 -11.96 -19.07 31.64
CA ILE E 331 -12.82 -19.76 32.60
C ILE E 331 -14.08 -20.21 31.83
N ALA E 332 -14.49 -21.45 32.07
CA ALA E 332 -15.58 -22.04 31.31
C ALA E 332 -16.41 -22.98 32.16
N SER E 333 -17.64 -23.20 31.75
CA SER E 333 -18.53 -24.09 32.46
C SER E 333 -19.39 -24.91 31.50
N TYR E 334 -19.96 -26.00 32.02
CA TYR E 334 -20.87 -26.84 31.27
C TYR E 334 -21.83 -27.47 32.27
N PRO E 335 -23.08 -27.78 31.86
CA PRO E 335 -24.09 -28.31 32.79
C PRO E 335 -23.66 -29.62 33.47
N HIS E 336 -22.76 -30.38 32.85
CA HIS E 336 -22.23 -31.61 33.41
C HIS E 336 -20.72 -31.52 33.42
N GLU E 337 -20.05 -32.20 34.34
CA GLU E 337 -18.61 -31.98 34.51
C GLU E 337 -17.75 -32.63 33.41
N VAL E 338 -16.79 -31.85 32.92
CA VAL E 338 -15.87 -32.28 31.87
C VAL E 338 -14.44 -32.38 32.41
N ASP E 339 -13.56 -33.06 31.70
CA ASP E 339 -12.24 -33.37 32.21
C ASP E 339 -11.16 -32.56 31.51
N ALA E 340 -10.50 -31.68 32.26
CA ALA E 340 -9.48 -30.80 31.70
C ALA E 340 -8.23 -31.56 31.26
N SER E 341 -7.92 -32.66 31.95
CA SER E 341 -6.75 -33.44 31.58
C SER E 341 -6.94 -34.06 30.20
N LEU E 342 -8.16 -34.52 29.94
CA LEU E 342 -8.49 -35.14 28.65
C LEU E 342 -8.54 -34.08 27.55
N LEU E 343 -9.35 -33.05 27.79
CA LEU E 343 -9.41 -31.92 26.87
C LEU E 343 -8.00 -31.45 26.49
N ALA E 344 -7.14 -31.30 27.50
CA ALA E 344 -5.77 -30.84 27.28
C ALA E 344 -4.96 -31.84 26.47
N GLN E 345 -5.37 -33.11 26.50
CA GLN E 345 -4.64 -34.13 25.77
C GLN E 345 -4.94 -34.10 24.25
N SER E 346 -6.18 -33.78 23.89
CA SER E 346 -6.56 -33.56 22.49
C SER E 346 -5.96 -32.28 21.97
N GLY E 347 -5.80 -31.30 22.87
CA GLY E 347 -5.28 -30.00 22.49
C GLY E 347 -3.87 -30.11 21.92
N LYS E 348 -3.17 -31.16 22.32
CA LYS E 348 -1.79 -31.36 21.90
C LYS E 348 -1.73 -31.77 20.42
N ASP E 349 -2.82 -32.35 19.92
CA ASP E 349 -2.88 -32.75 18.53
C ASP E 349 -2.91 -31.51 17.65
N TYR E 350 -3.44 -30.43 18.20
CA TYR E 350 -3.56 -29.19 17.47
C TYR E 350 -2.41 -28.26 17.76
N GLY E 351 -1.41 -28.75 18.48
CA GLY E 351 -0.23 -27.95 18.76
C GLY E 351 -0.26 -27.18 20.08
N LEU E 352 -1.32 -27.41 20.87
CA LEU E 352 -1.55 -26.66 22.11
C LEU E 352 -1.02 -27.39 23.34
N THR E 353 -0.23 -26.68 24.13
CA THR E 353 0.19 -27.12 25.44
C THR E 353 -0.70 -26.43 26.49
N MET E 354 -1.65 -27.16 27.06
CA MET E 354 -2.62 -26.55 27.99
C MET E 354 -2.39 -26.84 29.48
N THR E 355 -2.78 -25.89 30.33
CA THR E 355 -2.49 -26.00 31.76
C THR E 355 -3.65 -25.61 32.69
N PRO E 356 -3.48 -25.86 34.01
CA PRO E 356 -4.34 -25.29 35.06
C PRO E 356 -4.18 -23.78 35.01
N ALA E 357 -5.22 -23.05 35.37
CA ALA E 357 -5.21 -21.60 35.19
C ALA E 357 -4.21 -20.87 36.06
N ASP E 358 -3.56 -21.61 36.95
CA ASP E 358 -2.63 -21.01 37.90
C ASP E 358 -1.20 -21.41 37.53
N LYS E 359 -1.07 -22.01 36.34
CA LYS E 359 0.16 -22.64 35.88
C LYS E 359 0.67 -23.69 36.89
N SER E 360 -0.25 -24.23 37.68
CA SER E 360 0.03 -25.39 38.52
C SER E 360 0.37 -26.60 37.66
N ALA E 361 1.00 -27.60 38.27
CA ALA E 361 1.50 -28.76 37.54
C ALA E 361 0.41 -29.74 37.08
N THR E 362 -0.64 -29.91 37.87
CA THR E 362 -1.69 -30.87 37.51
C THR E 362 -3.09 -30.31 37.69
N PHE E 363 -4.00 -30.74 36.83
CA PHE E 363 -5.40 -30.33 36.89
C PHE E 363 -6.09 -30.87 38.14
N GLU E 364 -6.76 -29.99 38.87
CA GLU E 364 -7.65 -30.42 39.94
C GLU E 364 -9.08 -30.34 39.42
N THR E 365 -10.03 -30.82 40.21
CA THR E 365 -11.42 -30.48 39.98
C THR E 365 -11.57 -28.99 40.27
N VAL E 366 -12.41 -28.30 39.52
CA VAL E 366 -12.47 -26.87 39.67
C VAL E 366 -13.77 -26.47 40.33
N THR E 367 -13.63 -25.73 41.42
CA THR E 367 -14.72 -25.38 42.30
C THR E 367 -14.73 -23.86 42.43
N TRP E 368 -15.83 -23.29 42.92
CA TRP E 368 -15.83 -21.84 43.15
C TRP E 368 -14.79 -21.42 44.20
N GLU E 369 -14.04 -22.39 44.71
CA GLU E 369 -13.01 -22.13 45.72
C GLU E 369 -11.62 -22.02 45.14
N ASN E 370 -11.28 -22.92 44.21
CA ASN E 370 -9.93 -22.91 43.67
C ASN E 370 -9.81 -22.19 42.31
N VAL E 371 -10.93 -22.00 41.62
CA VAL E 371 -10.91 -21.38 40.31
C VAL E 371 -10.29 -19.99 40.35
N THR E 372 -9.45 -19.70 39.35
CA THR E 372 -8.93 -18.35 39.15
C THR E 372 -9.11 -17.87 37.70
N PHE E 373 -9.41 -16.58 37.55
CA PHE E 373 -9.47 -15.92 36.26
C PHE E 373 -8.62 -14.66 36.38
N LEU E 374 -7.67 -14.49 35.45
CA LEU E 374 -6.80 -13.33 35.51
C LEU E 374 -6.11 -13.20 36.89
N LYS E 375 -5.67 -14.33 37.42
CA LYS E 375 -4.85 -14.32 38.62
C LYS E 375 -5.68 -14.17 39.86
N ARG E 376 -6.96 -13.84 39.69
CA ARG E 376 -7.81 -13.57 40.85
C ARG E 376 -8.71 -14.73 41.25
N PHE E 377 -9.00 -14.81 42.54
CA PHE E 377 -9.93 -15.77 43.10
C PHE E 377 -11.33 -15.14 43.19
N PHE E 378 -12.36 -15.97 43.39
CA PHE E 378 -13.75 -15.53 43.62
C PHE E 378 -14.20 -15.85 45.07
N ARG E 379 -14.61 -14.83 45.81
CA ARG E 379 -15.06 -15.00 47.20
C ARG E 379 -16.31 -14.19 47.51
N ALA E 380 -17.40 -14.85 47.84
CA ALA E 380 -18.61 -14.12 48.19
C ALA E 380 -18.32 -13.22 49.39
N ASP E 381 -18.96 -12.05 49.39
CA ASP E 381 -18.97 -11.18 50.54
C ASP E 381 -19.74 -11.86 51.67
N GLU E 382 -19.36 -11.57 52.93
CA GLU E 382 -20.02 -12.17 54.09
C GLU E 382 -21.35 -11.53 54.46
N LYS E 383 -21.43 -10.21 54.35
CA LYS E 383 -22.73 -9.55 54.46
C LYS E 383 -23.60 -9.79 53.20
N TYR E 384 -23.06 -9.48 52.02
CA TYR E 384 -23.78 -9.62 50.76
C TYR E 384 -23.19 -10.69 49.86
N PRO E 385 -23.77 -11.90 49.90
CA PRO E 385 -23.19 -13.11 49.32
C PRO E 385 -23.36 -13.20 47.81
N PHE E 386 -24.26 -12.41 47.25
CA PHE E 386 -24.38 -12.30 45.79
C PHE E 386 -23.32 -11.34 45.18
N LEU E 387 -22.66 -10.56 46.04
CA LEU E 387 -21.59 -9.69 45.60
C LEU E 387 -20.27 -10.42 45.80
N ILE E 388 -19.48 -10.51 44.75
CA ILE E 388 -18.29 -11.36 44.78
C ILE E 388 -17.00 -10.55 44.64
N HIS E 389 -16.07 -10.76 45.57
CA HIS E 389 -14.76 -10.13 45.54
C HIS E 389 -13.85 -10.81 44.53
N PRO E 390 -13.15 -10.01 43.69
CA PRO E 390 -12.03 -10.47 42.86
C PRO E 390 -10.85 -10.53 43.78
N VAL E 391 -10.44 -11.73 44.18
CA VAL E 391 -9.43 -11.84 45.22
C VAL E 391 -8.07 -12.25 44.66
N MET E 392 -7.22 -11.26 44.50
CA MET E 392 -5.86 -11.45 44.06
C MET E 392 -4.98 -11.74 45.28
N PRO E 393 -4.13 -12.75 45.16
CA PRO E 393 -3.24 -13.10 46.27
C PRO E 393 -2.27 -11.99 46.68
N MET E 394 -2.11 -11.79 48.00
CA MET E 394 -1.14 -10.83 48.54
C MET E 394 0.30 -11.12 48.09
N LYS E 395 0.57 -12.38 47.74
CA LYS E 395 1.87 -12.73 47.23
C LYS E 395 2.20 -11.86 46.04
N GLU E 396 1.20 -11.68 45.17
CA GLU E 396 1.39 -10.97 43.92
C GLU E 396 1.65 -9.52 44.24
N ILE E 397 0.78 -8.93 45.05
CA ILE E 397 0.92 -7.53 45.43
C ILE E 397 2.26 -7.28 46.12
N HIS E 398 2.65 -8.23 46.97
CA HIS E 398 4.01 -8.21 47.54
C HIS E 398 5.11 -8.09 46.46
N GLU E 399 5.14 -9.01 45.52
CA GLU E 399 6.10 -8.95 44.41
C GLU E 399 6.17 -7.59 43.72
N SER E 400 5.03 -7.03 43.38
CA SER E 400 5.00 -5.72 42.72
C SER E 400 5.63 -4.60 43.55
N ILE E 401 5.17 -4.44 44.79
CA ILE E 401 5.52 -3.28 45.60
C ILE E 401 7.01 -3.14 45.89
N ARG E 402 7.74 -4.26 45.75
CA ARG E 402 9.17 -4.30 46.01
C ARG E 402 10.02 -3.64 44.95
N TRP E 403 9.39 -3.21 43.85
CA TRP E 403 10.12 -2.60 42.75
C TRP E 403 9.46 -1.31 42.29
N THR E 404 10.23 -0.46 41.61
CA THR E 404 9.75 0.78 41.02
C THR E 404 10.46 1.07 39.69
N LYS E 405 9.77 1.74 38.76
CA LYS E 405 10.41 2.24 37.53
C LYS E 405 10.87 3.67 37.74
N ASP E 406 10.27 4.32 38.73
CA ASP E 406 10.64 5.67 39.11
C ASP E 406 10.10 5.90 40.52
N PRO E 407 10.98 6.33 41.44
CA PRO E 407 10.58 6.62 42.82
C PRO E 407 9.49 7.67 42.94
N ARG E 408 9.38 8.58 41.99
CA ARG E 408 8.38 9.63 42.14
C ARG E 408 6.95 9.11 41.95
N ASN E 409 6.81 7.82 41.59
CA ASN E 409 5.51 7.17 41.41
C ASN E 409 4.98 6.44 42.66
N THR E 410 5.68 6.51 43.79
CA THR E 410 5.33 5.62 44.90
C THR E 410 3.89 5.79 45.37
N GLN E 411 3.39 7.02 45.42
CA GLN E 411 2.05 7.22 45.95
C GLN E 411 1.05 6.44 45.09
N ASP E 412 1.03 6.74 43.81
CA ASP E 412 0.13 6.09 42.86
C ASP E 412 0.32 4.57 42.89
N HIS E 413 1.57 4.14 42.83
CA HIS E 413 1.82 2.72 42.74
C HIS E 413 1.15 2.05 43.93
N VAL E 414 1.67 2.29 45.13
CA VAL E 414 1.15 1.68 46.36
C VAL E 414 -0.35 1.86 46.53
N ARG E 415 -0.83 3.08 46.35
CA ARG E 415 -2.25 3.36 46.33
C ARG E 415 -2.98 2.38 45.41
N SER E 416 -2.46 2.20 44.19
CA SER E 416 -3.06 1.25 43.24
C SER E 416 -3.09 -0.19 43.76
N LEU E 417 -2.05 -0.59 44.50
CA LEU E 417 -1.99 -1.92 45.10
C LEU E 417 -3.03 -2.09 46.22
N CYS E 418 -3.37 -1.00 46.90
CA CYS E 418 -4.40 -1.04 47.94
C CYS E 418 -5.75 -1.42 47.41
N LEU E 419 -6.06 -1.01 46.17
CA LEU E 419 -7.37 -1.26 45.60
C LEU E 419 -7.46 -2.71 45.12
N LEU E 420 -6.35 -3.42 45.22
CA LEU E 420 -6.33 -4.83 44.88
C LEU E 420 -6.33 -5.64 46.17
N ALA E 421 -5.58 -5.18 47.17
CA ALA E 421 -5.33 -5.99 48.38
C ALA E 421 -6.47 -6.04 49.41
N TRP E 422 -7.32 -5.04 49.43
CA TRP E 422 -8.38 -5.04 50.43
C TRP E 422 -9.44 -6.11 50.14
N HIS E 423 -9.37 -6.75 48.98
CA HIS E 423 -10.32 -7.81 48.71
C HIS E 423 -9.98 -9.06 49.51
N ASN E 424 -8.73 -9.15 49.96
CA ASN E 424 -8.30 -10.19 50.88
C ASN E 424 -8.88 -10.00 52.30
N GLY E 425 -9.58 -8.88 52.54
CA GLY E 425 -10.29 -8.69 53.81
C GLY E 425 -9.59 -7.77 54.79
N GLU E 426 -10.35 -7.25 55.76
CA GLU E 426 -9.85 -6.22 56.68
C GLU E 426 -8.62 -6.62 57.48
N GLU E 427 -8.59 -7.85 57.96
CA GLU E 427 -7.46 -8.32 58.75
C GLU E 427 -6.15 -8.35 57.94
N GLU E 428 -6.23 -8.81 56.69
CA GLU E 428 -5.07 -8.90 55.83
C GLU E 428 -4.70 -7.54 55.25
N TYR E 429 -5.71 -6.69 55.02
CA TYR E 429 -5.49 -5.35 54.52
C TYR E 429 -4.79 -4.47 55.55
N ASN E 430 -5.12 -4.65 56.83
CA ASN E 430 -4.54 -3.79 57.86
C ASN E 430 -3.10 -4.13 58.20
N LYS E 431 -2.73 -5.39 57.96
CA LYS E 431 -1.36 -5.84 58.11
C LYS E 431 -0.51 -5.24 57.02
N PHE E 432 -1.11 -5.12 55.84
CA PHE E 432 -0.51 -4.52 54.68
C PHE E 432 -0.18 -3.09 55.06
N LEU E 433 -1.20 -2.29 55.36
CA LEU E 433 -0.96 -0.90 55.80
C LEU E 433 0.12 -0.76 56.90
N ALA E 434 0.20 -1.75 57.79
CA ALA E 434 1.17 -1.70 58.88
C ALA E 434 2.57 -1.79 58.30
N LYS E 435 2.85 -2.89 57.60
CA LYS E 435 4.12 -3.06 56.90
C LYS E 435 4.52 -1.86 56.02
N ILE E 436 3.62 -1.41 55.14
CA ILE E 436 3.88 -0.18 54.38
C ILE E 436 4.32 0.99 55.28
N ARG E 437 3.64 1.16 56.41
CA ARG E 437 3.92 2.27 57.30
C ARG E 437 5.09 1.98 58.25
N SER E 438 5.65 0.78 58.15
CA SER E 438 6.84 0.43 58.91
C SER E 438 8.09 1.19 58.47
N VAL E 439 8.00 1.91 57.34
CA VAL E 439 9.14 2.71 56.86
C VAL E 439 8.75 4.19 56.72
N PRO E 440 9.76 5.10 56.66
CA PRO E 440 9.41 6.52 56.80
C PRO E 440 8.63 7.02 55.61
N ILE E 441 8.98 6.54 54.42
CA ILE E 441 8.27 6.93 53.20
C ILE E 441 6.83 6.37 53.17
N GLY E 442 6.61 5.22 53.80
CA GLY E 442 5.28 4.69 54.00
C GLY E 442 4.41 5.70 54.75
N ARG E 443 4.98 6.33 55.77
CA ARG E 443 4.18 7.23 56.58
C ARG E 443 3.92 8.53 55.84
N ALA E 444 4.37 8.61 54.59
CA ALA E 444 4.11 9.81 53.76
C ALA E 444 2.91 9.66 52.84
N LEU E 445 2.49 8.41 52.61
CA LEU E 445 1.51 8.09 51.57
C LEU E 445 0.11 8.24 52.10
N ASP E 446 -0.83 8.73 51.29
CA ASP E 446 -2.24 8.72 51.68
C ASP E 446 -2.86 7.42 51.25
N LEU E 447 -3.09 6.52 52.20
CA LEU E 447 -3.67 5.22 51.89
C LEU E 447 -5.13 5.15 52.33
N PRO E 448 -5.96 4.40 51.60
CA PRO E 448 -7.40 4.38 51.90
C PRO E 448 -7.71 3.38 53.00
N GLU E 449 -8.71 3.70 53.82
CA GLU E 449 -9.12 2.78 54.86
C GLU E 449 -10.00 1.63 54.34
N TYR E 450 -9.82 0.44 54.90
CA TYR E 450 -10.67 -0.70 54.56
C TYR E 450 -12.11 -0.24 54.35
N SER E 451 -12.67 0.35 55.40
CA SER E 451 -14.06 0.81 55.38
C SER E 451 -14.40 1.70 54.20
N THR E 452 -13.49 2.58 53.83
CA THR E 452 -13.75 3.44 52.67
C THR E 452 -13.88 2.62 51.39
N LEU E 453 -12.95 1.68 51.19
CA LEU E 453 -12.95 0.85 49.99
C LEU E 453 -14.19 -0.04 49.96
N TYR E 454 -14.58 -0.54 51.12
CA TYR E 454 -15.77 -1.37 51.23
C TYR E 454 -17.04 -0.59 50.84
N ARG E 455 -17.24 0.59 51.39
CA ARG E 455 -18.41 1.35 50.97
C ARG E 455 -18.32 1.75 49.51
N ARG E 456 -17.12 2.01 49.00
CA ARG E 456 -16.98 2.31 47.58
C ARG E 456 -17.47 1.14 46.74
N TRP E 457 -17.03 -0.06 47.11
CA TRP E 457 -17.41 -1.24 46.38
C TRP E 457 -18.92 -1.38 46.37
N LEU E 458 -19.51 -1.41 47.55
CA LEU E 458 -20.96 -1.59 47.65
C LEU E 458 -21.70 -0.50 46.86
N ASP E 459 -21.34 0.75 47.09
CA ASP E 459 -21.98 1.84 46.37
C ASP E 459 -21.92 1.63 44.86
N SER E 460 -20.85 1.04 44.35
CA SER E 460 -20.71 0.98 42.89
C SER E 460 -21.66 -0.02 42.17
N PHE E 461 -22.43 -0.76 42.97
CA PHE E 461 -23.49 -1.60 42.46
C PHE E 461 -24.81 -0.83 42.30
N GLY I 1 -8.60 18.28 -15.87
CA GLY I 1 -7.86 18.33 -14.61
C GLY I 1 -7.37 19.72 -14.28
N GLU I 2 -7.44 20.10 -12.99
CA GLU I 2 -7.13 21.47 -12.59
C GLU I 2 -6.26 21.60 -11.34
N ILE I 3 -5.42 22.63 -11.31
CA ILE I 3 -4.54 22.85 -10.17
C ILE I 3 -5.35 23.25 -8.95
N GLN I 4 -5.10 22.60 -7.81
CA GLN I 4 -5.82 22.90 -6.58
C GLN I 4 -5.13 24.03 -5.85
N TRP I 5 -3.83 23.90 -5.64
CA TRP I 5 -3.09 24.96 -4.95
C TRP I 5 -1.73 25.30 -5.54
N MET I 6 -0.98 26.11 -4.81
CA MET I 6 0.31 26.62 -5.27
C MET I 6 0.91 27.40 -4.11
N ARG I 7 2.06 26.95 -3.64
CA ARG I 7 2.72 27.63 -2.53
C ARG I 7 4.15 27.16 -2.41
N PRO I 8 5.05 28.06 -2.02
CA PRO I 8 6.49 27.80 -1.94
C PRO I 8 6.85 26.38 -1.50
N SER I 9 7.67 25.71 -2.30
CA SER I 9 8.21 24.41 -1.91
C SER I 9 8.63 24.39 -0.43
N LYS I 10 9.49 25.33 -0.03
CA LYS I 10 9.98 25.41 1.34
C LYS I 10 8.84 25.64 2.32
N GLU I 11 7.77 26.23 1.82
CA GLU I 11 6.54 26.41 2.61
C GLU I 11 5.74 25.10 2.78
N VAL I 12 6.37 23.96 2.48
CA VAL I 12 5.78 22.61 2.62
C VAL I 12 6.86 21.50 2.65
N GLY I 13 8.06 21.87 3.09
CA GLY I 13 9.13 20.91 3.25
C GLY I 13 9.81 20.48 1.95
N TYR I 14 9.46 21.10 0.84
CA TYR I 14 10.04 20.72 -0.45
C TYR I 14 11.15 21.66 -0.91
N PRO I 15 12.10 21.13 -1.69
CA PRO I 15 13.23 21.96 -2.12
C PRO I 15 12.90 22.83 -3.33
N ILE I 16 13.78 23.79 -3.59
CA ILE I 16 13.79 24.51 -4.86
C ILE I 16 14.55 23.68 -5.89
N ILE I 17 13.94 23.59 -7.08
CA ILE I 17 14.53 22.90 -8.22
C ILE I 17 14.48 23.82 -9.43
N ASN I 18 15.61 24.43 -9.78
CA ASN I 18 15.63 25.29 -10.96
C ASN I 18 16.23 24.57 -12.15
N ALA I 19 15.44 24.46 -13.23
CA ALA I 19 15.91 23.87 -14.47
C ALA I 19 16.79 24.85 -15.24
N PRO I 20 17.46 24.39 -16.29
CA PRO I 20 18.31 25.32 -17.05
C PRO I 20 17.47 26.40 -17.74
N SER I 21 18.13 27.48 -18.11
CA SER I 21 17.43 28.66 -18.60
C SER I 21 17.65 28.89 -20.09
N LYS I 22 18.45 28.03 -20.71
CA LYS I 22 18.80 28.19 -22.12
C LYS I 22 18.59 26.90 -22.90
N THR I 23 18.07 27.06 -24.13
CA THR I 23 17.89 25.93 -25.04
C THR I 23 19.24 25.33 -25.44
N LYS I 24 19.26 24.04 -25.74
CA LYS I 24 20.43 23.41 -26.37
C LYS I 24 20.39 23.59 -27.90
N LEU I 25 19.28 24.12 -28.40
CA LEU I 25 19.04 24.27 -29.84
C LEU I 25 19.76 25.46 -30.50
N GLU I 26 20.69 25.16 -31.40
CA GLU I 26 21.32 26.19 -32.19
C GLU I 26 21.13 25.83 -33.65
N PRO I 27 21.07 26.85 -34.53
CA PRO I 27 21.12 26.69 -35.99
C PRO I 27 22.26 25.81 -36.48
N SER I 28 21.95 24.95 -37.43
CA SER I 28 22.92 24.01 -38.00
C SER I 28 23.50 24.56 -39.30
N ALA I 29 24.58 23.94 -39.77
CA ALA I 29 25.12 24.24 -41.09
C ALA I 29 24.02 24.47 -42.14
N PHE I 30 22.96 23.69 -42.07
CA PHE I 30 21.91 23.74 -43.08
C PHE I 30 20.82 24.70 -42.70
N HIS I 31 21.14 25.67 -41.86
CA HIS I 31 20.10 26.58 -41.41
C HIS I 31 19.54 27.41 -42.55
N TYR I 32 20.41 27.78 -43.49
CA TYR I 32 20.02 28.73 -44.53
C TYR I 32 19.73 28.10 -45.89
N VAL I 33 20.25 26.90 -46.09
CA VAL I 33 19.94 26.08 -47.26
C VAL I 33 18.45 25.82 -47.36
N PHE I 34 17.84 25.46 -46.21
CA PHE I 34 16.43 25.07 -46.13
C PHE I 34 15.57 26.14 -45.48
N GLU I 35 14.26 26.03 -45.66
CA GLU I 35 13.32 26.95 -45.03
C GLU I 35 12.68 26.29 -43.82
N GLY I 36 12.09 27.09 -42.95
CA GLY I 36 11.35 26.54 -41.82
C GLY I 36 10.90 27.59 -40.82
N VAL I 37 9.68 27.44 -40.33
CA VAL I 37 9.08 28.43 -39.45
C VAL I 37 9.17 28.07 -37.97
N LYS I 38 10.16 27.28 -37.58
CA LYS I 38 10.24 26.79 -36.19
C LYS I 38 11.50 27.17 -35.41
N GLU I 39 11.29 27.73 -34.23
CA GLU I 39 12.39 28.08 -33.35
C GLU I 39 12.30 27.25 -32.07
N PRO I 40 13.36 27.27 -31.24
CA PRO I 40 13.26 26.61 -29.92
C PRO I 40 12.10 27.20 -29.13
N ALA I 41 11.46 26.41 -28.29
CA ALA I 41 10.32 26.87 -27.51
C ALA I 41 10.79 27.76 -26.37
N VAL I 42 9.84 28.46 -25.75
CA VAL I 42 10.17 29.32 -24.61
C VAL I 42 10.44 28.53 -23.31
N LEU I 43 11.55 28.85 -22.65
CA LEU I 43 11.98 28.11 -21.47
C LEU I 43 11.84 28.92 -20.17
N THR I 44 11.88 30.24 -20.30
CA THR I 44 11.83 31.13 -19.15
C THR I 44 10.86 32.27 -19.46
N LYS I 45 10.49 33.03 -18.44
CA LYS I 45 9.58 34.14 -18.62
C LYS I 45 10.31 35.44 -19.02
N ASN I 46 11.59 35.52 -18.66
CA ASN I 46 12.46 36.57 -19.14
C ASN I 46 12.92 36.35 -20.58
N ASP I 47 11.96 36.17 -21.48
CA ASP I 47 12.26 35.81 -22.88
C ASP I 47 11.56 36.80 -23.81
N PRO I 48 12.35 37.49 -24.65
CA PRO I 48 11.89 38.57 -25.53
C PRO I 48 10.73 38.17 -26.41
N ARG I 49 10.87 37.04 -27.10
CA ARG I 49 9.93 36.64 -28.15
C ARG I 49 8.49 36.50 -27.67
N LEU I 50 8.30 36.51 -26.35
CA LEU I 50 6.96 36.38 -25.77
C LEU I 50 6.04 37.55 -26.12
N LYS I 51 4.76 37.25 -26.27
CA LYS I 51 3.75 38.28 -26.45
C LYS I 51 2.55 38.03 -25.55
N THR I 52 2.83 37.47 -24.36
CA THR I 52 1.81 37.16 -23.34
C THR I 52 2.47 36.62 -22.08
N ASP I 53 1.71 36.42 -21.01
CA ASP I 53 2.28 35.87 -19.78
C ASP I 53 2.67 34.41 -19.95
N PHE I 54 3.94 34.10 -19.65
CA PHE I 54 4.45 32.73 -19.74
C PHE I 54 3.73 31.77 -18.79
N GLU I 55 4.09 31.86 -17.50
CA GLU I 55 3.53 30.95 -16.49
C GLU I 55 2.01 30.87 -16.55
N GLU I 56 1.37 31.90 -17.09
CA GLU I 56 -0.08 31.84 -17.29
C GLU I 56 -0.42 30.93 -18.46
N ALA I 57 0.47 30.89 -19.45
CA ALA I 57 0.18 30.17 -20.68
C ALA I 57 0.49 28.68 -20.58
N ILE I 58 1.53 28.33 -19.82
CA ILE I 58 1.95 26.93 -19.68
C ILE I 58 1.06 26.11 -18.76
N PHE I 59 0.57 26.74 -17.69
CA PHE I 59 -0.39 26.08 -16.81
C PHE I 59 -1.81 26.37 -17.27
N SER I 60 -1.92 26.99 -18.45
CA SER I 60 -3.21 27.37 -19.00
C SER I 60 -3.99 26.17 -19.51
N LYS I 61 -3.29 25.05 -19.68
CA LYS I 61 -3.90 23.85 -20.26
C LYS I 61 -4.79 23.13 -19.25
N TYR I 62 -4.62 23.45 -17.97
CA TYR I 62 -5.38 22.79 -16.93
C TYR I 62 -6.80 23.34 -16.76
N VAL I 63 -7.63 23.16 -17.78
CA VAL I 63 -9.06 23.41 -17.63
C VAL I 63 -9.69 22.36 -16.71
N GLY I 64 -10.61 22.79 -15.85
CA GLY I 64 -11.30 21.91 -14.90
C GLY I 64 -11.68 20.54 -15.42
N ASN I 65 -12.03 19.65 -14.49
CA ASN I 65 -12.23 18.23 -14.80
C ASN I 65 -13.42 17.93 -15.68
N LYS I 66 -14.59 18.46 -15.30
CA LYS I 66 -15.87 18.09 -15.92
C LYS I 66 -16.38 16.75 -15.45
N ILE I 67 -16.81 15.93 -16.40
CA ILE I 67 -17.53 14.69 -16.10
C ILE I 67 -16.84 13.85 -15.02
N THR I 68 -17.65 13.16 -14.22
CA THR I 68 -17.16 12.54 -13.00
C THR I 68 -17.62 11.09 -12.83
N GLU I 69 -18.75 10.77 -13.45
CA GLU I 69 -19.31 9.43 -13.33
C GLU I 69 -19.22 8.63 -14.62
N VAL I 70 -18.54 7.50 -14.55
CA VAL I 70 -18.56 6.54 -15.64
C VAL I 70 -20.01 6.32 -16.00
N ASP I 71 -20.50 7.01 -17.04
CA ASP I 71 -21.88 6.85 -17.48
C ASP I 71 -22.11 5.54 -18.23
N GLU I 72 -23.34 5.30 -18.68
CA GLU I 72 -23.69 3.96 -19.16
C GLU I 72 -22.97 3.52 -20.44
N TYR I 73 -22.55 4.50 -21.24
CA TYR I 73 -21.84 4.17 -22.48
C TYR I 73 -20.38 3.83 -22.19
N MET I 74 -19.77 4.63 -21.30
CA MET I 74 -18.44 4.31 -20.80
C MET I 74 -18.38 2.85 -20.31
N LYS I 75 -19.43 2.39 -19.65
CA LYS I 75 -19.51 1.01 -19.15
C LYS I 75 -19.49 -0.08 -20.24
N GLU I 76 -20.23 0.14 -21.33
CA GLU I 76 -20.26 -0.84 -22.42
C GLU I 76 -18.95 -0.81 -23.19
N ALA I 77 -18.40 0.40 -23.32
CA ALA I 77 -17.05 0.60 -23.83
C ALA I 77 -16.08 -0.29 -23.06
N VAL I 78 -15.88 0.06 -21.79
CA VAL I 78 -15.08 -0.73 -20.87
C VAL I 78 -15.29 -2.24 -21.07
N ASP I 79 -16.53 -2.66 -21.26
CA ASP I 79 -16.81 -4.09 -21.34
C ASP I 79 -16.19 -4.65 -22.59
N HIS I 80 -16.25 -3.88 -23.67
CA HIS I 80 -15.83 -4.37 -24.97
C HIS I 80 -14.30 -4.32 -25.12
N TYR I 81 -13.70 -3.22 -24.68
CA TYR I 81 -12.27 -3.06 -24.84
C TYR I 81 -11.63 -4.17 -24.04
N ALA I 82 -12.13 -4.30 -22.82
CA ALA I 82 -11.59 -5.19 -21.80
C ALA I 82 -11.63 -6.64 -22.23
N GLY I 83 -12.66 -6.98 -23.02
CA GLY I 83 -12.81 -8.32 -23.56
C GLY I 83 -11.93 -8.53 -24.75
N GLN I 84 -11.62 -7.44 -25.46
CA GLN I 84 -10.65 -7.49 -26.54
C GLN I 84 -9.32 -7.95 -25.96
N LEU I 85 -8.86 -7.27 -24.91
CA LEU I 85 -7.58 -7.57 -24.28
C LEU I 85 -7.53 -8.94 -23.57
N MET I 86 -8.71 -9.50 -23.28
CA MET I 86 -8.77 -10.78 -22.59
C MET I 86 -8.10 -11.83 -23.46
N SER I 87 -8.16 -11.62 -24.77
CA SER I 87 -7.69 -12.63 -25.71
C SER I 87 -6.19 -12.69 -25.72
N LEU I 88 -5.56 -11.58 -25.34
CA LEU I 88 -4.11 -11.47 -25.38
C LEU I 88 -3.44 -12.34 -24.32
N ASP I 89 -4.22 -12.70 -23.29
CA ASP I 89 -3.72 -13.53 -22.18
C ASP I 89 -2.56 -12.87 -21.43
N ILE I 90 -2.71 -11.59 -21.14
CA ILE I 90 -1.69 -10.83 -20.43
C ILE I 90 -1.41 -11.46 -19.07
N ASN I 91 -0.13 -11.71 -18.80
CA ASN I 91 0.29 -12.18 -17.49
C ASN I 91 -0.01 -11.08 -16.46
N THR I 92 -0.85 -11.40 -15.48
CA THR I 92 -1.31 -10.41 -14.53
C THR I 92 -0.42 -10.32 -13.28
N GLU I 93 0.64 -11.13 -13.26
CA GLU I 93 1.50 -11.17 -12.08
C GLU I 93 2.19 -9.85 -11.85
N GLN I 94 2.62 -9.63 -10.63
CA GLN I 94 3.52 -8.54 -10.36
C GLN I 94 4.87 -8.89 -10.98
N MET I 95 5.57 -7.90 -11.50
CA MET I 95 6.90 -8.08 -12.03
C MET I 95 7.92 -7.84 -10.92
N CYS I 96 8.97 -8.65 -10.89
CA CYS I 96 9.93 -8.59 -9.77
C CYS I 96 10.75 -7.33 -9.84
N LEU I 97 11.36 -6.95 -8.73
CA LEU I 97 12.09 -5.69 -8.67
C LEU I 97 13.21 -5.66 -9.72
N GLU I 98 13.90 -6.78 -9.89
CA GLU I 98 15.00 -6.83 -10.83
C GLU I 98 14.53 -6.50 -12.24
N ASP I 99 13.50 -7.20 -12.70
CA ASP I 99 12.97 -6.92 -14.03
C ASP I 99 12.39 -5.52 -14.16
N ALA I 100 11.71 -5.09 -13.10
CA ALA I 100 11.19 -3.73 -13.05
C ALA I 100 12.31 -2.72 -13.39
N MET I 101 13.46 -2.88 -12.76
CA MET I 101 14.59 -1.96 -12.95
C MET I 101 15.40 -2.20 -14.22
N TYR I 102 15.74 -3.46 -14.48
CA TYR I 102 16.78 -3.76 -15.43
C TYR I 102 16.27 -4.24 -16.79
N GLY I 103 14.96 -4.47 -16.85
CA GLY I 103 14.30 -4.79 -18.10
C GLY I 103 14.11 -6.28 -18.26
N THR I 104 13.24 -6.68 -19.18
CA THR I 104 12.97 -8.09 -19.46
C THR I 104 12.36 -8.13 -20.85
N ASP I 105 11.80 -9.26 -21.28
CA ASP I 105 11.26 -9.27 -22.64
C ASP I 105 10.00 -8.42 -22.77
N GLY I 106 10.06 -7.44 -23.66
CA GLY I 106 8.94 -6.54 -23.88
C GLY I 106 9.05 -5.25 -23.09
N LEU I 107 9.99 -5.22 -22.14
CA LEU I 107 10.25 -4.04 -21.33
C LEU I 107 11.74 -3.66 -21.31
N GLU I 108 12.05 -2.41 -21.65
CA GLU I 108 13.42 -1.91 -21.54
C GLU I 108 13.82 -1.58 -20.11
N ALA I 109 15.12 -1.43 -19.87
CA ALA I 109 15.59 -1.01 -18.56
C ALA I 109 15.21 0.44 -18.38
N LEU I 110 15.35 0.97 -17.17
CA LEU I 110 15.10 2.38 -16.96
C LEU I 110 16.23 3.19 -17.58
N ASP I 111 15.91 4.36 -18.09
CA ASP I 111 16.88 5.17 -18.80
C ASP I 111 17.90 5.78 -17.83
N LEU I 112 19.12 5.24 -17.83
CA LEU I 112 20.14 5.70 -16.89
C LEU I 112 20.67 7.07 -17.21
N SER I 113 20.21 7.69 -18.30
CA SER I 113 20.70 9.00 -18.67
C SER I 113 19.65 10.07 -18.52
N THR I 114 18.68 9.82 -17.65
CA THR I 114 17.66 10.79 -17.38
C THR I 114 17.53 10.93 -15.87
N SER I 115 16.98 12.06 -15.43
CA SER I 115 16.91 12.37 -14.00
C SER I 115 16.37 11.20 -13.17
N ALA I 116 16.80 11.16 -11.91
CA ALA I 116 16.22 10.23 -10.96
C ALA I 116 14.97 10.85 -10.33
N GLY I 117 14.64 12.08 -10.72
CA GLY I 117 13.51 12.78 -10.15
C GLY I 117 13.67 13.05 -8.66
N TYR I 118 12.61 13.57 -8.05
CA TYR I 118 12.57 13.76 -6.58
C TYR I 118 12.64 12.42 -5.82
N PRO I 119 13.35 12.39 -4.66
CA PRO I 119 14.09 13.48 -4.00
C PRO I 119 15.53 13.60 -4.47
N TYR I 120 15.98 12.66 -5.29
CA TYR I 120 17.39 12.52 -5.64
C TYR I 120 17.93 13.70 -6.46
N VAL I 121 17.03 14.38 -7.15
CA VAL I 121 17.38 15.51 -7.99
C VAL I 121 17.91 16.68 -7.16
N ALA I 122 17.56 16.71 -5.88
CA ALA I 122 18.04 17.75 -4.97
C ALA I 122 19.20 17.30 -4.08
N MET I 123 19.55 16.01 -4.15
CA MET I 123 20.62 15.47 -3.31
C MET I 123 21.90 15.27 -4.10
N GLY I 124 21.83 15.44 -5.42
CA GLY I 124 22.95 15.19 -6.29
C GLY I 124 23.10 13.73 -6.71
N LYS I 125 22.05 12.95 -6.49
CA LYS I 125 22.05 11.54 -6.87
C LYS I 125 21.52 11.36 -8.30
N LYS I 126 22.14 10.43 -9.03
CA LYS I 126 21.73 10.08 -10.39
C LYS I 126 21.32 8.63 -10.42
N LYS I 127 20.56 8.23 -11.44
CA LYS I 127 20.17 6.83 -11.55
C LYS I 127 21.43 5.97 -11.52
N ARG I 128 22.49 6.47 -12.13
CA ARG I 128 23.73 5.70 -12.25
C ARG I 128 24.29 5.34 -10.88
N ASP I 129 24.13 6.26 -9.93
CA ASP I 129 24.59 6.03 -8.57
C ASP I 129 23.84 4.86 -7.92
N ILE I 130 22.69 4.48 -8.46
CA ILE I 130 21.78 3.53 -7.81
C ILE I 130 21.62 2.22 -8.56
N LEU I 131 21.61 2.31 -9.89
CA LEU I 131 21.41 1.13 -10.75
C LEU I 131 22.75 0.66 -11.35
N ASN I 132 22.82 -0.61 -11.73
CA ASN I 132 24.04 -1.15 -12.31
C ASN I 132 23.72 -2.29 -13.28
N LYS I 133 23.69 -1.99 -14.58
CA LYS I 133 23.20 -2.96 -15.58
C LYS I 133 24.04 -4.20 -15.59
N GLN I 134 25.29 -4.02 -15.20
CA GLN I 134 26.25 -5.09 -15.17
C GLN I 134 25.78 -6.08 -14.13
N THR I 135 25.70 -5.64 -12.88
CA THR I 135 25.31 -6.53 -11.79
C THR I 135 23.81 -6.74 -11.64
N ARG I 136 23.01 -5.80 -12.15
CA ARG I 136 21.58 -5.84 -11.95
C ARG I 136 21.27 -5.83 -10.47
N ASP I 137 22.02 -5.03 -9.72
CA ASP I 137 21.84 -4.96 -8.28
C ASP I 137 20.53 -4.25 -7.91
N THR I 138 19.73 -4.92 -7.09
CA THR I 138 18.48 -4.34 -6.62
C THR I 138 18.57 -3.88 -5.16
N LYS I 139 19.67 -4.22 -4.49
CA LYS I 139 19.86 -3.90 -3.07
C LYS I 139 19.69 -2.42 -2.70
N GLU I 140 20.39 -1.53 -3.42
CA GLU I 140 20.38 -0.12 -3.04
C GLU I 140 19.07 0.59 -3.41
N MET I 141 18.33 0.01 -4.34
CA MET I 141 17.03 0.55 -4.77
C MET I 141 15.94 0.19 -3.76
N GLN I 142 15.97 -1.05 -3.29
CA GLN I 142 15.11 -1.54 -2.22
C GLN I 142 15.27 -0.70 -0.94
N LYS I 143 16.51 -0.47 -0.54
CA LYS I 143 16.81 0.42 0.57
C LYS I 143 16.24 1.85 0.37
N LEU I 144 16.21 2.33 -0.88
CA LEU I 144 15.69 3.67 -1.22
C LEU I 144 14.17 3.67 -1.27
N LEU I 145 13.58 2.52 -1.64
CA LEU I 145 12.13 2.34 -1.60
C LEU I 145 11.66 2.33 -0.15
N ASP I 146 12.42 1.66 0.72
CA ASP I 146 12.09 1.59 2.13
C ASP I 146 12.22 2.98 2.75
N THR I 147 13.26 3.69 2.37
CA THR I 147 13.53 5.01 2.95
C THR I 147 12.52 6.10 2.56
N TYR I 148 12.18 6.17 1.28
CA TYR I 148 11.45 7.32 0.76
C TYR I 148 10.07 6.95 0.27
N GLY I 149 9.84 5.65 0.07
CA GLY I 149 8.52 5.13 -0.29
C GLY I 149 8.07 5.55 -1.68
N ILE I 150 6.77 5.68 -1.88
CA ILE I 150 6.24 6.05 -3.19
C ILE I 150 5.24 7.19 -3.07
N ASN I 151 4.49 7.44 -4.13
CA ASN I 151 3.66 8.64 -4.19
C ASN I 151 4.41 9.95 -3.98
N LEU I 152 5.62 10.08 -4.54
CA LEU I 152 6.41 11.31 -4.42
C LEU I 152 5.99 12.34 -5.47
N PRO I 153 6.25 13.64 -5.21
CA PRO I 153 5.84 14.67 -6.17
C PRO I 153 6.71 14.62 -7.43
N LEU I 154 6.10 14.91 -8.58
CA LEU I 154 6.81 14.96 -9.84
C LEU I 154 7.44 16.33 -10.00
N VAL I 155 8.63 16.37 -10.58
CA VAL I 155 9.26 17.65 -10.89
C VAL I 155 8.91 18.12 -12.32
N THR I 156 8.31 19.29 -12.39
CA THR I 156 7.85 19.84 -13.65
C THR I 156 8.99 20.48 -14.44
N TYR I 157 8.97 20.29 -15.76
CA TYR I 157 9.98 20.85 -16.65
C TYR I 157 9.37 21.31 -17.98
N VAL I 158 9.91 22.38 -18.54
CA VAL I 158 9.52 22.81 -19.88
C VAL I 158 10.38 22.09 -20.92
N LYS I 159 9.72 21.42 -21.86
CA LYS I 159 10.45 20.60 -22.79
C LYS I 159 11.16 21.46 -23.83
N ASP I 160 12.47 21.34 -23.84
CA ASP I 160 13.34 22.05 -24.77
C ASP I 160 13.17 21.45 -26.18
N GLU I 161 12.50 22.18 -27.09
CA GLU I 161 12.15 21.62 -28.39
C GLU I 161 11.65 22.65 -29.41
N LEU I 162 11.70 22.29 -30.69
CA LEU I 162 11.22 23.19 -31.74
C LEU I 162 9.72 23.33 -31.70
N ARG I 163 9.26 24.57 -31.85
CA ARG I 163 7.87 24.92 -31.73
C ARG I 163 7.59 25.96 -32.82
N SER I 164 6.34 26.06 -33.26
CA SER I 164 5.97 27.04 -34.30
C SER I 164 6.24 28.47 -33.81
N LYS I 165 5.73 29.47 -34.55
CA LYS I 165 5.88 30.85 -34.11
C LYS I 165 4.70 31.22 -33.23
N THR I 166 3.53 30.72 -33.61
CA THR I 166 2.30 30.99 -32.88
C THR I 166 2.39 30.46 -31.47
N LYS I 167 3.29 29.48 -31.27
CA LYS I 167 3.42 28.79 -30.00
C LYS I 167 4.61 29.32 -29.20
N VAL I 168 5.37 30.20 -29.83
CA VAL I 168 6.47 30.84 -29.13
C VAL I 168 5.99 32.15 -28.53
N GLU I 169 5.33 32.95 -29.36
CA GLU I 169 4.74 34.21 -28.92
C GLU I 169 3.70 33.97 -27.83
N GLN I 170 2.90 32.91 -27.99
CA GLN I 170 1.87 32.58 -27.01
C GLN I 170 2.42 31.81 -25.79
N GLY I 171 3.73 31.79 -25.65
CA GLY I 171 4.36 31.11 -24.54
C GLY I 171 3.82 29.70 -24.31
N LYS I 172 3.27 29.08 -25.35
CA LYS I 172 2.76 27.71 -25.26
C LYS I 172 3.83 26.64 -25.43
N SER I 173 4.87 26.67 -24.61
CA SER I 173 5.77 25.54 -24.48
C SER I 173 5.04 24.31 -23.94
N ARG I 174 5.66 23.13 -24.05
CA ARG I 174 5.10 21.90 -23.50
C ARG I 174 5.80 21.56 -22.18
N LEU I 175 5.02 21.08 -21.21
CA LEU I 175 5.56 20.74 -19.90
C LEU I 175 5.63 19.23 -19.72
N ILE I 176 6.73 18.75 -19.16
CA ILE I 176 6.82 17.35 -18.79
C ILE I 176 6.92 17.21 -17.27
N GLU I 177 6.49 16.05 -16.76
CA GLU I 177 6.50 15.74 -15.34
C GLU I 177 7.54 14.66 -15.05
N ALA I 178 8.62 15.03 -14.38
CA ALA I 178 9.68 14.09 -14.10
C ALA I 178 9.34 13.15 -12.91
N SER I 179 8.78 11.99 -13.22
CA SER I 179 8.51 10.97 -12.21
C SER I 179 9.75 10.59 -11.39
N SER I 180 9.54 10.37 -10.09
CA SER I 180 10.62 9.93 -9.21
C SER I 180 11.00 8.50 -9.54
N LEU I 181 12.27 8.18 -9.36
CA LEU I 181 12.75 6.84 -9.64
C LEU I 181 11.93 5.82 -8.90
N ASN I 182 11.57 6.15 -7.66
CA ASN I 182 10.82 5.23 -6.82
C ASN I 182 9.51 4.88 -7.49
N ASP I 183 8.85 5.89 -8.04
CA ASP I 183 7.55 5.69 -8.66
C ASP I 183 7.65 4.88 -9.96
N SER I 184 8.68 5.16 -10.77
CA SER I 184 8.87 4.38 -11.98
C SER I 184 9.14 2.93 -11.56
N VAL I 185 9.88 2.72 -10.49
CA VAL I 185 10.10 1.34 -10.10
C VAL I 185 8.83 0.67 -9.57
N ALA I 186 8.04 1.42 -8.82
CA ALA I 186 6.79 0.88 -8.27
C ALA I 186 5.80 0.52 -9.37
N MET I 187 5.68 1.39 -10.37
CA MET I 187 4.70 1.24 -11.45
C MET I 187 4.99 0.07 -12.37
N ARG I 188 6.28 -0.21 -12.55
CA ARG I 188 6.71 -1.27 -13.44
C ARG I 188 6.63 -2.62 -12.77
N MET I 189 6.77 -2.66 -11.45
CA MET I 189 6.49 -3.89 -10.72
C MET I 189 5.01 -4.19 -10.75
N ALA I 190 4.19 -3.14 -10.74
CA ALA I 190 2.73 -3.31 -10.77
C ALA I 190 2.25 -3.70 -12.17
N PHE I 191 2.75 -2.99 -13.18
CA PHE I 191 2.17 -3.02 -14.52
C PHE I 191 3.11 -3.53 -15.63
N GLY I 192 4.37 -3.74 -15.27
CA GLY I 192 5.36 -4.32 -16.15
C GLY I 192 4.86 -5.30 -17.19
N ASN I 193 4.10 -6.29 -16.76
CA ASN I 193 3.61 -7.28 -17.70
C ASN I 193 2.55 -6.77 -18.66
N LEU I 194 1.72 -5.81 -18.22
CA LEU I 194 0.78 -5.14 -19.12
C LEU I 194 1.55 -4.33 -20.19
N TYR I 195 2.53 -3.52 -19.73
CA TYR I 195 3.44 -2.80 -20.62
C TYR I 195 4.10 -3.72 -21.64
N ALA I 196 4.73 -4.80 -21.18
CA ALA I 196 5.33 -5.74 -22.11
C ALA I 196 4.32 -6.27 -23.13
N ALA I 197 3.13 -6.66 -22.66
CA ALA I 197 2.12 -7.24 -23.55
C ALA I 197 1.76 -6.26 -24.66
N PHE I 198 1.50 -5.01 -24.31
CA PHE I 198 1.22 -4.00 -25.31
C PHE I 198 2.35 -3.87 -26.33
N HIS I 199 3.58 -3.71 -25.83
CA HIS I 199 4.74 -3.58 -26.70
C HIS I 199 4.84 -4.72 -27.72
N LYS I 200 4.58 -5.94 -27.28
CA LYS I 200 4.74 -7.10 -28.14
C LYS I 200 3.61 -7.24 -29.16
N ASN I 201 2.57 -6.42 -29.04
CA ASN I 201 1.35 -6.63 -29.82
C ASN I 201 0.76 -5.34 -30.32
N PRO I 202 1.56 -4.55 -31.03
CA PRO I 202 0.91 -3.41 -31.69
C PRO I 202 -0.08 -3.95 -32.72
N GLY I 203 -1.20 -3.26 -32.88
CA GLY I 203 -2.27 -3.70 -33.74
C GLY I 203 -3.61 -3.20 -33.22
N VAL I 204 -4.67 -3.93 -33.58
CA VAL I 204 -6.04 -3.48 -33.33
C VAL I 204 -6.77 -4.31 -32.25
N ILE I 205 -6.08 -5.31 -31.71
CA ILE I 205 -6.59 -6.03 -30.56
C ILE I 205 -6.23 -5.24 -29.30
N THR I 206 -5.05 -4.63 -29.26
CA THR I 206 -4.68 -3.73 -28.17
C THR I 206 -5.08 -2.28 -28.47
N GLY I 207 -5.48 -2.01 -29.71
CA GLY I 207 -5.71 -0.63 -30.13
C GLY I 207 -4.53 0.33 -29.94
N SER I 208 -3.32 -0.22 -30.01
CA SER I 208 -2.10 0.55 -29.73
C SER I 208 -1.03 0.30 -30.78
N ALA I 209 -0.33 1.37 -31.17
CA ALA I 209 0.82 1.30 -32.10
C ALA I 209 2.16 1.37 -31.37
N VAL I 210 2.11 1.67 -30.09
CA VAL I 210 3.30 1.64 -29.26
C VAL I 210 4.03 0.33 -29.47
N GLY I 211 5.24 0.41 -30.02
CA GLY I 211 6.03 -0.78 -30.24
C GLY I 211 6.09 -1.16 -31.70
N CYS I 212 5.49 -0.34 -32.58
CA CYS I 212 5.54 -0.58 -34.03
C CYS I 212 6.77 0.03 -34.75
N ASP I 213 7.04 -0.47 -35.95
CA ASP I 213 8.08 0.06 -36.81
C ASP I 213 7.40 0.55 -38.08
N PRO I 214 7.21 1.87 -38.22
CA PRO I 214 6.41 2.34 -39.35
C PRO I 214 6.88 1.87 -40.74
N ASP I 215 8.18 1.69 -40.93
CA ASP I 215 8.64 1.14 -42.19
C ASP I 215 8.02 -0.23 -42.49
N LEU I 216 7.58 -0.94 -41.45
CA LEU I 216 6.95 -2.26 -41.59
C LEU I 216 5.47 -2.29 -41.22
N PHE I 217 5.10 -1.47 -40.25
CA PHE I 217 3.72 -1.50 -39.74
C PHE I 217 2.73 -0.91 -40.72
N TRP I 218 3.18 0.04 -41.54
CA TRP I 218 2.29 0.71 -42.45
C TRP I 218 1.67 -0.30 -43.39
N SER I 219 2.41 -1.36 -43.70
CA SER I 219 1.94 -2.34 -44.68
C SER I 219 0.83 -3.20 -44.10
N LYS I 220 0.84 -3.37 -42.77
CA LYS I 220 -0.21 -4.08 -42.03
C LYS I 220 -1.46 -3.24 -41.83
N ILE I 221 -1.30 -1.95 -41.58
CA ILE I 221 -2.45 -1.15 -41.16
C ILE I 221 -3.67 -1.17 -42.09
N PRO I 222 -3.46 -1.15 -43.41
CA PRO I 222 -4.63 -1.16 -44.30
C PRO I 222 -5.38 -2.50 -44.26
N VAL I 223 -4.61 -3.59 -44.26
CA VAL I 223 -5.13 -4.93 -44.02
C VAL I 223 -5.99 -5.05 -42.74
N LEU I 224 -5.68 -4.24 -41.73
CA LEU I 224 -6.34 -4.38 -40.43
C LEU I 224 -7.59 -3.52 -40.28
N MET I 225 -7.56 -2.30 -40.82
CA MET I 225 -8.74 -1.45 -40.86
C MET I 225 -9.90 -2.11 -41.63
N GLU I 226 -11.10 -1.64 -41.35
CA GLU I 226 -12.29 -2.01 -42.10
C GLU I 226 -12.42 -1.09 -43.31
N GLU I 227 -13.47 -1.29 -44.10
CA GLU I 227 -13.67 -0.56 -45.35
C GLU I 227 -13.56 0.97 -45.31
N LYS I 228 -14.06 1.59 -44.25
CA LYS I 228 -14.16 3.03 -44.24
C LYS I 228 -13.30 3.60 -43.12
N LEU I 229 -12.75 4.79 -43.32
CA LEU I 229 -11.88 5.38 -42.30
C LEU I 229 -12.47 6.62 -41.64
N PHE I 230 -11.94 6.96 -40.49
CA PHE I 230 -12.17 8.24 -39.82
C PHE I 230 -11.05 8.42 -38.82
N ALA I 231 -10.86 9.65 -38.35
CA ALA I 231 -9.70 9.85 -37.51
C ALA I 231 -9.55 11.29 -37.08
N PHE I 232 -8.70 11.46 -36.06
CA PHE I 232 -8.40 12.78 -35.50
C PHE I 232 -7.31 12.71 -34.43
N ASP I 233 -7.02 13.88 -33.88
CA ASP I 233 -6.03 14.06 -32.83
C ASP I 233 -6.80 14.90 -31.82
N TYR I 234 -6.27 15.13 -30.63
CA TYR I 234 -7.00 15.88 -29.62
C TYR I 234 -6.27 17.15 -29.30
N THR I 235 -7.00 18.15 -28.81
CA THR I 235 -6.35 19.37 -28.37
C THR I 235 -6.16 19.26 -26.85
N GLY I 236 -4.95 19.56 -26.38
CA GLY I 236 -4.62 19.47 -24.97
C GLY I 236 -5.18 18.22 -24.33
N TYR I 237 -4.67 17.05 -24.73
CA TYR I 237 -5.30 15.78 -24.41
C TYR I 237 -5.17 15.41 -22.95
N ASP I 238 -3.95 15.10 -22.54
CA ASP I 238 -3.75 14.54 -21.21
C ASP I 238 -4.58 15.30 -20.17
N ALA I 239 -4.68 16.63 -20.34
CA ALA I 239 -5.30 17.52 -19.35
C ALA I 239 -6.79 17.79 -19.55
N SER I 240 -7.36 17.31 -20.65
CA SER I 240 -8.80 17.32 -20.82
C SER I 240 -9.36 16.02 -20.26
N LEU I 241 -8.48 15.19 -19.72
CA LEU I 241 -8.91 13.96 -19.07
C LEU I 241 -9.50 14.27 -17.69
N SER I 242 -10.75 13.85 -17.54
CA SER I 242 -11.49 14.03 -16.32
C SER I 242 -11.51 12.71 -15.58
N PRO I 243 -11.56 12.81 -14.26
CA PRO I 243 -11.64 11.68 -13.34
C PRO I 243 -12.49 10.51 -13.81
N ALA I 244 -13.61 10.79 -14.44
CA ALA I 244 -14.48 9.72 -14.93
C ALA I 244 -13.75 8.74 -15.86
N TRP I 245 -12.90 9.25 -16.73
CA TRP I 245 -12.20 8.39 -17.69
C TRP I 245 -11.19 7.48 -16.98
N PHE I 246 -10.51 8.03 -15.99
CA PHE I 246 -9.60 7.28 -15.15
C PHE I 246 -10.32 6.15 -14.40
N GLU I 247 -11.54 6.43 -13.96
CA GLU I 247 -12.32 5.39 -13.30
C GLU I 247 -12.68 4.33 -14.33
N ALA I 248 -12.94 4.76 -15.56
CA ALA I 248 -13.21 3.80 -16.63
C ALA I 248 -11.99 2.92 -16.82
N LEU I 249 -10.81 3.55 -16.80
CA LEU I 249 -9.54 2.84 -16.94
C LEU I 249 -9.34 1.78 -15.85
N LYS I 250 -9.35 2.20 -14.59
CA LYS I 250 -9.38 1.28 -13.46
C LYS I 250 -10.34 0.10 -13.72
N MET I 251 -11.55 0.39 -14.20
CA MET I 251 -12.55 -0.65 -14.41
C MET I 251 -12.10 -1.64 -15.48
N VAL I 252 -11.25 -1.18 -16.39
CA VAL I 252 -10.68 -2.08 -17.40
C VAL I 252 -9.60 -2.91 -16.75
N LEU I 253 -8.73 -2.26 -15.99
CA LEU I 253 -7.64 -2.96 -15.32
C LEU I 253 -8.16 -4.10 -14.45
N GLU I 254 -9.27 -3.85 -13.75
CA GLU I 254 -9.85 -4.88 -12.90
C GLU I 254 -10.36 -6.08 -13.71
N LYS I 255 -11.07 -5.82 -14.81
CA LYS I 255 -11.59 -6.91 -15.63
C LYS I 255 -10.51 -7.82 -16.22
N ILE I 256 -9.29 -7.30 -16.40
CA ILE I 256 -8.21 -8.07 -17.05
C ILE I 256 -7.23 -8.69 -16.05
N GLY I 257 -7.39 -8.38 -14.79
CA GLY I 257 -6.62 -9.09 -13.79
C GLY I 257 -5.81 -8.21 -12.86
N PHE I 258 -5.91 -6.89 -13.04
CA PHE I 258 -5.00 -5.96 -12.37
C PHE I 258 -5.57 -5.25 -11.15
N GLY I 259 -6.71 -5.74 -10.66
CA GLY I 259 -7.48 -5.09 -9.62
C GLY I 259 -6.71 -4.65 -8.38
N ASP I 260 -5.90 -5.55 -7.83
CA ASP I 260 -5.15 -5.20 -6.64
C ASP I 260 -4.29 -3.94 -6.79
N ARG I 261 -3.88 -3.59 -8.01
CA ARG I 261 -3.07 -2.37 -8.18
C ARG I 261 -3.76 -1.17 -8.82
N VAL I 262 -5.05 -1.26 -9.12
CA VAL I 262 -5.75 -0.09 -9.68
C VAL I 262 -5.69 1.16 -8.78
N ASP I 263 -5.30 0.99 -7.54
CA ASP I 263 -5.22 2.16 -6.69
C ASP I 263 -4.09 3.06 -7.17
N TYR I 264 -3.11 2.46 -7.85
CA TYR I 264 -1.94 3.20 -8.37
C TYR I 264 -2.37 4.29 -9.33
N ILE I 265 -3.51 4.07 -9.99
CA ILE I 265 -4.06 5.04 -10.89
C ILE I 265 -4.72 6.18 -10.13
N ASP I 266 -5.33 5.87 -8.99
CA ASP I 266 -5.88 6.93 -8.17
C ASP I 266 -4.76 7.92 -7.82
N TYR I 267 -3.52 7.45 -7.77
CA TYR I 267 -2.39 8.34 -7.54
C TYR I 267 -2.00 9.12 -8.80
N LEU I 268 -2.49 8.66 -9.95
CA LEU I 268 -2.32 9.44 -11.19
C LEU I 268 -3.34 10.58 -11.31
N ASN I 269 -4.54 10.41 -10.72
CA ASN I 269 -5.54 11.49 -10.65
C ASN I 269 -5.12 12.60 -9.70
N HIS I 270 -4.52 12.22 -8.59
CA HIS I 270 -4.11 13.23 -7.65
C HIS I 270 -2.61 13.29 -7.53
N SER I 271 -1.99 14.20 -8.26
CA SER I 271 -0.55 14.36 -8.16
C SER I 271 -0.14 15.74 -7.71
N HIS I 272 1.01 15.79 -7.07
CA HIS I 272 1.62 17.04 -6.70
C HIS I 272 2.85 17.22 -7.56
N HIS I 273 3.13 18.45 -7.93
CA HIS I 273 4.25 18.73 -8.81
C HIS I 273 5.09 19.85 -8.24
N LEU I 274 6.40 19.72 -8.35
CA LEU I 274 7.30 20.82 -8.01
C LEU I 274 7.55 21.62 -9.28
N TYR I 275 7.86 22.90 -9.12
CA TYR I 275 8.17 23.79 -10.24
C TYR I 275 9.01 24.98 -9.77
N LYS I 276 10.33 24.83 -9.79
CA LYS I 276 11.20 25.91 -9.39
C LYS I 276 11.13 26.09 -7.89
N ASN I 277 10.39 27.12 -7.47
CA ASN I 277 10.21 27.43 -6.04
C ASN I 277 8.79 27.12 -5.56
N LYS I 278 7.89 26.82 -6.49
CA LYS I 278 6.50 26.53 -6.15
C LYS I 278 6.23 25.03 -5.98
N THR I 279 5.03 24.70 -5.52
CA THR I 279 4.62 23.32 -5.27
C THR I 279 3.12 23.28 -5.39
N TYR I 280 2.59 22.50 -6.33
CA TYR I 280 1.16 22.54 -6.63
C TYR I 280 0.53 21.17 -6.72
N CYS I 281 -0.79 21.12 -6.59
CA CYS I 281 -1.55 19.87 -6.67
C CYS I 281 -2.54 19.94 -7.81
N VAL I 282 -2.82 18.77 -8.38
CA VAL I 282 -3.67 18.62 -9.55
C VAL I 282 -4.58 17.44 -9.28
N LYS I 283 -5.80 17.49 -9.82
CA LYS I 283 -6.69 16.34 -9.74
C LYS I 283 -7.28 16.13 -11.14
N GLY I 284 -7.28 14.87 -11.59
CA GLY I 284 -7.51 14.55 -12.98
C GLY I 284 -6.24 14.75 -13.80
N GLY I 285 -6.33 14.55 -15.11
CA GLY I 285 -5.16 14.69 -15.97
C GLY I 285 -4.16 13.54 -15.91
N MET I 286 -3.50 13.28 -17.05
CA MET I 286 -2.45 12.28 -17.06
C MET I 286 -1.16 13.03 -16.78
N PRO I 287 -0.46 12.67 -15.69
CA PRO I 287 0.82 13.32 -15.39
C PRO I 287 1.88 12.82 -16.36
N SER I 288 1.93 13.37 -17.58
CA SER I 288 2.85 12.89 -18.63
C SER I 288 4.31 12.96 -18.21
N GLY I 289 4.91 11.78 -18.03
CA GLY I 289 6.26 11.71 -17.51
C GLY I 289 6.27 10.59 -16.51
N CYS I 290 5.07 10.24 -16.05
CA CYS I 290 4.92 9.15 -15.10
C CYS I 290 5.08 7.88 -15.93
N SER I 291 5.14 6.71 -15.30
CA SER I 291 5.28 5.48 -16.08
C SER I 291 3.95 5.08 -16.70
N GLY I 292 3.99 4.39 -17.83
CA GLY I 292 2.76 3.98 -18.48
C GLY I 292 2.01 5.13 -19.17
N THR I 293 2.63 6.32 -19.25
CA THR I 293 2.05 7.49 -19.95
C THR I 293 1.42 7.08 -21.30
N SER I 294 2.26 6.59 -22.20
CA SER I 294 1.83 6.22 -23.55
C SER I 294 0.70 5.18 -23.55
N ILE I 295 0.88 4.14 -22.77
CA ILE I 295 -0.03 3.01 -22.80
C ILE I 295 -1.37 3.35 -22.15
N PHE I 296 -1.36 4.25 -21.17
CA PHE I 296 -2.60 4.63 -20.51
C PHE I 296 -3.40 5.60 -21.36
N ASN I 297 -2.73 6.59 -21.91
CA ASN I 297 -3.39 7.43 -22.89
C ASN I 297 -4.01 6.64 -24.06
N SER I 298 -3.29 5.63 -24.55
CA SER I 298 -3.78 4.81 -25.65
C SER I 298 -5.03 4.01 -25.28
N MET I 299 -4.98 3.39 -24.10
CA MET I 299 -6.13 2.63 -23.63
C MET I 299 -7.34 3.55 -23.41
N ILE I 300 -7.14 4.72 -22.79
CA ILE I 300 -8.24 5.67 -22.66
C ILE I 300 -8.83 6.08 -24.02
N ASN I 301 -7.99 6.35 -25.03
CA ASN I 301 -8.50 6.56 -26.39
C ASN I 301 -9.44 5.44 -26.84
N ASN I 302 -8.95 4.20 -26.80
CA ASN I 302 -9.80 3.05 -27.12
C ASN I 302 -11.15 3.06 -26.44
N LEU I 303 -11.23 3.70 -25.26
CA LEU I 303 -12.51 3.79 -24.56
C LEU I 303 -13.29 4.94 -25.17
N ILE I 304 -12.69 6.12 -25.17
CA ILE I 304 -13.33 7.30 -25.72
C ILE I 304 -13.97 7.00 -27.09
N ILE I 305 -13.18 6.50 -28.03
CA ILE I 305 -13.74 6.22 -29.34
C ILE I 305 -14.97 5.33 -29.16
N ARG I 306 -14.79 4.17 -28.52
CA ARG I 306 -15.89 3.26 -28.29
C ARG I 306 -17.09 3.97 -27.65
N THR I 307 -16.79 4.86 -26.72
CA THR I 307 -17.82 5.59 -25.97
C THR I 307 -18.68 6.47 -26.86
N LEU I 308 -18.04 7.26 -27.73
CA LEU I 308 -18.76 8.18 -28.62
C LEU I 308 -19.51 7.45 -29.75
N LEU I 309 -18.95 6.35 -30.22
CA LEU I 309 -19.63 5.53 -31.23
C LEU I 309 -20.93 4.92 -30.72
N LEU I 310 -21.04 4.79 -29.40
CA LEU I 310 -22.23 4.22 -28.79
C LEU I 310 -23.23 5.34 -28.54
N LYS I 311 -22.71 6.49 -28.16
CA LYS I 311 -23.55 7.64 -27.90
C LYS I 311 -24.00 8.28 -29.19
N THR I 312 -23.89 7.56 -30.30
CA THR I 312 -24.31 8.10 -31.59
C THR I 312 -24.92 7.05 -32.51
N TYR I 313 -24.19 5.97 -32.71
CA TYR I 313 -24.60 5.00 -33.72
C TYR I 313 -25.35 3.81 -33.14
N LYS I 314 -26.65 4.03 -32.96
CA LYS I 314 -27.56 3.01 -32.48
C LYS I 314 -27.21 1.68 -33.13
N GLY I 315 -27.16 0.62 -32.31
CA GLY I 315 -26.86 -0.71 -32.81
C GLY I 315 -25.62 -0.75 -33.71
N ILE I 316 -24.59 0.00 -33.32
CA ILE I 316 -23.28 -0.14 -33.93
C ILE I 316 -22.63 -1.36 -33.31
N ASP I 317 -22.02 -2.19 -34.14
CA ASP I 317 -21.34 -3.36 -33.63
C ASP I 317 -19.87 -3.05 -33.44
N LEU I 318 -19.35 -3.27 -32.24
CA LEU I 318 -17.98 -2.87 -31.96
C LEU I 318 -16.96 -3.90 -32.41
N ASP I 319 -17.40 -5.13 -32.66
CA ASP I 319 -16.49 -6.10 -33.28
C ASP I 319 -16.15 -5.74 -34.74
N HIS I 320 -16.64 -4.60 -35.20
CA HIS I 320 -16.32 -4.08 -36.51
C HIS I 320 -15.63 -2.72 -36.42
N LEU I 321 -15.56 -2.15 -35.23
CA LEU I 321 -14.68 -1.01 -35.05
C LEU I 321 -13.25 -1.50 -34.97
N LYS I 322 -12.41 -1.05 -35.90
CA LYS I 322 -11.01 -1.42 -35.93
C LYS I 322 -10.14 -0.17 -35.87
N MET I 323 -9.58 0.12 -34.69
CA MET I 323 -8.74 1.31 -34.50
C MET I 323 -7.34 1.05 -33.94
N ILE I 324 -6.46 2.04 -34.13
CA ILE I 324 -5.11 2.01 -33.62
C ILE I 324 -4.77 3.36 -33.02
N ALA I 325 -4.21 3.36 -31.80
CA ALA I 325 -3.82 4.59 -31.10
C ALA I 325 -2.34 4.64 -30.71
N TYR I 326 -1.84 5.87 -30.60
CA TYR I 326 -0.54 6.17 -30.01
C TYR I 326 -0.70 7.43 -29.18
N GLY I 327 -1.19 7.28 -27.96
CA GLY I 327 -1.52 8.47 -27.20
C GLY I 327 -2.85 8.97 -27.71
N ASP I 328 -2.99 10.28 -27.87
CA ASP I 328 -4.22 10.83 -28.42
C ASP I 328 -4.35 10.60 -29.96
N ASP I 329 -3.22 10.64 -30.66
CA ASP I 329 -3.11 10.14 -32.03
C ASP I 329 -3.89 8.86 -32.28
N VAL I 330 -4.80 8.87 -33.23
CA VAL I 330 -5.58 7.68 -33.54
C VAL I 330 -6.01 7.58 -35.01
N ILE I 331 -5.90 6.38 -35.56
CA ILE I 331 -6.48 6.09 -36.86
C ILE I 331 -7.53 4.99 -36.66
N ALA I 332 -8.75 5.30 -37.05
CA ALA I 332 -9.86 4.38 -36.82
C ALA I 332 -10.62 4.05 -38.10
N SER I 333 -11.35 2.93 -38.08
CA SER I 333 -12.12 2.53 -39.25
C SER I 333 -13.36 1.71 -38.88
N TYR I 334 -14.28 1.59 -39.84
CA TYR I 334 -15.50 0.80 -39.67
C TYR I 334 -16.02 0.35 -41.02
N PRO I 335 -16.78 -0.76 -41.09
CA PRO I 335 -17.28 -1.28 -42.37
C PRO I 335 -18.24 -0.32 -43.06
N HIS I 336 -18.98 0.44 -42.25
CA HIS I 336 -19.88 1.47 -42.79
C HIS I 336 -19.24 2.79 -42.44
N GLU I 337 -19.59 3.84 -43.17
CA GLU I 337 -18.94 5.12 -42.97
C GLU I 337 -19.54 5.83 -41.77
N VAL I 338 -18.70 6.12 -40.79
CA VAL I 338 -19.11 6.96 -39.68
C VAL I 338 -18.55 8.35 -39.88
N ASP I 339 -19.28 9.35 -39.44
CA ASP I 339 -18.88 10.74 -39.64
C ASP I 339 -18.21 11.31 -38.41
N ALA I 340 -16.96 11.71 -38.57
CA ALA I 340 -16.15 12.19 -37.44
C ALA I 340 -16.62 13.54 -36.86
N SER I 341 -17.42 14.29 -37.61
CA SER I 341 -17.87 15.60 -37.13
C SER I 341 -18.82 15.47 -35.94
N LEU I 342 -19.74 14.50 -36.02
CA LEU I 342 -20.73 14.27 -34.97
C LEU I 342 -20.07 13.64 -33.74
N LEU I 343 -19.09 12.78 -33.96
CA LEU I 343 -18.37 12.18 -32.85
C LEU I 343 -17.78 13.31 -32.02
N ALA I 344 -17.23 14.32 -32.70
CA ALA I 344 -16.60 15.43 -32.01
C ALA I 344 -17.64 16.30 -31.31
N GLN I 345 -18.90 16.11 -31.71
CA GLN I 345 -20.03 16.76 -31.07
C GLN I 345 -20.27 16.13 -29.69
N SER I 346 -20.70 14.88 -29.70
CA SER I 346 -20.80 14.05 -28.50
C SER I 346 -19.55 14.18 -27.64
N GLY I 347 -18.46 14.58 -28.27
CA GLY I 347 -17.17 14.57 -27.62
C GLY I 347 -16.97 15.61 -26.53
N LYS I 348 -17.61 16.76 -26.66
CA LYS I 348 -17.41 17.79 -25.64
C LYS I 348 -18.33 17.58 -24.42
N ASP I 349 -19.29 16.66 -24.55
CA ASP I 349 -20.10 16.19 -23.43
C ASP I 349 -19.18 15.62 -22.36
N TYR I 350 -17.95 15.31 -22.77
CA TYR I 350 -17.01 14.61 -21.92
C TYR I 350 -15.73 15.42 -21.70
N GLY I 351 -15.70 16.64 -22.21
CA GLY I 351 -14.58 17.53 -21.93
C GLY I 351 -13.44 17.43 -22.93
N LEU I 352 -13.70 16.66 -23.99
CA LEU I 352 -12.71 16.45 -25.04
C LEU I 352 -12.95 17.38 -26.21
N THR I 353 -11.86 17.84 -26.81
CA THR I 353 -11.93 18.64 -28.03
C THR I 353 -11.09 17.98 -29.14
N MET I 354 -11.76 17.24 -30.01
CA MET I 354 -11.13 16.45 -31.05
C MET I 354 -10.93 17.24 -32.37
N THR I 355 -9.81 17.00 -33.04
CA THR I 355 -9.45 17.75 -34.27
C THR I 355 -9.71 16.92 -35.52
N PRO I 356 -9.09 17.29 -36.65
CA PRO I 356 -9.12 16.42 -37.84
C PRO I 356 -7.83 15.64 -38.11
N ALA I 357 -6.90 15.62 -37.14
CA ALA I 357 -5.63 14.84 -37.20
C ALA I 357 -4.50 15.53 -37.99
N ASP I 358 -4.83 16.68 -38.59
CA ASP I 358 -3.87 17.47 -39.35
C ASP I 358 -3.95 18.89 -38.86
N LYS I 359 -4.93 19.14 -37.99
CA LYS I 359 -5.36 20.50 -37.65
C LYS I 359 -6.16 21.16 -38.78
N SER I 360 -6.69 20.31 -39.68
CA SER I 360 -7.38 20.75 -40.89
C SER I 360 -8.56 21.68 -40.63
N ALA I 361 -9.10 21.62 -39.41
CA ALA I 361 -10.19 22.50 -38.99
C ALA I 361 -11.45 22.37 -39.86
N THR I 362 -11.51 21.31 -40.66
CA THR I 362 -12.71 20.96 -41.40
C THR I 362 -12.78 19.44 -41.46
N PHE I 363 -13.83 18.86 -40.91
CA PHE I 363 -13.95 17.41 -40.91
C PHE I 363 -14.13 16.91 -42.34
N GLU I 364 -13.00 16.64 -42.97
CA GLU I 364 -12.96 16.15 -44.35
C GLU I 364 -13.17 14.64 -44.38
N THR I 365 -13.68 14.14 -45.51
CA THR I 365 -13.75 12.70 -45.68
C THR I 365 -12.33 12.16 -45.66
N VAL I 366 -12.13 11.02 -45.02
CA VAL I 366 -10.79 10.46 -44.84
C VAL I 366 -10.62 9.25 -45.77
N THR I 367 -9.50 9.25 -46.50
CA THR I 367 -9.17 8.19 -47.44
C THR I 367 -7.71 7.83 -47.31
N TRP I 368 -7.31 6.70 -47.89
CA TRP I 368 -5.90 6.34 -47.88
C TRP I 368 -4.98 7.41 -48.54
N GLU I 369 -5.55 8.51 -49.03
CA GLU I 369 -4.73 9.57 -49.60
C GLU I 369 -4.44 10.66 -48.57
N ASN I 370 -5.47 11.13 -47.89
CA ASN I 370 -5.28 12.23 -46.92
C ASN I 370 -5.02 11.77 -45.46
N VAL I 371 -5.34 10.51 -45.13
CA VAL I 371 -5.10 10.04 -43.79
C VAL I 371 -3.64 10.09 -43.40
N THR I 372 -3.42 10.48 -42.14
CA THR I 372 -2.09 10.50 -41.52
C THR I 372 -2.11 9.87 -40.14
N PHE I 373 -1.04 9.17 -39.80
CA PHE I 373 -0.90 8.57 -38.48
C PHE I 373 0.56 8.82 -38.05
N LEU I 374 0.78 9.34 -36.85
CA LEU I 374 2.16 9.65 -36.45
C LEU I 374 2.83 10.63 -37.44
N LYS I 375 2.04 11.51 -38.03
CA LYS I 375 2.53 12.57 -38.93
C LYS I 375 2.84 12.06 -40.34
N ARG I 376 2.57 10.78 -40.61
CA ARG I 376 2.94 10.17 -41.86
C ARG I 376 1.76 9.79 -42.76
N PHE I 377 1.99 9.85 -44.09
CA PHE I 377 1.00 9.42 -45.06
C PHE I 377 1.17 7.95 -45.47
N PHE I 378 0.18 7.41 -46.17
CA PHE I 378 0.26 6.04 -46.68
C PHE I 378 0.26 6.08 -48.21
N ARG I 379 1.13 5.28 -48.82
CA ARG I 379 1.28 5.24 -50.27
C ARG I 379 1.83 3.88 -50.67
N ALA I 380 1.12 3.17 -51.52
CA ALA I 380 1.64 1.90 -51.95
C ALA I 380 2.91 2.16 -52.78
N ASP I 381 3.77 1.16 -52.82
CA ASP I 381 4.91 1.19 -53.70
C ASP I 381 4.49 0.90 -55.15
N GLU I 382 5.06 1.64 -56.12
CA GLU I 382 4.69 1.48 -57.54
C GLU I 382 5.02 0.13 -58.16
N LYS I 383 6.10 -0.50 -57.70
CA LYS I 383 6.40 -1.86 -58.12
C LYS I 383 5.54 -2.83 -57.32
N TYR I 384 5.73 -2.83 -56.01
CA TYR I 384 5.02 -3.74 -55.12
C TYR I 384 3.93 -3.01 -54.36
N PRO I 385 2.69 -3.01 -54.90
CA PRO I 385 1.62 -2.13 -54.41
C PRO I 385 1.03 -2.58 -53.07
N PHE I 386 1.34 -3.81 -52.65
CA PHE I 386 0.99 -4.27 -51.32
C PHE I 386 1.97 -3.83 -50.22
N LEU I 387 2.99 -3.07 -50.60
CA LEU I 387 3.96 -2.55 -49.64
C LEU I 387 3.72 -1.07 -49.53
N ILE I 388 3.61 -0.60 -48.29
CA ILE I 388 3.13 0.74 -48.05
C ILE I 388 4.24 1.58 -47.42
N HIS I 389 4.60 2.65 -48.10
CA HIS I 389 5.49 3.63 -47.54
C HIS I 389 4.78 4.41 -46.44
N PRO I 390 5.47 4.66 -45.32
CA PRO I 390 5.11 5.74 -44.41
C PRO I 390 5.71 7.01 -44.95
N VAL I 391 4.93 7.96 -45.45
CA VAL I 391 5.59 9.18 -45.93
C VAL I 391 5.40 10.39 -45.00
N MET I 392 6.49 10.74 -44.33
CA MET I 392 6.62 11.97 -43.57
C MET I 392 6.88 13.10 -44.56
N PRO I 393 6.12 14.19 -44.44
CA PRO I 393 6.33 15.34 -45.34
C PRO I 393 7.73 15.95 -45.24
N MET I 394 8.27 16.38 -46.36
CA MET I 394 9.61 16.94 -46.34
C MET I 394 9.64 18.22 -45.50
N LYS I 395 8.49 18.89 -45.36
CA LYS I 395 8.47 20.13 -44.59
C LYS I 395 8.95 19.85 -43.17
N GLU I 396 8.52 18.70 -42.66
CA GLU I 396 8.88 18.27 -41.34
C GLU I 396 10.38 18.01 -41.24
N ILE I 397 10.90 17.25 -42.20
CA ILE I 397 12.33 16.97 -42.25
C ILE I 397 13.19 18.23 -42.48
N HIS I 398 12.69 19.14 -43.31
CA HIS I 398 13.36 20.40 -43.50
C HIS I 398 13.49 21.14 -42.18
N GLU I 399 12.38 21.23 -41.45
CA GLU I 399 12.35 21.86 -40.13
C GLU I 399 13.42 21.32 -39.16
N SER I 400 13.52 20.00 -39.10
CA SER I 400 14.48 19.33 -38.22
C SER I 400 15.95 19.54 -38.58
N ILE I 401 16.24 19.70 -39.86
CA ILE I 401 17.65 19.77 -40.28
C ILE I 401 18.28 21.12 -39.96
N ARG I 402 17.43 22.15 -39.89
CA ARG I 402 17.88 23.54 -39.75
C ARG I 402 18.39 23.84 -38.36
N TRP I 403 18.21 22.89 -37.45
CA TRP I 403 18.77 23.05 -36.11
C TRP I 403 19.63 21.88 -35.64
N THR I 404 20.25 22.09 -34.49
CA THR I 404 21.13 21.11 -33.91
C THR I 404 21.32 21.44 -32.41
N LYS I 405 21.58 20.40 -31.61
CA LYS I 405 21.88 20.54 -30.20
C LYS I 405 23.38 20.38 -29.94
N ASP I 406 24.07 19.75 -30.88
CA ASP I 406 25.49 19.47 -30.76
C ASP I 406 26.04 19.06 -32.13
N PRO I 407 26.78 19.97 -32.77
CA PRO I 407 27.31 19.71 -34.10
C PRO I 407 28.08 18.40 -34.19
N ARG I 408 28.55 17.87 -33.08
CA ARG I 408 29.18 16.54 -33.11
C ARG I 408 28.28 15.56 -33.86
N ASN I 409 26.97 15.74 -33.74
CA ASN I 409 25.97 14.78 -34.25
C ASN I 409 25.40 15.11 -35.64
N THR I 410 26.13 15.84 -36.48
CA THR I 410 25.54 16.25 -37.75
C THR I 410 25.29 15.05 -38.62
N GLN I 411 26.24 14.11 -38.60
CA GLN I 411 26.18 12.97 -39.48
C GLN I 411 24.98 12.08 -39.12
N ASP I 412 24.87 11.75 -37.85
CA ASP I 412 23.81 10.89 -37.38
C ASP I 412 22.47 11.57 -37.61
N HIS I 413 22.40 12.86 -37.32
CA HIS I 413 21.16 13.60 -37.45
C HIS I 413 20.64 13.53 -38.87
N VAL I 414 21.41 14.14 -39.78
CA VAL I 414 21.09 14.18 -41.21
C VAL I 414 20.83 12.80 -41.82
N ARG I 415 21.68 11.82 -41.51
CA ARG I 415 21.42 10.47 -42.02
C ARG I 415 20.09 9.90 -41.50
N SER I 416 19.77 10.16 -40.24
CA SER I 416 18.47 9.72 -39.73
C SER I 416 17.35 10.34 -40.57
N LEU I 417 17.50 11.59 -40.97
CA LEU I 417 16.44 12.22 -41.74
C LEU I 417 16.33 11.58 -43.13
N CYS I 418 17.44 11.03 -43.61
CA CYS I 418 17.45 10.32 -44.88
C CYS I 418 16.59 9.07 -44.87
N LEU I 419 16.64 8.31 -43.78
CA LEU I 419 15.77 7.14 -43.61
C LEU I 419 14.31 7.55 -43.43
N LEU I 420 14.06 8.85 -43.33
CA LEU I 420 12.71 9.38 -43.23
C LEU I 420 12.20 9.91 -44.58
N ALA I 421 13.10 10.51 -45.35
CA ALA I 421 12.70 11.32 -46.50
C ALA I 421 12.61 10.58 -47.82
N TRP I 422 13.21 9.41 -47.89
CA TRP I 422 13.26 8.73 -49.16
C TRP I 422 11.93 8.08 -49.53
N HIS I 423 11.07 7.93 -48.53
CA HIS I 423 9.73 7.42 -48.79
C HIS I 423 9.01 8.46 -49.63
N ASN I 424 9.49 9.69 -49.61
CA ASN I 424 8.94 10.74 -50.45
C ASN I 424 9.20 10.50 -51.94
N GLY I 425 10.12 9.59 -52.25
CA GLY I 425 10.37 9.19 -53.63
C GLY I 425 11.69 9.67 -54.23
N GLU I 426 12.35 8.79 -54.97
CA GLU I 426 13.66 9.07 -55.60
C GLU I 426 13.87 10.49 -56.16
N GLU I 427 12.86 11.02 -56.84
CA GLU I 427 13.02 12.36 -57.40
C GLU I 427 13.16 13.39 -56.29
N GLU I 428 12.35 13.23 -55.24
CA GLU I 428 12.37 14.15 -54.13
C GLU I 428 13.60 13.93 -53.25
N TYR I 429 13.97 12.66 -53.09
CA TYR I 429 15.09 12.31 -52.22
C TYR I 429 16.39 12.87 -52.75
N ASN I 430 16.57 12.75 -54.06
CA ASN I 430 17.81 13.23 -54.67
C ASN I 430 17.93 14.74 -54.59
N LYS I 431 16.82 15.44 -54.68
CA LYS I 431 16.82 16.89 -54.53
C LYS I 431 17.33 17.23 -53.13
N PHE I 432 17.01 16.35 -52.18
CA PHE I 432 17.36 16.53 -50.79
C PHE I 432 18.87 16.33 -50.64
N LEU I 433 19.42 15.25 -51.16
CA LEU I 433 20.88 15.06 -51.07
C LEU I 433 21.66 16.18 -51.77
N ALA I 434 21.00 16.90 -52.69
CA ALA I 434 21.68 17.93 -53.46
C ALA I 434 21.85 19.15 -52.59
N LYS I 435 20.73 19.62 -52.06
CA LYS I 435 20.75 20.78 -51.19
C LYS I 435 21.65 20.57 -49.97
N ILE I 436 21.62 19.37 -49.40
CA ILE I 436 22.52 19.06 -48.29
C ILE I 436 23.94 19.17 -48.76
N ARG I 437 24.18 18.66 -49.96
CA ARG I 437 25.53 18.67 -50.51
C ARG I 437 25.91 20.03 -51.10
N SER I 438 24.97 20.98 -51.04
CA SER I 438 25.26 22.35 -51.48
C SER I 438 26.10 23.15 -50.46
N VAL I 439 26.60 22.50 -49.41
CA VAL I 439 27.46 23.15 -48.42
C VAL I 439 28.65 22.27 -48.05
N PRO I 440 29.78 22.90 -47.73
CA PRO I 440 31.02 22.13 -47.59
C PRO I 440 30.81 20.97 -46.64
N ILE I 441 30.08 21.21 -45.57
CA ILE I 441 29.89 20.20 -44.54
C ILE I 441 29.03 19.07 -45.08
N GLY I 442 28.02 19.45 -45.88
CA GLY I 442 27.14 18.50 -46.55
C GLY I 442 27.90 17.45 -47.34
N ARG I 443 29.10 17.80 -47.81
CA ARG I 443 29.87 16.88 -48.63
C ARG I 443 30.82 16.06 -47.82
N ALA I 444 30.71 16.12 -46.50
CA ALA I 444 31.59 15.36 -45.61
C ALA I 444 30.82 14.18 -45.01
N LEU I 445 29.50 14.29 -45.05
CA LEU I 445 28.57 13.30 -44.51
C LEU I 445 28.44 12.11 -45.47
N ASP I 446 28.27 10.93 -44.89
CA ASP I 446 28.06 9.70 -45.64
C ASP I 446 26.57 9.46 -45.69
N LEU I 447 25.98 9.66 -46.86
CA LEU I 447 24.56 9.51 -47.04
C LEU I 447 24.22 8.30 -47.91
N PRO I 448 23.05 7.67 -47.69
CA PRO I 448 22.75 6.46 -48.46
C PRO I 448 22.06 6.80 -49.76
N GLU I 449 22.34 6.05 -50.79
CA GLU I 449 21.68 6.27 -52.05
C GLU I 449 20.26 5.70 -52.05
N TYR I 450 19.34 6.41 -52.71
CA TYR I 450 17.98 5.92 -52.87
C TYR I 450 17.90 4.43 -53.12
N SER I 451 18.64 3.94 -54.10
CA SER I 451 18.63 2.51 -54.42
C SER I 451 18.99 1.64 -53.22
N THR I 452 19.79 2.15 -52.29
CA THR I 452 20.19 1.33 -51.14
C THR I 452 19.07 1.27 -50.10
N LEU I 453 18.46 2.41 -49.82
CA LEU I 453 17.36 2.49 -48.89
C LEU I 453 16.22 1.61 -49.38
N TYR I 454 15.90 1.75 -50.67
CA TYR I 454 14.84 0.96 -51.30
C TYR I 454 15.10 -0.53 -51.25
N ARG I 455 16.29 -0.94 -51.70
CA ARG I 455 16.69 -2.33 -51.68
C ARG I 455 16.67 -2.88 -50.26
N ARG I 456 16.92 -2.01 -49.29
CA ARG I 456 16.89 -2.41 -47.88
C ARG I 456 15.45 -2.60 -47.42
N TRP I 457 14.60 -1.63 -47.69
CA TRP I 457 13.22 -1.77 -47.35
C TRP I 457 12.74 -3.12 -47.79
N LEU I 458 12.59 -3.32 -49.08
CA LEU I 458 12.14 -4.60 -49.61
C LEU I 458 12.68 -5.81 -48.87
N ASP I 459 13.98 -5.89 -48.66
CA ASP I 459 14.55 -7.02 -47.97
C ASP I 459 14.01 -7.22 -46.55
N SER I 460 13.69 -6.11 -45.87
CA SER I 460 13.20 -6.19 -44.48
C SER I 460 11.83 -6.87 -44.32
N PHE I 461 11.16 -7.12 -45.45
CA PHE I 461 9.97 -7.97 -45.50
C PHE I 461 10.35 -9.43 -45.72
N GLY M 1 56.04 -55.75 -64.87
CA GLY M 1 56.64 -54.85 -65.84
C GLY M 1 58.15 -54.77 -65.71
N GLU M 2 58.85 -54.70 -66.84
CA GLU M 2 60.31 -54.80 -66.83
C GLU M 2 61.02 -53.77 -67.73
N ILE M 3 62.20 -53.35 -67.31
CA ILE M 3 62.97 -52.39 -68.08
C ILE M 3 63.46 -53.01 -69.39
N GLN M 4 63.25 -52.31 -70.51
CA GLN M 4 63.69 -52.82 -71.81
C GLN M 4 65.13 -52.41 -72.07
N TRP M 5 65.43 -51.12 -71.91
CA TRP M 5 66.79 -50.67 -72.11
C TRP M 5 67.30 -49.65 -71.10
N MET M 6 68.47 -49.09 -71.40
CA MET M 6 69.15 -48.18 -70.48
C MET M 6 70.37 -47.65 -71.23
N ARG M 7 70.41 -46.35 -71.44
CA ARG M 7 71.53 -45.74 -72.14
C ARG M 7 71.51 -44.22 -71.94
N PRO M 8 72.70 -43.62 -71.84
CA PRO M 8 72.88 -42.20 -71.57
C PRO M 8 71.80 -41.29 -72.19
N SER M 9 71.18 -40.46 -71.35
CA SER M 9 70.23 -39.45 -71.83
C SER M 9 70.75 -38.76 -73.09
N LYS M 10 71.98 -38.22 -73.02
CA LYS M 10 72.57 -37.50 -74.14
C LYS M 10 72.76 -38.43 -75.33
N GLU M 11 72.85 -39.72 -75.05
CA GLU M 11 72.93 -40.73 -76.10
C GLU M 11 71.56 -41.00 -76.75
N VAL M 12 70.60 -40.09 -76.51
CA VAL M 12 69.25 -40.15 -77.11
C VAL M 12 68.52 -38.78 -77.07
N GLY M 13 69.31 -37.71 -77.03
CA GLY M 13 68.76 -36.37 -77.07
C GLY M 13 68.17 -35.87 -75.77
N TYR M 14 68.33 -36.64 -74.69
CA TYR M 14 67.77 -36.23 -73.39
C TYR M 14 68.79 -35.65 -72.44
N PRO M 15 68.35 -34.75 -71.56
CA PRO M 15 69.30 -34.08 -70.68
C PRO M 15 69.66 -34.92 -69.47
N ILE M 16 70.71 -34.49 -68.76
CA ILE M 16 71.00 -35.00 -67.42
C ILE M 16 70.15 -34.23 -66.41
N ILE M 17 69.55 -34.99 -65.50
CA ILE M 17 68.76 -34.45 -64.40
C ILE M 17 69.24 -35.08 -63.10
N ASN M 18 70.01 -34.33 -62.31
CA ASN M 18 70.46 -34.83 -61.02
C ASN M 18 69.62 -34.30 -59.87
N ALA M 19 69.00 -35.21 -59.12
CA ALA M 19 68.21 -34.83 -57.95
C ALA M 19 69.14 -34.51 -56.79
N PRO M 20 68.59 -33.96 -55.70
CA PRO M 20 69.46 -33.65 -54.55
C PRO M 20 70.01 -34.93 -53.93
N SER M 21 71.09 -34.77 -53.17
CA SER M 21 71.84 -35.91 -52.66
C SER M 21 71.70 -36.09 -51.16
N LYS M 22 70.94 -35.19 -50.54
CA LYS M 22 70.76 -35.22 -49.08
C LYS M 22 69.29 -35.15 -48.68
N THR M 23 68.93 -35.92 -47.64
CA THR M 23 67.58 -35.90 -47.09
C THR M 23 67.30 -34.56 -46.42
N LYS M 24 66.02 -34.17 -46.39
CA LYS M 24 65.59 -33.00 -45.61
C LYS M 24 65.30 -33.42 -44.16
N LEU M 25 65.33 -34.73 -43.90
CA LEU M 25 64.98 -35.30 -42.59
C LEU M 25 66.07 -35.19 -41.52
N GLU M 26 65.81 -34.40 -40.51
CA GLU M 26 66.70 -34.32 -39.36
C GLU M 26 65.91 -34.68 -38.11
N PRO M 27 66.58 -35.27 -37.09
CA PRO M 27 66.03 -35.48 -35.76
C PRO M 27 65.39 -34.22 -35.15
N SER M 28 64.23 -34.42 -34.54
CA SER M 28 63.48 -33.34 -33.93
C SER M 28 63.77 -33.26 -32.44
N ALA M 29 63.36 -32.15 -31.82
CA ALA M 29 63.42 -32.04 -30.34
C ALA M 29 63.00 -33.35 -29.63
N PHE M 30 61.99 -34.03 -30.16
CA PHE M 30 61.46 -35.24 -29.52
C PHE M 30 62.14 -36.50 -30.01
N HIS M 31 63.36 -36.36 -30.53
CA HIS M 31 64.05 -37.53 -31.03
C HIS M 31 64.32 -38.56 -29.93
N TYR M 32 64.67 -38.06 -28.74
CA TYR M 32 65.13 -38.95 -27.68
C TYR M 32 64.07 -39.29 -26.62
N VAL M 33 63.04 -38.46 -26.53
CA VAL M 33 61.88 -38.72 -25.71
C VAL M 33 61.21 -40.02 -26.10
N PHE M 34 61.04 -40.20 -27.41
CA PHE M 34 60.32 -41.35 -27.97
C PHE M 34 61.27 -42.36 -28.61
N GLU M 35 60.76 -43.57 -28.82
CA GLU M 35 61.53 -44.61 -29.52
C GLU M 35 61.08 -44.75 -30.96
N GLY M 36 61.91 -45.38 -31.79
CA GLY M 36 61.52 -45.64 -33.16
C GLY M 36 62.66 -46.20 -33.98
N VAL M 37 62.32 -47.15 -34.84
CA VAL M 37 63.32 -47.86 -35.64
C VAL M 37 63.44 -47.35 -37.07
N LYS M 38 63.12 -46.09 -37.31
CA LYS M 38 63.09 -45.55 -38.68
C LYS M 38 64.01 -44.35 -38.96
N GLU M 39 64.81 -44.48 -40.02
CA GLU M 39 65.67 -43.41 -40.46
C GLU M 39 65.24 -42.94 -41.85
N PRO M 40 65.78 -41.81 -42.33
CA PRO M 40 65.54 -41.41 -43.72
C PRO M 40 66.01 -42.50 -44.65
N ALA M 41 65.36 -42.65 -45.80
CA ALA M 41 65.71 -43.70 -46.74
C ALA M 41 66.98 -43.32 -47.49
N VAL M 42 67.54 -44.29 -48.21
CA VAL M 42 68.73 -44.06 -49.01
C VAL M 42 68.46 -43.28 -50.31
N LEU M 43 69.24 -42.23 -50.55
CA LEU M 43 69.01 -41.33 -51.69
C LEU M 43 70.08 -41.47 -52.77
N THR M 44 71.28 -41.91 -52.36
CA THR M 44 72.43 -42.02 -53.25
C THR M 44 73.13 -43.35 -52.99
N LYS M 45 74.01 -43.73 -53.90
CA LYS M 45 74.73 -44.99 -53.76
C LYS M 45 76.00 -44.84 -52.92
N ASN M 46 76.52 -43.61 -52.86
CA ASN M 46 77.60 -43.26 -51.94
C ASN M 46 77.10 -43.05 -50.52
N ASP M 47 76.40 -44.06 -49.99
CA ASP M 47 75.76 -43.95 -48.67
C ASP M 47 76.21 -45.12 -47.79
N PRO M 48 76.81 -44.81 -46.63
CA PRO M 48 77.43 -45.78 -45.70
C PRO M 48 76.50 -46.90 -45.30
N ARG M 49 75.32 -46.53 -44.84
CA ARG M 49 74.39 -47.48 -44.22
C ARG M 49 74.02 -48.66 -45.12
N LEU M 50 74.34 -48.56 -46.40
CA LEU M 50 74.04 -49.62 -47.35
C LEU M 50 74.77 -50.94 -47.06
N LYS M 51 74.09 -52.04 -47.36
CA LYS M 51 74.70 -53.34 -47.27
C LYS M 51 74.39 -54.17 -48.52
N THR M 52 74.30 -53.49 -49.66
CA THR M 52 74.02 -54.09 -50.97
C THR M 52 74.08 -53.04 -52.08
N ASP M 53 74.00 -53.47 -53.34
CA ASP M 53 74.02 -52.52 -54.44
C ASP M 53 72.73 -51.68 -54.48
N PHE M 54 72.87 -50.36 -54.43
CA PHE M 54 71.72 -49.46 -54.50
C PHE M 54 70.92 -49.58 -55.80
N GLU M 55 71.46 -49.02 -56.88
CA GLU M 55 70.78 -49.00 -58.17
C GLU M 55 70.25 -50.38 -58.57
N GLU M 56 70.88 -51.43 -58.05
CA GLU M 56 70.38 -52.77 -58.28
C GLU M 56 69.10 -53.02 -57.49
N ALA M 57 69.02 -52.42 -56.31
CA ALA M 57 67.93 -52.69 -55.38
C ALA M 57 66.67 -51.89 -55.70
N ILE M 58 66.86 -50.66 -56.17
CA ILE M 58 65.73 -49.76 -56.49
C ILE M 58 65.00 -50.13 -57.78
N PHE M 59 65.75 -50.53 -58.79
CA PHE M 59 65.14 -51.02 -60.02
C PHE M 59 64.91 -52.52 -59.94
N SER M 60 65.08 -53.08 -58.74
CA SER M 60 64.93 -54.51 -58.53
C SER M 60 63.47 -54.92 -58.53
N LYS M 61 62.59 -53.94 -58.37
CA LYS M 61 61.15 -54.22 -58.26
C LYS M 61 60.54 -54.58 -59.61
N TYR M 62 61.25 -54.28 -60.69
CA TYR M 62 60.72 -54.53 -62.01
C TYR M 62 60.90 -55.99 -62.46
N VAL M 63 60.21 -56.90 -61.80
CA VAL M 63 60.10 -58.26 -62.30
C VAL M 63 59.23 -58.29 -63.57
N GLY M 64 59.62 -59.12 -64.53
CA GLY M 64 58.92 -59.24 -65.80
C GLY M 64 57.40 -59.24 -65.72
N ASN M 65 56.77 -59.04 -66.87
CA ASN M 65 55.31 -58.83 -66.93
C ASN M 65 54.46 -60.02 -66.50
N LYS M 66 54.73 -61.19 -67.09
CA LYS M 66 53.87 -62.37 -66.96
C LYS M 66 52.63 -62.29 -67.85
N ILE M 67 51.49 -62.61 -67.24
CA ILE M 67 50.24 -62.78 -67.99
C ILE M 67 49.98 -61.65 -68.99
N THR M 68 49.33 -62.00 -70.10
CA THR M 68 49.26 -61.07 -71.24
C THR M 68 47.85 -60.98 -71.83
N GLU M 69 47.07 -62.04 -71.64
CA GLU M 69 45.72 -62.08 -72.19
C GLU M 69 44.66 -61.98 -71.11
N VAL M 70 43.82 -60.96 -71.21
CA VAL M 70 42.60 -60.89 -70.43
C VAL M 70 41.91 -62.23 -70.56
N ASP M 71 42.12 -63.11 -69.58
CA ASP M 71 41.46 -64.43 -69.59
C ASP M 71 39.98 -64.35 -69.23
N GLU M 72 39.30 -65.49 -69.20
CA GLU M 72 37.82 -65.47 -69.14
C GLU M 72 37.25 -64.93 -67.83
N TYR M 73 38.03 -65.02 -66.75
CA TYR M 73 37.56 -64.53 -65.45
C TYR M 73 37.74 -63.03 -65.37
N MET M 74 38.89 -62.54 -65.86
CA MET M 74 39.10 -61.11 -66.02
C MET M 74 37.92 -60.45 -66.79
N LYS M 75 37.41 -61.10 -67.83
CA LYS M 75 36.27 -60.60 -68.59
C LYS M 75 34.96 -60.46 -67.78
N GLU M 76 34.63 -61.44 -66.93
CA GLU M 76 33.40 -61.37 -66.13
C GLU M 76 33.57 -60.35 -64.99
N ALA M 77 34.79 -60.28 -64.46
CA ALA M 77 35.19 -59.20 -63.55
C ALA M 77 34.87 -57.84 -64.19
N VAL M 78 35.61 -57.53 -65.25
CA VAL M 78 35.36 -56.34 -66.05
C VAL M 78 33.86 -56.07 -66.25
N ASP M 79 33.09 -57.12 -66.52
CA ASP M 79 31.68 -56.89 -66.80
C ASP M 79 30.96 -56.40 -65.59
N HIS M 80 31.35 -56.94 -64.43
CA HIS M 80 30.64 -56.64 -63.19
C HIS M 80 31.06 -55.28 -62.62
N TYR M 81 32.36 -55.01 -62.62
CA TYR M 81 32.85 -53.80 -62.01
C TYR M 81 32.23 -52.67 -62.78
N ALA M 82 32.33 -52.82 -64.11
CA ALA M 82 31.97 -51.80 -65.08
C ALA M 82 30.50 -51.43 -64.99
N GLY M 83 29.68 -52.42 -64.62
CA GLY M 83 28.25 -52.23 -64.46
C GLY M 83 27.94 -51.61 -63.12
N GLN M 84 28.83 -51.85 -62.16
CA GLN M 84 28.73 -51.15 -60.88
C GLN M 84 28.83 -49.65 -61.14
N LEU M 85 29.89 -49.25 -61.85
CA LEU M 85 30.15 -47.84 -62.13
C LEU M 85 29.12 -47.20 -63.06
N MET M 86 28.35 -48.04 -63.76
CA MET M 86 27.37 -47.50 -64.70
C MET M 86 26.33 -46.72 -63.92
N SER M 87 26.14 -47.11 -62.67
CA SER M 87 25.06 -46.54 -61.87
C SER M 87 25.41 -45.14 -61.44
N LEU M 88 26.70 -44.85 -61.41
CA LEU M 88 27.17 -43.57 -60.89
C LEU M 88 26.86 -42.47 -61.88
N ASP M 89 26.63 -42.84 -63.13
CA ASP M 89 26.32 -41.88 -64.18
C ASP M 89 27.44 -40.88 -64.43
N ILE M 90 28.68 -41.39 -64.47
CA ILE M 90 29.84 -40.56 -64.68
C ILE M 90 29.75 -39.79 -66.00
N ASN M 91 29.94 -38.48 -65.94
CA ASN M 91 30.00 -37.66 -67.15
C ASN M 91 31.21 -38.11 -67.96
N THR M 92 30.98 -38.55 -69.18
CA THR M 92 32.06 -39.09 -70.01
C THR M 92 32.72 -38.05 -70.91
N GLU M 93 32.29 -36.81 -70.79
CA GLU M 93 32.82 -35.78 -71.65
C GLU M 93 34.28 -35.53 -71.37
N GLN M 94 34.97 -34.97 -72.35
CA GLN M 94 36.28 -34.44 -72.10
C GLN M 94 36.14 -33.21 -71.22
N MET M 95 37.12 -32.99 -70.35
CA MET M 95 37.15 -31.85 -69.49
C MET M 95 37.94 -30.75 -70.19
N CYS M 96 37.48 -29.51 -70.09
CA CYS M 96 38.12 -28.41 -70.82
C CYS M 96 39.51 -28.10 -70.25
N LEU M 97 40.35 -27.43 -71.04
CA LEU M 97 41.72 -27.19 -70.61
C LEU M 97 41.74 -26.39 -69.31
N GLU M 98 40.85 -25.41 -69.19
CA GLU M 98 40.85 -24.57 -68.01
C GLU M 98 40.59 -25.39 -66.75
N ASP M 99 39.53 -26.19 -66.76
CA ASP M 99 39.25 -27.07 -65.62
C ASP M 99 40.34 -28.10 -65.38
N ALA M 100 40.86 -28.70 -66.46
CA ALA M 100 41.99 -29.60 -66.36
C ALA M 100 43.10 -28.98 -65.51
N MET M 101 43.47 -27.73 -65.82
CA MET M 101 44.57 -27.05 -65.13
C MET M 101 44.19 -26.49 -63.75
N TYR M 102 43.07 -25.79 -63.68
CA TYR M 102 42.80 -24.94 -62.55
C TYR M 102 41.85 -25.53 -61.53
N GLY M 103 41.25 -26.66 -61.91
CA GLY M 103 40.41 -27.42 -61.02
C GLY M 103 38.95 -27.13 -61.24
N THR M 104 38.07 -27.95 -60.67
CA THR M 104 36.63 -27.79 -60.79
C THR M 104 36.02 -28.63 -59.65
N ASP M 105 34.72 -28.85 -59.66
CA ASP M 105 34.17 -29.64 -58.56
C ASP M 105 34.56 -31.10 -58.63
N GLY M 106 35.27 -31.55 -57.61
CA GLY M 106 35.68 -32.94 -57.52
C GLY M 106 37.12 -33.11 -57.95
N LEU M 107 37.68 -32.06 -58.57
CA LEU M 107 39.07 -32.06 -59.00
C LEU M 107 39.83 -30.81 -58.51
N GLU M 108 40.96 -31.01 -57.83
CA GLU M 108 41.82 -29.91 -57.43
C GLU M 108 42.64 -29.35 -58.60
N ALA M 109 43.20 -28.15 -58.43
CA ALA M 109 44.09 -27.59 -59.44
C ALA M 109 45.38 -28.40 -59.39
N LEU M 110 46.25 -28.20 -60.38
CA LEU M 110 47.53 -28.87 -60.33
C LEU M 110 48.38 -28.24 -59.24
N ASP M 111 49.24 -29.03 -58.62
CA ASP M 111 50.05 -28.56 -57.52
C ASP M 111 51.17 -27.63 -58.01
N LEU M 112 51.03 -26.33 -57.75
CA LEU M 112 51.99 -25.33 -58.25
C LEU M 112 53.31 -25.36 -57.51
N SER M 113 53.43 -26.23 -56.52
CA SER M 113 54.66 -26.30 -55.76
C SER M 113 55.40 -27.61 -55.99
N THR M 114 55.14 -28.21 -57.13
CA THR M 114 55.84 -29.43 -57.47
C THR M 114 56.38 -29.27 -58.88
N SER M 115 57.39 -30.07 -59.21
CA SER M 115 58.07 -29.94 -60.51
C SER M 115 57.10 -29.88 -61.69
N ALA M 116 57.51 -29.20 -62.75
CA ALA M 116 56.76 -29.23 -63.99
C ALA M 116 57.18 -30.44 -64.81
N GLY M 117 58.15 -31.21 -64.31
CA GLY M 117 58.63 -32.39 -65.01
C GLY M 117 59.37 -32.03 -66.29
N TYR M 118 59.74 -33.05 -67.06
CA TYR M 118 60.32 -32.84 -68.40
C TYR M 118 59.33 -32.17 -69.37
N PRO M 119 59.82 -31.27 -70.26
CA PRO M 119 61.20 -30.83 -70.42
C PRO M 119 61.57 -29.64 -69.54
N TYR M 120 60.58 -29.07 -68.87
CA TYR M 120 60.73 -27.80 -68.15
C TYR M 120 61.72 -27.88 -66.97
N VAL M 121 61.89 -29.09 -66.44
CA VAL M 121 62.80 -29.33 -65.33
C VAL M 121 64.27 -29.05 -65.70
N ALA M 122 64.56 -29.10 -67.00
CA ALA M 122 65.91 -28.84 -67.49
C ALA M 122 66.07 -27.45 -68.09
N MET M 123 64.97 -26.70 -68.19
CA MET M 123 65.00 -25.36 -68.77
C MET M 123 64.95 -24.28 -67.69
N GLY M 124 64.67 -24.69 -66.46
CA GLY M 124 64.50 -23.76 -65.36
C GLY M 124 63.08 -23.20 -65.25
N LYS M 125 62.15 -23.87 -65.92
CA LYS M 125 60.77 -23.45 -65.86
C LYS M 125 60.04 -24.16 -64.72
N LYS M 126 59.13 -23.44 -64.07
CA LYS M 126 58.31 -23.98 -62.98
C LYS M 126 56.85 -23.88 -63.38
N LYS M 127 55.98 -24.65 -62.73
CA LYS M 127 54.57 -24.56 -63.02
C LYS M 127 54.13 -23.11 -62.85
N ARG M 128 54.70 -22.42 -61.87
CA ARG M 128 54.28 -21.06 -61.56
C ARG M 128 54.51 -20.15 -62.76
N ASP M 129 55.58 -20.43 -63.50
CA ASP M 129 55.89 -19.63 -64.67
C ASP M 129 54.79 -19.77 -65.75
N ILE M 130 53.99 -20.82 -65.66
CA ILE M 130 53.06 -21.20 -66.73
C ILE M 130 51.60 -21.07 -66.37
N LEU M 131 51.27 -21.42 -65.12
CA LEU M 131 49.92 -21.34 -64.58
C LEU M 131 49.68 -20.09 -63.71
N ASN M 132 48.42 -19.67 -63.59
CA ASN M 132 48.08 -18.49 -62.82
C ASN M 132 46.66 -18.63 -62.29
N LYS M 133 46.54 -19.03 -61.01
CA LYS M 133 45.23 -19.33 -60.41
C LYS M 133 44.32 -18.14 -60.43
N GLN M 134 44.93 -16.97 -60.34
CA GLN M 134 44.21 -15.73 -60.34
C GLN M 134 43.46 -15.62 -61.66
N THR M 135 44.23 -15.56 -62.76
CA THR M 135 43.63 -15.39 -64.09
C THR M 135 43.08 -16.68 -64.72
N ARG M 136 43.55 -17.83 -64.25
CA ARG M 136 43.18 -19.10 -64.86
C ARG M 136 43.53 -19.09 -66.34
N ASP M 137 44.68 -18.50 -66.66
CA ASP M 137 45.13 -18.40 -68.04
C ASP M 137 45.54 -19.75 -68.61
N THR M 138 44.95 -20.09 -69.75
CA THR M 138 45.26 -21.32 -70.45
C THR M 138 46.12 -21.10 -71.70
N LYS M 139 46.30 -19.84 -72.07
CA LYS M 139 47.08 -19.48 -73.26
C LYS M 139 48.50 -20.06 -73.33
N GLU M 140 49.30 -19.85 -72.30
CA GLU M 140 50.70 -20.27 -72.37
C GLU M 140 50.89 -21.77 -72.25
N MET M 141 49.90 -22.47 -71.68
CA MET M 141 49.91 -23.93 -71.55
C MET M 141 49.56 -24.60 -72.89
N GLN M 142 48.55 -24.06 -73.57
CA GLN M 142 48.18 -24.47 -74.93
C GLN M 142 49.38 -24.33 -75.89
N LYS M 143 50.05 -23.20 -75.85
CA LYS M 143 51.27 -22.99 -76.62
C LYS M 143 52.36 -24.04 -76.29
N LEU M 144 52.44 -24.45 -75.04
CA LEU M 144 53.43 -25.46 -74.62
C LEU M 144 52.99 -26.87 -75.01
N LEU M 145 51.67 -27.10 -75.05
CA LEU M 145 51.12 -28.37 -75.56
C LEU M 145 51.40 -28.50 -77.06
N ASP M 146 51.23 -27.41 -77.79
CA ASP M 146 51.51 -27.37 -79.23
C ASP M 146 53.01 -27.59 -79.48
N THR M 147 53.84 -26.93 -78.68
CA THR M 147 55.28 -27.02 -78.87
C THR M 147 55.88 -28.41 -78.60
N TYR M 148 55.51 -28.99 -77.46
CA TYR M 148 56.20 -30.18 -76.95
C TYR M 148 55.34 -31.43 -76.96
N GLY M 149 54.03 -31.24 -77.07
CA GLY M 149 53.12 -32.37 -77.22
C GLY M 149 53.00 -33.21 -75.95
N ILE M 150 52.68 -34.48 -76.13
CA ILE M 150 52.50 -35.36 -74.99
C ILE M 150 53.32 -36.64 -75.15
N ASN M 151 53.05 -37.63 -74.31
CA ASN M 151 53.88 -38.82 -74.25
C ASN M 151 55.34 -38.53 -73.95
N LEU M 152 55.63 -37.58 -73.07
CA LEU M 152 57.01 -37.22 -72.71
C LEU M 152 57.54 -38.17 -71.66
N PRO M 153 58.87 -38.32 -71.54
CA PRO M 153 59.42 -39.24 -70.54
C PRO M 153 59.27 -38.70 -69.12
N LEU M 154 58.99 -39.59 -68.17
CA LEU M 154 58.88 -39.20 -66.78
C LEU M 154 60.27 -39.11 -66.18
N VAL M 155 60.47 -38.17 -65.28
CA VAL M 155 61.72 -38.09 -64.54
C VAL M 155 61.64 -38.86 -63.21
N THR M 156 62.52 -39.84 -63.07
CA THR M 156 62.56 -40.70 -61.89
C THR M 156 63.25 -40.03 -60.71
N TYR M 157 62.69 -40.26 -59.51
CA TYR M 157 63.21 -39.71 -58.26
C TYR M 157 63.08 -40.71 -57.11
N VAL M 158 64.05 -40.70 -56.21
CA VAL M 158 63.95 -41.49 -54.98
C VAL M 158 63.22 -40.67 -53.91
N LYS M 159 62.14 -41.24 -53.36
CA LYS M 159 61.33 -40.49 -52.43
C LYS M 159 62.04 -40.34 -51.09
N ASP M 160 62.24 -39.09 -50.71
CA ASP M 160 62.85 -38.72 -49.45
C ASP M 160 61.85 -38.98 -48.32
N GLU M 161 62.08 -40.04 -47.53
CA GLU M 161 61.11 -40.44 -46.51
C GLU M 161 61.61 -41.46 -45.49
N LEU M 162 60.95 -41.55 -44.35
CA LEU M 162 61.36 -42.50 -43.31
C LEU M 162 61.08 -43.92 -43.76
N ARG M 163 62.04 -44.79 -43.49
CA ARG M 163 62.01 -46.17 -43.93
C ARG M 163 62.57 -47.01 -42.79
N SER M 164 62.20 -48.29 -42.74
CA SER M 164 62.70 -49.16 -41.68
C SER M 164 64.23 -49.29 -41.72
N LYS M 165 64.79 -50.24 -40.97
CA LYS M 165 66.23 -50.49 -41.03
C LYS M 165 66.50 -51.52 -42.12
N THR M 166 65.61 -52.50 -42.21
CA THR M 166 65.74 -53.56 -43.19
C THR M 166 65.67 -53.01 -44.60
N LYS M 167 65.07 -51.82 -44.73
CA LYS M 167 64.86 -51.20 -46.04
C LYS M 167 65.90 -50.11 -46.33
N VAL M 168 66.74 -49.85 -45.34
CA VAL M 168 67.83 -48.90 -45.52
C VAL M 168 69.07 -49.66 -45.96
N GLU M 169 69.39 -50.71 -45.20
CA GLU M 169 70.51 -51.59 -45.53
C GLU M 169 70.31 -52.23 -46.90
N GLN M 170 69.08 -52.65 -47.20
CA GLN M 170 68.79 -53.27 -48.48
C GLN M 170 68.58 -52.27 -49.62
N GLY M 171 68.97 -51.02 -49.38
CA GLY M 171 68.82 -49.97 -50.38
C GLY M 171 67.45 -49.95 -51.06
N LYS M 172 66.43 -50.47 -50.36
CA LYS M 172 65.06 -50.46 -50.88
C LYS M 172 64.31 -49.14 -50.64
N SER M 173 64.87 -48.03 -51.10
CA SER M 173 64.10 -46.79 -51.19
C SER M 173 62.93 -46.94 -52.17
N ARG M 174 61.99 -45.99 -52.13
CA ARG M 174 60.85 -45.98 -53.06
C ARG M 174 61.11 -44.96 -54.17
N LEU M 175 60.76 -45.32 -55.41
CA LEU M 175 60.97 -44.42 -56.54
C LEU M 175 59.66 -43.81 -56.99
N ILE M 176 59.67 -42.52 -57.30
CA ILE M 176 58.51 -41.88 -57.91
C ILE M 176 58.84 -41.43 -59.34
N GLU M 177 57.81 -41.33 -60.16
CA GLU M 177 57.94 -40.92 -61.56
C GLU M 177 57.32 -39.55 -61.75
N ALA M 178 58.14 -38.54 -61.98
CA ALA M 178 57.63 -37.20 -62.14
C ALA M 178 57.04 -36.95 -63.54
N SER M 179 55.73 -37.15 -63.68
CA SER M 179 55.02 -36.83 -64.93
C SER M 179 55.26 -35.38 -65.39
N SER M 180 55.41 -35.22 -66.70
CA SER M 180 55.50 -33.91 -67.32
C SER M 180 54.20 -33.14 -67.20
N LEU M 181 54.30 -31.84 -67.04
CA LEU M 181 53.12 -30.99 -66.92
C LEU M 181 52.18 -31.25 -68.08
N ASN M 182 52.74 -31.43 -69.27
CA ASN M 182 51.92 -31.63 -70.46
C ASN M 182 51.05 -32.87 -70.30
N ASP M 183 51.65 -33.95 -69.79
CA ASP M 183 50.91 -35.19 -69.59
C ASP M 183 49.82 -35.09 -68.51
N SER M 184 50.13 -34.42 -67.40
CA SER M 184 49.12 -34.23 -66.38
C SER M 184 47.99 -33.41 -66.99
N VAL M 185 48.31 -32.42 -67.80
CA VAL M 185 47.21 -31.67 -68.41
C VAL M 185 46.39 -32.51 -69.41
N ALA M 186 47.08 -33.37 -70.16
CA ALA M 186 46.40 -34.19 -71.16
C ALA M 186 45.50 -35.20 -70.51
N MET M 187 45.99 -35.81 -69.44
CA MET M 187 45.27 -36.88 -68.72
C MET M 187 44.01 -36.40 -68.01
N ARG M 188 44.05 -35.16 -67.53
CA ARG M 188 42.93 -34.59 -66.80
C ARG M 188 41.85 -34.08 -67.76
N MET M 189 42.25 -33.66 -68.96
CA MET M 189 41.24 -33.35 -69.97
C MET M 189 40.57 -34.62 -70.41
N ALA M 190 41.31 -35.72 -70.45
CA ALA M 190 40.74 -36.99 -70.89
C ALA M 190 39.87 -37.61 -69.81
N PHE M 191 40.36 -37.58 -68.56
CA PHE M 191 39.80 -38.39 -67.47
C PHE M 191 39.25 -37.58 -66.29
N GLY M 192 39.50 -36.27 -66.32
CA GLY M 192 39.00 -35.36 -65.31
C GLY M 192 37.65 -35.70 -64.69
N ASN M 193 36.67 -36.02 -65.53
CA ASN M 193 35.35 -36.32 -64.99
C ASN M 193 35.27 -37.66 -64.27
N LEU M 194 36.03 -38.65 -64.74
CA LEU M 194 36.12 -39.92 -64.02
C LEU M 194 36.78 -39.71 -62.64
N TYR M 195 37.91 -39.00 -62.63
CA TYR M 195 38.57 -38.58 -61.38
C TYR M 195 37.62 -37.86 -60.42
N ALA M 196 36.95 -36.81 -60.87
CA ALA M 196 35.95 -36.15 -60.02
C ALA M 196 34.89 -37.12 -59.49
N ALA M 197 34.35 -37.97 -60.35
CA ALA M 197 33.30 -38.92 -59.94
C ALA M 197 33.76 -39.80 -58.79
N PHE M 198 34.93 -40.42 -58.94
CA PHE M 198 35.48 -41.22 -57.85
C PHE M 198 35.63 -40.42 -56.56
N HIS M 199 36.25 -39.25 -56.64
CA HIS M 199 36.46 -38.39 -55.48
C HIS M 199 35.16 -38.10 -54.73
N LYS M 200 34.08 -37.84 -55.45
CA LYS M 200 32.81 -37.51 -54.85
C LYS M 200 32.07 -38.71 -54.27
N ASN M 201 32.58 -39.91 -54.50
CA ASN M 201 31.83 -41.12 -54.17
C ASN M 201 32.70 -42.22 -53.60
N PRO M 202 33.45 -41.90 -52.54
CA PRO M 202 34.13 -43.00 -51.87
C PRO M 202 33.09 -43.96 -51.30
N GLY M 203 33.37 -45.25 -51.33
CA GLY M 203 32.42 -46.25 -50.92
C GLY M 203 32.65 -47.55 -51.68
N VAL M 204 31.59 -48.33 -51.82
CA VAL M 204 31.70 -49.70 -52.34
C VAL M 204 31.06 -49.87 -53.70
N ILE M 205 30.49 -48.78 -54.23
CA ILE M 205 30.02 -48.76 -55.61
C ILE M 205 31.21 -48.46 -56.53
N THR M 206 32.08 -47.55 -56.11
CA THR M 206 33.32 -47.30 -56.84
C THR M 206 34.46 -48.23 -56.38
N GLY M 207 34.26 -48.91 -55.26
CA GLY M 207 35.34 -49.69 -54.68
C GLY M 207 36.58 -48.90 -54.31
N SER M 208 36.39 -47.61 -54.03
CA SER M 208 37.50 -46.68 -53.75
C SER M 208 37.26 -45.87 -52.49
N ALA M 209 38.33 -45.68 -51.70
CA ALA M 209 38.29 -44.79 -50.53
C ALA M 209 38.94 -43.42 -50.78
N VAL M 210 39.57 -43.29 -51.95
CA VAL M 210 40.11 -42.01 -52.39
C VAL M 210 39.05 -40.93 -52.26
N GLY M 211 39.30 -39.96 -51.40
CA GLY M 211 38.39 -38.86 -51.18
C GLY M 211 37.62 -39.00 -49.89
N CYS M 212 37.96 -40.01 -49.08
CA CYS M 212 37.31 -40.19 -47.77
C CYS M 212 37.99 -39.39 -46.64
N ASP M 213 37.27 -39.23 -45.54
CA ASP M 213 37.78 -38.66 -44.31
C ASP M 213 37.67 -39.74 -43.24
N PRO M 214 38.80 -40.37 -42.87
CA PRO M 214 38.69 -41.49 -41.93
C PRO M 214 37.96 -41.18 -40.63
N ASP M 215 38.09 -39.97 -40.10
CA ASP M 215 37.37 -39.63 -38.89
C ASP M 215 35.87 -39.79 -39.08
N LEU M 216 35.40 -39.75 -40.33
CA LEU M 216 33.97 -39.92 -40.63
C LEU M 216 33.65 -41.19 -41.39
N PHE M 217 34.56 -41.60 -42.25
CA PHE M 217 34.33 -42.74 -43.13
C PHE M 217 34.32 -44.05 -42.36
N TRP M 218 35.09 -44.12 -41.28
CA TRP M 218 35.18 -45.36 -40.54
C TRP M 218 33.80 -45.81 -40.05
N SER M 219 32.93 -44.84 -39.75
CA SER M 219 31.62 -45.15 -39.20
C SER M 219 30.70 -45.74 -40.26
N LYS M 220 30.96 -45.40 -41.53
CA LYS M 220 30.24 -45.96 -42.67
C LYS M 220 30.73 -47.34 -43.06
N ILE M 221 32.02 -47.58 -42.99
CA ILE M 221 32.56 -48.83 -43.53
C ILE M 221 31.95 -50.12 -43.03
N PRO M 222 31.64 -50.22 -41.72
CA PRO M 222 31.05 -51.48 -41.24
C PRO M 222 29.63 -51.70 -41.76
N VAL M 223 28.82 -50.64 -41.73
CA VAL M 223 27.53 -50.63 -42.39
C VAL M 223 27.56 -51.08 -43.89
N LEU M 224 28.68 -50.87 -44.57
CA LEU M 224 28.75 -51.15 -46.01
C LEU M 224 29.24 -52.57 -46.33
N MET M 225 30.20 -53.06 -45.56
CA MET M 225 30.65 -54.44 -45.68
C MET M 225 29.52 -55.45 -45.43
N GLU M 226 29.71 -56.64 -45.96
CA GLU M 226 28.84 -57.76 -45.68
C GLU M 226 29.30 -58.43 -44.39
N GLU M 227 28.60 -59.50 -43.99
CA GLU M 227 28.85 -60.19 -42.72
C GLU M 227 30.29 -60.59 -42.42
N LYS M 228 31.02 -61.05 -43.44
CA LYS M 228 32.32 -61.63 -43.19
C LYS M 228 33.40 -60.80 -43.86
N LEU M 229 34.58 -60.73 -43.25
CA LEU M 229 35.66 -59.93 -43.83
C LEU M 229 36.83 -60.76 -44.35
N PHE M 230 37.63 -60.12 -45.19
CA PHE M 230 38.93 -60.63 -45.63
C PHE M 230 39.69 -59.45 -46.21
N ALA M 231 40.99 -59.59 -46.36
CA ALA M 231 41.75 -58.43 -46.73
C ALA M 231 43.23 -58.68 -46.81
N PHE M 232 43.92 -57.76 -47.48
CA PHE M 232 45.36 -57.81 -47.65
C PHE M 232 45.92 -56.57 -48.36
N ASP M 233 47.23 -56.57 -48.52
CA ASP M 233 47.97 -55.50 -49.17
C ASP M 233 48.80 -56.31 -50.17
N TYR M 234 49.49 -55.65 -51.09
CA TYR M 234 50.29 -56.35 -52.09
C TYR M 234 51.74 -56.03 -51.91
N THR M 235 52.60 -56.93 -52.36
CA THR M 235 54.02 -56.66 -52.34
C THR M 235 54.41 -56.12 -53.72
N GLY M 236 55.12 -54.98 -53.74
CA GLY M 236 55.56 -54.34 -54.97
C GLY M 236 54.45 -54.32 -56.02
N TYR M 237 53.42 -53.54 -55.73
CA TYR M 237 52.17 -53.64 -56.47
C TYR M 237 52.27 -53.10 -57.87
N ASP M 238 52.46 -51.79 -57.97
CA ASP M 238 52.37 -51.15 -59.27
C ASP M 238 53.14 -51.96 -60.33
N ALA M 239 54.29 -52.52 -59.93
CA ALA M 239 55.23 -53.18 -60.84
C ALA M 239 55.02 -54.68 -61.02
N SER M 240 54.10 -55.27 -60.28
CA SER M 240 53.67 -56.64 -60.52
C SER M 240 52.47 -56.62 -61.47
N LEU M 241 52.11 -55.41 -61.90
CA LEU M 241 51.04 -55.26 -62.88
C LEU M 241 51.57 -55.61 -64.27
N SER M 242 50.88 -56.58 -64.85
CA SER M 242 51.19 -57.07 -66.18
C SER M 242 50.19 -56.49 -67.16
N PRO M 243 50.63 -56.31 -68.40
CA PRO M 243 49.84 -55.73 -69.47
C PRO M 243 48.44 -56.29 -69.61
N ALA M 244 48.22 -57.51 -69.18
CA ALA M 244 46.87 -58.07 -69.22
C ALA M 244 45.88 -57.27 -68.36
N TRP M 245 46.33 -56.83 -67.18
CA TRP M 245 45.45 -56.09 -66.28
C TRP M 245 45.09 -54.71 -66.83
N PHE M 246 46.07 -54.06 -67.44
CA PHE M 246 45.85 -52.80 -68.15
C PHE M 246 44.85 -52.94 -69.29
N GLU M 247 44.90 -54.05 -70.01
CA GLU M 247 43.92 -54.29 -71.04
C GLU M 247 42.55 -54.48 -70.41
N ALA M 248 42.50 -55.15 -69.27
CA ALA M 248 41.25 -55.27 -68.53
C ALA M 248 40.73 -53.88 -68.20
N LEU M 249 41.63 -53.00 -67.76
CA LEU M 249 41.28 -51.63 -67.38
C LEU M 249 40.69 -50.85 -68.55
N LYS M 250 41.44 -50.75 -69.64
CA LYS M 250 40.89 -50.25 -70.90
C LYS M 250 39.47 -50.79 -71.19
N MET M 251 39.28 -52.10 -71.03
CA MET M 251 37.98 -52.71 -71.32
C MET M 251 36.88 -52.17 -70.40
N VAL M 252 37.26 -51.75 -69.21
CA VAL M 252 36.30 -51.13 -68.30
C VAL M 252 36.02 -49.71 -68.78
N LEU M 253 37.08 -48.99 -69.11
CA LEU M 253 36.94 -47.61 -69.55
C LEU M 253 36.00 -47.51 -70.75
N GLU M 254 36.14 -48.46 -71.67
CA GLU M 254 35.28 -48.47 -72.84
C GLU M 254 33.80 -48.71 -72.48
N LYS M 255 33.54 -49.67 -71.61
CA LYS M 255 32.15 -49.95 -71.20
C LYS M 255 31.45 -48.79 -70.52
N ILE M 256 32.20 -47.90 -69.87
CA ILE M 256 31.60 -46.76 -69.15
C ILE M 256 31.60 -45.44 -69.91
N GLY M 257 32.20 -45.41 -71.08
CA GLY M 257 32.04 -44.27 -71.94
C GLY M 257 33.33 -43.62 -72.40
N PHE M 258 34.45 -44.19 -72.00
CA PHE M 258 35.76 -43.54 -72.17
C PHE M 258 36.59 -44.05 -73.33
N GLY M 259 35.97 -44.84 -74.20
CA GLY M 259 36.66 -45.55 -75.27
C GLY M 259 37.63 -44.73 -76.10
N ASP M 260 37.19 -43.56 -76.56
CA ASP M 260 38.06 -42.74 -77.39
C ASP M 260 39.41 -42.42 -76.75
N ARG M 261 39.48 -42.42 -75.41
CA ARG M 261 40.77 -42.10 -74.80
C ARG M 261 41.50 -43.27 -74.14
N VAL M 262 40.98 -44.50 -74.27
CA VAL M 262 41.70 -45.65 -73.71
C VAL M 262 43.14 -45.84 -74.24
N ASP M 263 43.46 -45.17 -75.32
CA ASP M 263 44.81 -45.30 -75.84
C ASP M 263 45.79 -44.66 -74.88
N TYR M 264 45.32 -43.69 -74.10
CA TYR M 264 46.15 -43.00 -73.11
C TYR M 264 46.76 -43.95 -72.11
N ILE M 265 46.05 -45.05 -71.86
CA ILE M 265 46.53 -46.09 -70.99
C ILE M 265 47.60 -46.92 -71.66
N ASP M 266 47.49 -47.12 -72.97
CA ASP M 266 48.56 -47.81 -73.67
C ASP M 266 49.86 -47.05 -73.47
N TYR M 267 49.79 -45.75 -73.25
CA TYR M 267 51.00 -44.97 -72.96
C TYR M 267 51.46 -45.13 -71.52
N LEU M 268 50.57 -45.62 -70.65
CA LEU M 268 50.96 -46.02 -69.30
C LEU M 268 51.70 -47.38 -69.23
N ASN M 269 51.39 -48.31 -70.15
CA ASN M 269 52.15 -49.56 -70.26
C ASN M 269 53.54 -49.34 -70.81
N HIS M 270 53.69 -48.44 -71.77
CA HIS M 270 54.99 -48.22 -72.32
C HIS M 270 55.47 -46.83 -71.99
N SER M 271 56.24 -46.72 -70.91
CA SER M 271 56.81 -45.43 -70.56
C SER M 271 58.34 -45.42 -70.58
N HIS M 272 58.88 -44.25 -70.86
CA HIS M 272 60.30 -44.03 -70.76
C HIS M 272 60.54 -43.14 -69.58
N HIS M 273 61.65 -43.37 -68.89
CA HIS M 273 61.94 -42.63 -67.69
C HIS M 273 63.35 -42.10 -67.76
N LEU M 274 63.56 -40.87 -67.30
CA LEU M 274 64.92 -40.36 -67.12
C LEU M 274 65.38 -40.65 -65.68
N TYR M 275 66.69 -40.78 -65.48
CA TYR M 275 67.26 -41.02 -64.15
C TYR M 275 68.72 -40.56 -64.12
N LYS M 276 68.93 -39.31 -63.73
CA LYS M 276 70.28 -38.79 -63.62
C LYS M 276 70.84 -38.63 -65.02
N ASN M 277 71.71 -39.55 -65.42
CA ASN M 277 72.35 -39.53 -66.73
C ASN M 277 71.83 -40.63 -67.67
N LYS M 278 71.03 -41.53 -67.12
CA LYS M 278 70.50 -42.64 -67.89
C LYS M 278 69.11 -42.34 -68.44
N THR M 279 68.60 -43.24 -69.28
CA THR M 279 67.29 -43.09 -69.93
C THR M 279 66.82 -44.49 -70.24
N TYR M 280 65.67 -44.90 -69.71
CA TYR M 280 65.25 -46.29 -69.83
C TYR M 280 63.80 -46.42 -70.21
N CYS M 281 63.43 -47.61 -70.72
CA CYS M 281 62.05 -47.90 -71.13
C CYS M 281 61.52 -49.06 -70.34
N VAL M 282 60.21 -49.05 -70.13
CA VAL M 282 59.51 -50.02 -69.31
C VAL M 282 58.25 -50.41 -70.07
N LYS M 283 57.82 -51.65 -69.93
CA LYS M 283 56.53 -52.07 -70.48
C LYS M 283 55.77 -52.82 -69.39
N GLY M 284 54.48 -52.49 -69.23
CA GLY M 284 53.72 -52.89 -68.06
C GLY M 284 54.01 -51.96 -66.88
N GLY M 285 53.39 -52.25 -65.74
CA GLY M 285 53.58 -51.42 -64.56
C GLY M 285 52.83 -50.09 -64.56
N MET M 286 52.46 -49.64 -63.38
CA MET M 286 51.84 -48.33 -63.23
C MET M 286 52.95 -47.33 -62.97
N PRO M 287 53.12 -46.35 -63.87
CA PRO M 287 54.16 -45.33 -63.64
C PRO M 287 53.72 -44.38 -62.51
N SER M 288 53.91 -44.78 -61.26
CA SER M 288 53.42 -43.99 -60.12
C SER M 288 53.98 -42.59 -60.07
N GLY M 289 53.11 -41.60 -60.29
CA GLY M 289 53.55 -40.22 -60.42
C GLY M 289 52.83 -39.63 -61.61
N CYS M 290 52.33 -40.50 -62.47
CA CYS M 290 51.55 -40.07 -63.62
C CYS M 290 50.18 -39.69 -63.05
N SER M 291 49.31 -39.10 -63.85
CA SER M 291 47.99 -38.72 -63.36
C SER M 291 47.09 -39.94 -63.26
N GLY M 292 46.14 -39.92 -62.33
CA GLY M 292 45.26 -41.06 -62.15
C GLY M 292 45.91 -42.27 -61.50
N THR M 293 47.12 -42.12 -60.97
CA THR M 293 47.83 -43.19 -60.25
C THR M 293 46.89 -43.90 -59.26
N SER M 294 46.42 -43.15 -58.29
CA SER M 294 45.56 -43.69 -57.23
C SER M 294 44.30 -44.38 -57.77
N ILE M 295 43.62 -43.69 -58.67
CA ILE M 295 42.35 -44.15 -59.16
C ILE M 295 42.45 -45.37 -60.09
N PHE M 296 43.55 -45.46 -60.82
CA PHE M 296 43.78 -46.60 -61.70
C PHE M 296 44.22 -47.84 -60.93
N ASN M 297 45.14 -47.70 -60.00
CA ASN M 297 45.45 -48.78 -59.07
C ASN M 297 44.21 -49.32 -58.32
N SER M 298 43.34 -48.43 -57.85
CA SER M 298 42.14 -48.85 -57.15
C SER M 298 41.17 -49.61 -58.04
N MET M 299 40.97 -49.14 -59.26
CA MET M 299 40.09 -49.82 -60.18
C MET M 299 40.65 -51.21 -60.53
N ILE M 300 41.96 -51.29 -60.82
CA ILE M 300 42.57 -52.59 -61.08
C ILE M 300 42.40 -53.55 -59.89
N ASN M 301 42.59 -53.07 -58.66
CA ASN M 301 42.26 -53.89 -57.48
C ASN M 301 40.84 -54.46 -57.57
N ASN M 302 39.85 -53.59 -57.74
CA ASN M 302 38.46 -54.06 -57.92
C ASN M 302 38.30 -55.17 -58.94
N LEU M 303 39.20 -55.20 -59.91
CA LEU M 303 39.16 -56.27 -60.92
C LEU M 303 39.82 -57.52 -60.33
N ILE M 304 41.07 -57.37 -59.91
CA ILE M 304 41.83 -58.46 -59.32
C ILE M 304 40.99 -59.21 -58.28
N ILE M 305 40.48 -58.52 -57.28
CA ILE M 305 39.67 -59.21 -56.29
C ILE M 305 38.57 -60.01 -57.01
N ARG M 306 37.73 -59.32 -57.77
CA ARG M 306 36.65 -59.99 -58.49
C ARG M 306 37.19 -61.19 -59.28
N THR M 307 38.36 -61.02 -59.89
CA THR M 307 38.95 -62.03 -60.74
C THR M 307 39.28 -63.30 -59.97
N LEU M 308 39.93 -63.16 -58.81
CA LEU M 308 40.31 -64.32 -58.01
C LEU M 308 39.11 -65.00 -57.35
N LEU M 309 38.11 -64.21 -56.98
CA LEU M 309 36.91 -64.77 -56.39
C LEU M 309 36.14 -65.65 -57.36
N LEU M 310 36.35 -65.43 -58.66
CA LEU M 310 35.70 -66.22 -59.68
C LEU M 310 36.52 -67.46 -59.98
N LYS M 311 37.84 -67.31 -59.91
CA LYS M 311 38.75 -68.40 -60.16
C LYS M 311 38.86 -69.29 -58.95
N THR M 312 37.89 -69.19 -58.03
CA THR M 312 37.89 -70.03 -56.84
C THR M 312 36.50 -70.41 -56.39
N TYR M 313 35.63 -69.43 -56.22
CA TYR M 313 34.35 -69.68 -55.60
C TYR M 313 33.22 -69.85 -56.60
N LYS M 314 33.10 -71.09 -57.08
CA LYS M 314 32.05 -71.47 -58.01
C LYS M 314 30.74 -70.85 -57.59
N GLY M 315 30.03 -70.28 -58.55
CA GLY M 315 28.74 -69.65 -58.28
C GLY M 315 28.78 -68.69 -57.10
N ILE M 316 29.85 -67.90 -57.02
CA ILE M 316 29.91 -66.79 -56.08
C ILE M 316 29.15 -65.65 -56.74
N ASP M 317 28.34 -64.97 -55.94
CA ASP M 317 27.58 -63.86 -56.48
C ASP M 317 28.32 -62.57 -56.16
N LEU M 318 28.59 -61.76 -57.18
CA LEU M 318 29.41 -60.59 -56.96
C LEU M 318 28.62 -59.41 -56.47
N ASP M 319 27.29 -59.44 -56.61
CA ASP M 319 26.47 -58.40 -55.98
C ASP M 319 26.49 -58.52 -54.44
N HIS M 320 27.27 -59.46 -53.93
CA HIS M 320 27.45 -59.61 -52.48
C HIS M 320 28.90 -59.41 -52.08
N LEU M 321 29.80 -59.29 -53.05
CA LEU M 321 31.13 -58.84 -52.72
C LEU M 321 31.09 -57.33 -52.48
N LYS M 322 31.46 -56.92 -51.27
CA LYS M 322 31.50 -55.51 -50.92
C LYS M 322 32.90 -55.10 -50.48
N MET M 323 33.66 -54.44 -51.36
CA MET M 323 35.05 -54.05 -51.06
C MET M 323 35.33 -52.56 -51.24
N ILE M 324 36.43 -52.13 -50.60
CA ILE M 324 36.92 -50.75 -50.68
C ILE M 324 38.43 -50.76 -50.87
N ALA M 325 38.93 -49.98 -51.84
CA ALA M 325 40.36 -49.90 -52.12
C ALA M 325 40.92 -48.49 -52.05
N TYR M 326 42.23 -48.42 -51.80
CA TYR M 326 43.03 -47.21 -51.88
C TYR M 326 44.39 -47.61 -52.43
N GLY M 327 44.51 -47.69 -53.74
CA GLY M 327 45.70 -48.29 -54.30
C GLY M 327 45.64 -49.79 -54.11
N ASP M 328 46.75 -50.40 -53.71
CA ASP M 328 46.74 -51.83 -53.45
C ASP M 328 46.05 -52.19 -52.12
N ASP M 329 46.16 -51.28 -51.15
CA ASP M 329 45.39 -51.33 -49.91
C ASP M 329 43.93 -51.67 -50.17
N VAL M 330 43.41 -52.70 -49.52
CA VAL M 330 42.00 -53.08 -49.71
C VAL M 330 41.38 -53.73 -48.47
N ILE M 331 40.15 -53.34 -48.18
CA ILE M 331 39.35 -54.05 -47.20
C ILE M 331 38.11 -54.60 -47.94
N ALA M 332 37.95 -55.92 -47.88
CA ALA M 332 36.87 -56.58 -48.60
C ALA M 332 36.01 -57.45 -47.67
N SER M 333 34.77 -57.73 -48.10
CA SER M 333 33.86 -58.56 -47.32
C SER M 333 32.87 -59.34 -48.19
N TYR M 334 32.24 -60.35 -47.59
CA TYR M 334 31.24 -61.16 -48.28
C TYR M 334 30.29 -61.76 -47.25
N PRO M 335 29.05 -62.12 -47.65
CA PRO M 335 28.06 -62.66 -46.70
C PRO M 335 28.49 -64.00 -46.13
N HIS M 336 29.21 -64.77 -46.93
CA HIS M 336 29.76 -66.05 -46.48
C HIS M 336 31.25 -65.84 -46.33
N GLU M 337 31.91 -66.65 -45.52
CA GLU M 337 33.32 -66.44 -45.27
C GLU M 337 34.15 -66.99 -46.41
N VAL M 338 34.93 -66.11 -47.04
CA VAL M 338 35.91 -66.55 -48.03
C VAL M 338 37.30 -66.54 -47.38
N ASP M 339 38.16 -67.45 -47.82
CA ASP M 339 39.47 -67.59 -47.21
C ASP M 339 40.53 -66.92 -48.05
N ALA M 340 41.19 -65.93 -47.47
CA ALA M 340 42.18 -65.13 -48.19
C ALA M 340 43.45 -65.88 -48.58
N SER M 341 43.71 -67.02 -47.95
CA SER M 341 44.92 -67.77 -48.24
C SER M 341 44.90 -68.35 -49.67
N LEU M 342 43.74 -68.91 -50.04
CA LEU M 342 43.55 -69.50 -51.36
C LEU M 342 43.52 -68.43 -52.45
N LEU M 343 42.92 -67.28 -52.15
CA LEU M 343 42.88 -66.20 -53.13
C LEU M 343 44.31 -65.88 -53.48
N ALA M 344 45.19 -65.85 -52.48
CA ALA M 344 46.57 -65.51 -52.70
C ALA M 344 47.28 -66.60 -53.50
N GLN M 345 46.67 -67.78 -53.52
CA GLN M 345 47.16 -68.91 -54.31
C GLN M 345 46.89 -68.61 -55.78
N SER M 346 45.62 -68.59 -56.16
CA SER M 346 45.18 -68.17 -57.49
C SER M 346 45.90 -66.89 -57.91
N GLY M 347 46.38 -66.15 -56.92
CA GLY M 347 46.91 -64.82 -57.13
C GLY M 347 48.22 -64.76 -57.89
N LYS M 348 49.08 -65.76 -57.71
CA LYS M 348 50.37 -65.72 -58.40
C LYS M 348 50.28 -66.23 -59.85
N ASP M 349 49.14 -66.83 -60.19
CA ASP M 349 48.80 -67.19 -61.58
C ASP M 349 48.82 -65.92 -62.44
N TYR M 350 48.77 -64.77 -61.76
CA TYR M 350 48.62 -63.49 -62.42
C TYR M 350 49.77 -62.55 -62.08
N GLY M 351 50.76 -63.03 -61.34
CA GLY M 351 51.96 -62.26 -61.10
C GLY M 351 51.89 -61.38 -59.85
N LEU M 352 50.82 -61.58 -59.09
CA LEU M 352 50.58 -60.81 -57.88
C LEU M 352 51.04 -61.59 -56.67
N THR M 353 51.59 -60.87 -55.69
CA THR M 353 51.94 -61.46 -54.41
C THR M 353 51.25 -60.69 -53.28
N MET M 354 50.14 -61.26 -52.81
CA MET M 354 49.28 -60.62 -51.80
C MET M 354 49.68 -60.98 -50.36
N THR M 355 49.57 -60.00 -49.45
CA THR M 355 50.00 -60.17 -48.06
C THR M 355 48.81 -60.40 -47.13
N PRO M 356 48.99 -60.19 -45.80
CA PRO M 356 47.83 -60.18 -44.90
C PRO M 356 47.39 -58.78 -44.43
N ALA M 357 47.88 -57.72 -45.09
CA ALA M 357 47.52 -56.31 -44.82
C ALA M 357 48.24 -55.68 -43.62
N ASP M 358 49.03 -56.48 -42.90
CA ASP M 358 49.80 -56.01 -41.76
C ASP M 358 51.22 -56.47 -41.93
N LYS M 359 51.44 -57.26 -42.99
CA LYS M 359 52.67 -58.05 -43.14
C LYS M 359 52.71 -59.25 -42.17
N SER M 360 51.54 -59.64 -41.66
CA SER M 360 51.40 -60.68 -40.63
C SER M 360 52.01 -62.03 -41.02
N ALA M 361 52.18 -62.24 -42.33
CA ALA M 361 52.79 -63.45 -42.86
C ALA M 361 52.08 -64.74 -42.44
N THR M 362 50.87 -64.60 -41.92
CA THR M 362 50.01 -65.75 -41.65
C THR M 362 48.58 -65.32 -41.93
N PHE M 363 47.91 -65.98 -42.86
CA PHE M 363 46.56 -65.58 -43.20
C PHE M 363 45.64 -65.87 -42.04
N GLU M 364 45.51 -64.88 -41.17
CA GLU M 364 44.67 -64.96 -39.99
C GLU M 364 43.23 -64.66 -40.33
N THR M 365 42.30 -65.18 -39.53
CA THR M 365 40.91 -64.80 -39.68
C THR M 365 40.81 -63.30 -39.42
N VAL M 366 40.00 -62.61 -40.20
CA VAL M 366 39.88 -61.16 -40.09
C VAL M 366 38.56 -60.79 -39.42
N THR M 367 38.64 -59.93 -38.41
CA THR M 367 37.48 -59.46 -37.66
C THR M 367 37.60 -57.97 -37.42
N TRP M 368 36.50 -57.35 -36.98
CA TRP M 368 36.56 -55.93 -36.65
C TRP M 368 37.59 -55.57 -35.57
N GLU M 369 38.32 -56.56 -35.05
CA GLU M 369 39.35 -56.28 -34.06
C GLU M 369 40.71 -56.17 -34.72
N ASN M 370 41.07 -57.15 -35.54
CA ASN M 370 42.40 -57.14 -36.17
C ASN M 370 42.47 -56.44 -37.54
N VAL M 371 41.33 -56.24 -38.20
CA VAL M 371 41.34 -55.57 -39.51
C VAL M 371 41.91 -54.16 -39.45
N THR M 372 42.71 -53.84 -40.46
CA THR M 372 43.27 -52.50 -40.65
C THR M 372 43.08 -52.01 -42.09
N PHE M 373 42.80 -50.72 -42.24
CA PHE M 373 42.67 -50.12 -43.55
C PHE M 373 43.42 -48.78 -43.48
N LEU M 374 44.32 -48.51 -44.42
CA LEU M 374 45.09 -47.27 -44.34
C LEU M 374 45.86 -47.18 -43.00
N LYS M 375 46.31 -48.33 -42.51
CA LYS M 375 47.14 -48.42 -41.32
C LYS M 375 46.37 -48.25 -40.01
N ARG M 376 45.06 -48.09 -40.12
CA ARG M 376 44.22 -47.84 -38.95
C ARG M 376 43.29 -48.98 -38.52
N PHE M 377 43.02 -49.06 -37.21
CA PHE M 377 42.08 -50.02 -36.68
C PHE M 377 40.67 -49.44 -36.59
N PHE M 378 39.69 -50.32 -36.33
CA PHE M 378 38.30 -49.91 -36.09
C PHE M 378 37.89 -50.25 -34.66
N ARG M 379 37.21 -49.31 -34.00
CA ARG M 379 36.82 -49.44 -32.60
C ARG M 379 35.59 -48.58 -32.36
N ALA M 380 34.49 -49.18 -31.91
CA ALA M 380 33.35 -48.35 -31.63
C ALA M 380 33.70 -47.45 -30.44
N ASP M 381 33.00 -46.34 -30.33
CA ASP M 381 33.09 -45.48 -29.20
C ASP M 381 32.30 -46.07 -28.01
N GLU M 382 32.84 -46.01 -26.80
CA GLU M 382 32.18 -46.58 -25.61
C GLU M 382 30.85 -45.94 -25.21
N LYS M 383 30.72 -44.65 -25.46
CA LYS M 383 29.43 -44.00 -25.27
C LYS M 383 28.52 -44.29 -26.48
N TYR M 384 28.96 -43.83 -27.65
CA TYR M 384 28.17 -44.00 -28.87
C TYR M 384 28.77 -45.10 -29.74
N PRO M 385 28.28 -46.34 -29.60
CA PRO M 385 28.95 -47.53 -30.17
C PRO M 385 28.75 -47.64 -31.68
N PHE M 386 27.84 -46.85 -32.24
CA PHE M 386 27.71 -46.75 -33.68
C PHE M 386 28.68 -45.74 -34.32
N LEU M 387 29.54 -45.13 -33.51
CA LEU M 387 30.56 -44.24 -34.03
C LEU M 387 31.88 -44.95 -33.92
N ILE M 388 32.63 -44.97 -35.02
CA ILE M 388 33.82 -45.78 -35.09
C ILE M 388 35.07 -44.90 -35.18
N HIS M 389 35.95 -45.04 -34.22
CA HIS M 389 37.25 -44.46 -34.27
C HIS M 389 38.10 -45.16 -35.34
N PRO M 390 38.84 -44.38 -36.13
CA PRO M 390 40.00 -44.89 -36.88
C PRO M 390 41.16 -44.88 -35.92
N VAL M 391 41.70 -46.02 -35.52
CA VAL M 391 42.84 -45.92 -34.62
C VAL M 391 44.17 -46.30 -35.28
N MET M 392 44.98 -45.28 -35.51
CA MET M 392 46.38 -45.41 -35.92
C MET M 392 47.21 -45.75 -34.69
N PRO M 393 48.02 -46.80 -34.78
CA PRO M 393 48.88 -47.18 -33.66
C PRO M 393 49.85 -46.07 -33.23
N MET M 394 50.08 -45.94 -31.93
CA MET M 394 50.98 -44.91 -31.44
C MET M 394 52.39 -45.16 -31.92
N LYS M 395 52.73 -46.41 -32.22
CA LYS M 395 54.06 -46.69 -32.74
C LYS M 395 54.34 -45.86 -33.99
N GLU M 396 53.32 -45.75 -34.83
CA GLU M 396 53.43 -45.00 -36.06
C GLU M 396 53.63 -43.52 -35.75
N ILE M 397 52.81 -42.99 -34.85
CA ILE M 397 52.90 -41.59 -34.45
C ILE M 397 54.21 -41.28 -33.75
N HIS M 398 54.67 -42.21 -32.93
CA HIS M 398 55.98 -42.07 -32.29
C HIS M 398 57.06 -41.93 -33.36
N GLU M 399 57.04 -42.81 -34.35
CA GLU M 399 58.01 -42.77 -35.44
C GLU M 399 58.08 -41.42 -36.17
N SER M 400 56.93 -40.87 -36.52
CA SER M 400 56.84 -39.57 -37.15
C SER M 400 57.31 -38.36 -36.34
N ILE M 401 57.17 -38.40 -35.02
CA ILE M 401 57.48 -37.23 -34.22
C ILE M 401 58.98 -37.05 -34.04
N ARG M 402 59.72 -38.15 -34.13
CA ARG M 402 61.16 -38.18 -33.85
C ARG M 402 61.97 -37.51 -34.95
N TRP M 403 61.31 -37.16 -36.03
CA TRP M 403 61.98 -36.45 -37.09
C TRP M 403 61.29 -35.17 -37.53
N THR M 404 61.98 -34.42 -38.38
CA THR M 404 61.49 -33.16 -38.89
C THR M 404 62.28 -32.80 -40.15
N LYS M 405 61.63 -32.03 -41.03
CA LYS M 405 62.25 -31.50 -42.24
C LYS M 405 62.58 -30.02 -42.08
N ASP M 406 61.93 -29.38 -41.12
CA ASP M 406 62.08 -27.94 -40.89
C ASP M 406 61.46 -27.59 -39.54
N PRO M 407 62.31 -27.36 -38.53
CA PRO M 407 61.82 -27.08 -37.18
C PRO M 407 60.79 -25.94 -37.15
N ARG M 408 60.75 -25.09 -38.17
CA ARG M 408 59.69 -24.08 -38.26
C ARG M 408 58.34 -24.72 -38.03
N ASN M 409 58.18 -25.96 -38.48
CA ASN M 409 56.90 -26.66 -38.47
C ASN M 409 56.64 -27.57 -37.26
N THR M 410 57.28 -27.32 -36.12
CA THR M 410 57.13 -28.27 -35.01
C THR M 410 55.68 -28.28 -34.54
N GLN M 411 55.09 -27.10 -34.49
CA GLN M 411 53.77 -26.94 -33.91
C GLN M 411 52.73 -27.66 -34.77
N ASP M 412 52.75 -27.40 -36.06
CA ASP M 412 51.82 -28.00 -36.99
C ASP M 412 52.01 -29.50 -37.02
N HIS M 413 53.26 -29.94 -37.00
CA HIS M 413 53.57 -31.36 -37.10
C HIS M 413 52.97 -32.09 -35.93
N VAL M 414 53.51 -31.81 -34.75
CA VAL M 414 53.02 -32.40 -33.49
C VAL M 414 51.50 -32.29 -33.31
N ARG M 415 50.93 -31.12 -33.53
CA ARG M 415 49.48 -31.00 -33.42
C ARG M 415 48.74 -31.91 -34.41
N SER M 416 49.25 -32.03 -35.63
CA SER M 416 48.65 -32.96 -36.58
C SER M 416 48.66 -34.37 -36.01
N LEU M 417 49.73 -34.74 -35.31
CA LEU M 417 49.80 -36.08 -34.74
C LEU M 417 48.79 -36.26 -33.60
N CYS M 418 48.44 -35.16 -32.95
CA CYS M 418 47.42 -35.19 -31.91
C CYS M 418 46.02 -35.57 -32.43
N LEU M 419 45.65 -35.05 -33.59
CA LEU M 419 44.40 -35.41 -34.25
C LEU M 419 44.43 -36.85 -34.76
N LEU M 420 45.59 -37.50 -34.65
CA LEU M 420 45.72 -38.91 -35.02
C LEU M 420 45.70 -39.82 -33.79
N ALA M 421 46.30 -39.37 -32.70
CA ALA M 421 46.60 -40.22 -31.56
C ALA M 421 45.52 -40.32 -30.49
N TRP M 422 44.56 -39.41 -30.51
CA TRP M 422 43.57 -39.39 -29.44
C TRP M 422 42.53 -40.48 -29.64
N HIS M 423 42.44 -40.99 -30.86
CA HIS M 423 41.55 -42.12 -31.10
C HIS M 423 42.05 -43.32 -30.30
N ASN M 424 43.33 -43.29 -29.94
CA ASN M 424 43.89 -44.32 -29.08
C ASN M 424 43.32 -44.29 -27.67
N GLY M 425 42.64 -43.19 -27.30
CA GLY M 425 41.93 -43.13 -26.02
C GLY M 425 42.56 -42.23 -24.96
N GLU M 426 41.71 -41.46 -24.27
CA GLU M 426 42.14 -40.49 -23.26
C GLU M 426 43.35 -40.89 -22.39
N GLU M 427 43.36 -42.11 -21.89
CA GLU M 427 44.48 -42.54 -21.06
C GLU M 427 45.78 -42.54 -21.87
N GLU M 428 45.70 -42.99 -23.11
CA GLU M 428 46.89 -43.07 -23.95
C GLU M 428 47.26 -41.69 -24.47
N TYR M 429 46.26 -40.89 -24.77
CA TYR M 429 46.51 -39.58 -25.35
C TYR M 429 47.21 -38.67 -24.35
N ASN M 430 46.77 -38.73 -23.09
CA ASN M 430 47.36 -37.89 -22.06
C ASN M 430 48.79 -38.28 -21.77
N LYS M 431 49.11 -39.56 -21.87
CA LYS M 431 50.50 -40.01 -21.73
C LYS M 431 51.36 -39.36 -22.82
N PHE M 432 50.74 -39.13 -23.97
CA PHE M 432 51.41 -38.59 -25.13
C PHE M 432 51.68 -37.11 -24.88
N LEU M 433 50.67 -36.36 -24.42
CA LEU M 433 50.90 -34.94 -24.15
C LEU M 433 51.95 -34.73 -23.04
N ALA M 434 52.18 -35.77 -22.25
CA ALA M 434 53.08 -35.66 -21.10
C ALA M 434 54.50 -35.73 -21.60
N LYS M 435 54.80 -36.82 -22.31
CA LYS M 435 56.13 -36.99 -22.88
C LYS M 435 56.53 -35.85 -23.81
N ILE M 436 55.59 -35.37 -24.61
CA ILE M 436 55.84 -34.21 -25.45
C ILE M 436 56.20 -33.04 -24.56
N ARG M 437 55.46 -32.89 -23.48
CA ARG M 437 55.67 -31.76 -22.58
C ARG M 437 56.85 -31.99 -21.65
N SER M 438 57.48 -33.16 -21.75
CA SER M 438 58.69 -33.45 -20.99
C SER M 438 59.95 -32.73 -21.53
N VAL M 439 59.78 -31.84 -22.51
CA VAL M 439 60.90 -31.06 -23.06
C VAL M 439 60.52 -29.60 -23.25
N PRO M 440 61.51 -28.70 -23.10
CA PRO M 440 61.18 -27.27 -23.02
C PRO M 440 60.34 -26.85 -24.20
N ILE M 441 60.67 -27.40 -25.37
CA ILE M 441 59.96 -27.02 -26.60
C ILE M 441 58.55 -27.56 -26.60
N GLY M 442 58.38 -28.78 -26.07
CA GLY M 442 57.07 -29.40 -25.89
C GLY M 442 56.10 -28.50 -25.11
N ARG M 443 56.62 -27.62 -24.27
CA ARG M 443 55.76 -26.77 -23.46
C ARG M 443 55.48 -25.45 -24.13
N ALA M 444 55.91 -25.32 -25.37
CA ALA M 444 55.70 -24.07 -26.10
C ALA M 444 54.58 -24.24 -27.11
N LEU M 445 54.30 -25.50 -27.44
CA LEU M 445 53.28 -25.90 -28.40
C LEU M 445 51.88 -25.83 -27.80
N ASP M 446 50.92 -25.45 -28.64
CA ASP M 446 49.51 -25.40 -28.27
C ASP M 446 48.86 -26.69 -28.74
N LEU M 447 48.54 -27.55 -27.78
CA LEU M 447 47.97 -28.86 -28.06
C LEU M 447 46.54 -28.95 -27.56
N PRO M 448 45.70 -29.76 -28.22
CA PRO M 448 44.29 -29.76 -27.84
C PRO M 448 44.06 -30.79 -26.76
N GLU M 449 43.13 -30.48 -25.86
CA GLU M 449 42.80 -31.43 -24.82
C GLU M 449 41.88 -32.55 -25.36
N TYR M 450 42.08 -33.77 -24.86
CA TYR M 450 41.22 -34.90 -25.21
C TYR M 450 39.75 -34.53 -25.32
N SER M 451 39.23 -33.86 -24.29
CA SER M 451 37.83 -33.45 -24.29
C SER M 451 37.47 -32.60 -25.48
N THR M 452 38.42 -31.83 -26.02
CA THR M 452 38.11 -30.96 -27.16
C THR M 452 38.03 -31.76 -28.46
N LEU M 453 39.00 -32.65 -28.65
CA LEU M 453 39.05 -33.49 -29.83
C LEU M 453 37.80 -34.34 -29.88
N TYR M 454 37.46 -34.92 -28.72
CA TYR M 454 36.27 -35.75 -28.58
C TYR M 454 34.97 -34.98 -28.88
N ARG M 455 34.77 -33.87 -28.19
CA ARG M 455 33.61 -33.03 -28.41
C ARG M 455 33.51 -32.57 -29.86
N ARG M 456 34.66 -32.47 -30.51
CA ARG M 456 34.71 -32.06 -31.92
C ARG M 456 34.31 -33.21 -32.82
N TRP M 457 34.87 -34.38 -32.57
CA TRP M 457 34.47 -35.54 -33.30
C TRP M 457 32.98 -35.56 -33.34
N LEU M 458 32.38 -35.88 -32.22
CA LEU M 458 30.95 -35.98 -32.09
C LEU M 458 30.18 -34.96 -32.91
N ASP M 459 30.50 -33.70 -32.76
CA ASP M 459 29.79 -32.65 -33.48
C ASP M 459 29.89 -32.80 -34.99
N SER M 460 31.02 -33.32 -35.49
CA SER M 460 31.23 -33.45 -36.95
C SER M 460 30.27 -34.44 -37.64
N PHE M 461 29.52 -35.20 -36.84
CA PHE M 461 28.42 -36.03 -37.31
C PHE M 461 27.13 -35.22 -37.29
ZN ZN Q . -55.34 51.23 75.62
MN MN R . -54.60 50.38 50.49
MN MN S . -53.21 47.53 48.52
P1 POP T . -52.82 52.03 52.49
O1 POP T . -54.09 51.31 52.84
O2 POP T . -52.09 51.33 51.38
O3 POP T . -51.96 51.98 53.74
O POP T . -53.01 53.58 52.01
P2 POP T . -52.24 54.22 50.73
O4 POP T . -53.20 55.13 50.02
O5 POP T . -51.82 53.18 49.73
O6 POP T . -51.00 54.98 51.16
C1 IPA U . -46.77 29.40 42.42
C2 IPA U . -45.71 30.07 43.29
C3 IPA U . -45.88 29.71 44.78
O2 IPA U . -45.82 31.46 43.13
C1 IPA V . -74.42 36.92 39.82
C2 IPA V . -75.43 36.54 40.90
C3 IPA V . -75.19 37.44 42.12
O2 IPA V . -75.33 35.17 41.25
C1 IPA W . -44.77 38.37 23.92
C2 IPA W . -43.76 37.23 24.06
C3 IPA W . -43.10 36.86 22.72
O2 IPA W . -42.79 37.58 25.02
C1 IPA X . -43.50 24.23 27.28
C2 IPA X . -42.63 25.48 27.05
C3 IPA X . -42.91 26.61 28.05
O2 IPA X . -41.28 25.08 27.16
C1 IPA Y . -55.78 35.04 30.33
C2 IPA Y . -55.37 36.51 30.39
C3 IPA Y . -54.34 36.64 31.51
O2 IPA Y . -54.81 36.95 29.17
C1 GOL Z . -56.68 50.62 79.18
O1 GOL Z . -57.39 50.03 80.27
C2 GOL Z . -55.56 51.54 79.67
O2 GOL Z . -54.87 52.06 78.56
C3 GOL Z . -56.20 52.70 80.42
O3 GOL Z . -55.23 53.67 80.81
ZN ZN AA . 7.93 -14.05 5.18
MN MN BA . -0.13 -18.21 28.67
MN MN CA . -2.95 -16.29 30.36
C1 IPA DA . -17.77 -3.77 34.65
C2 IPA DA . -18.25 -4.85 33.70
C3 IPA DA . -17.14 -5.86 33.63
O2 IPA DA . -19.37 -5.50 34.25
C1 IPA EA . -18.26 -17.50 43.71
C2 IPA EA . -18.40 -18.54 44.80
C3 IPA EA . -17.90 -18.01 46.15
O2 IPA EA . -19.78 -18.88 44.95
C1 GOL FA . 8.93 -14.75 0.46
O1 GOL FA . 8.17 -15.85 0.93
C2 GOL FA . 8.74 -13.55 1.38
O2 GOL FA . 8.86 -13.97 2.74
C3 GOL FA . 9.82 -12.52 1.06
O3 GOL FA . 10.98 -13.19 0.61
P1 POP GA . 3.34 -17.87 29.16
O1 POP GA . 4.29 -16.68 29.29
O2 POP GA . 2.51 -18.04 30.42
O3 POP GA . 4.12 -19.15 28.89
O POP GA . 2.31 -17.75 27.91
P2 POP GA . 2.22 -16.68 26.71
O4 POP GA . 2.69 -15.31 27.13
O5 POP GA . 0.78 -16.76 26.27
O6 POP GA . 3.06 -17.06 25.50
ZN ZN HA . -2.94 17.45 -3.44
MN MN IA . -2.80 16.52 -28.89
MN MN JA . -1.05 13.31 -31.22
P1 POP KA . -0.91 18.62 -27.41
O1 POP KA . 0.17 19.66 -27.22
O2 POP KA . -2.19 19.09 -26.78
O3 POP KA . -0.49 17.30 -26.83
O POP KA . -1.15 18.52 -28.99
P2 POP KA . -0.90 19.85 -29.86
O4 POP KA . 0.30 20.58 -29.28
O5 POP KA . -2.13 20.72 -29.76
O6 POP KA . -0.60 19.43 -31.29
C1 GOL LA . 6.76 4.23 -32.47
O1 GOL LA . 7.24 3.09 -33.12
C2 GOL LA . 6.87 5.44 -33.41
O2 GOL LA . 6.95 6.62 -32.66
C3 GOL LA . 8.10 5.41 -34.31
O3 GOL LA . 8.16 6.77 -34.76
ZN ZN MA . 60.59 -47.61 -75.08
MN MN NA . 52.27 -52.53 -51.37
MN MN OA . 49.01 -50.27 -49.42
C1 IPA PA . 33.39 -39.49 -47.38
C2 IPA PA . 33.27 -39.45 -45.85
C3 IPA PA . 32.19 -40.44 -45.38
O2 IPA PA . 34.52 -39.78 -45.28
C1 IPA QA . 31.08 -69.21 -52.32
C2 IPA QA . 31.03 -68.46 -50.99
C3 IPA QA . 29.57 -68.13 -50.69
O2 IPA QA . 31.58 -69.23 -49.94
C1 GOL RA . 43.50 -40.15 -45.24
O1 GOL RA . 44.74 -40.77 -44.94
C2 GOL RA . 43.59 -39.92 -46.74
O2 GOL RA . 44.77 -40.59 -47.11
C3 GOL RA . 42.42 -40.52 -47.53
O3 GOL RA . 41.31 -39.65 -47.61
P1 POP SA . 55.60 -52.00 -50.38
O1 POP SA . 56.37 -53.20 -50.85
O2 POP SA . 56.55 -50.86 -50.04
O3 POP SA . 54.81 -52.40 -49.15
O POP SA . 54.48 -51.61 -51.49
P2 POP SA . 54.63 -50.73 -52.85
O4 POP SA . 54.74 -49.27 -52.47
O5 POP SA . 53.41 -50.94 -53.71
O6 POP SA . 55.87 -51.15 -53.62
#